data_3ZLJ
#
_entry.id   3ZLJ
#
_cell.length_a   110.288
_cell.length_b   91.152
_cell.length_c   112.855
_cell.angle_alpha   90.00
_cell.angle_beta   101.79
_cell.angle_gamma   90.00
#
_symmetry.space_group_name_H-M   'P 1 21 1'
#
loop_
_entity.id
_entity.type
_entity.pdbx_description
1 polymer 'DNA MISMATCH REPAIR PROTEIN MUTS'
2 polymer 'DNA MISMATCH REPAIR PROTEIN MUTS'
3 polymer "5'-D(*AP*GP*CP*TP*GP*CP*CP*AP*GP*GP*CP*AP*CP*CP *AP*GP*TP*GP*TP*CP*AP)-3'"
4 polymer "5'-D(*TP*GP*AP*CP*AP*CP*TP*GP*GP*TP*GP*CP*TP*TP *GP*GP*CP*AP*GP*CP*TP)-3'"
#
loop_
_entity_poly.entity_id
_entity_poly.type
_entity_poly.pdbx_seq_one_letter_code
_entity_poly.pdbx_strand_id
1 'polypeptide(L)'
;MSAIENFDAHTPMMQQYLRLKAQHPEILLFYRMGDFYELFYDDAKRASQLLDISLTKRGASAGEPIPMAGIPYHAVENYL
AKLVNQGESVAICEQIGDPATSKGPVERKVVRIVTPGTISDEALLQERQDNLLAAIWQDSKGFGYATLDISSGRFRLSEP
ADRETMAAELQRTNPAELLYAEDFAEMSLIEGRRGLRRRPLWEFEIDTARQQLNLQFGTRDLVGFGVENAPRGLCAAGCL
LQYAKDTQRTTLPHIRSITMEREQDSIIMDAATRRNLEITQNLAGGAENTLASVLDCTVTPMGSRMLKRWLHMPVRDTRV
LLERQQTIGALQDFTAGLQPVLRQVGDLERILARLALRTARPRDLARMRHAFQQLPELRAQLETVDSAPVQALREKMGEF
AELRDLLERAIIDTPPVLVRDGGVIASGYNEELDEWRALADGATDYLERLEVRERERTGLDTLKVGFNAVHGYYIQISRG
QSHLAPINYMRRQTLKNAERYIIPELKEYEDKVLTSKGKALALEKQLYEELFDLLLPHLEALQQSASALAELDVLVNLAE
RAYTLNYTCPTFIDKPGIRITEGRHPVVEQVLNEPFIANPLNLSPQRRMLIITGPNMGGKSTYMRQTALIALMAYIGSYV
PAQKVEIGPIDRIFTRVGAADDLASGRSTFMVEMTETANILHNATEYSLVLMDEIGRGTSTYDGLSLAWACAENLANKIK
ALTLFATHYFELTQLPEKMEGVANVHLDALEHGDTIAFMHSVQDGAASKSYGLAVAALAGVPKEVIKRARQKLRELESIS
;
A,B
2 'polypeptide(L)' PNAAATQVDGTQMSLLSVPEETSPAVEALENLDPRSLTPRQALEWIYRLKSLV C,D
3 'polydeoxyribonucleotide'
;(DA)(DG)(DC)(DT)(DG)(DC)(DC)(DA)(DG)(DG)(DC)(DA)(DC)(DC)(DA)(DG)(DT)(DG)(DT)(DC)
(DA)
;
E
4 'polydeoxyribonucleotide'
;(DT)(DG)(DA)(DC)(DA)(DC)(DT)(DG)(DG)(DT)(DG)(DC)(DT)(DT)(DG)(DG)(DC)(DA)(DG)(DC)
(DT)
;
F
#
loop_
_chem_comp.id
_chem_comp.type
_chem_comp.name
_chem_comp.formula
DA DNA linking 2'-DEOXYADENOSINE-5'-MONOPHOSPHATE 'C10 H14 N5 O6 P'
DC DNA linking 2'-DEOXYCYTIDINE-5'-MONOPHOSPHATE 'C9 H14 N3 O7 P'
DG DNA linking 2'-DEOXYGUANOSINE-5'-MONOPHOSPHATE 'C10 H14 N5 O7 P'
DT DNA linking THYMIDINE-5'-MONOPHOSPHATE 'C10 H15 N2 O8 P'
#
# COMPACT_ATOMS: atom_id res chain seq x y z
N SER A 2 41.63 10.58 12.94
CA SER A 2 40.96 9.28 13.26
C SER A 2 41.90 8.31 13.95
N ALA A 3 41.55 7.86 15.15
CA ALA A 3 42.44 6.99 15.94
C ALA A 3 42.44 5.56 15.42
N ILE A 4 43.55 4.86 15.66
CA ILE A 4 43.74 3.48 15.23
C ILE A 4 43.20 2.52 16.28
N GLU A 5 42.16 1.76 15.93
CA GLU A 5 41.54 0.80 16.84
C GLU A 5 42.47 -0.37 17.10
N ASN A 6 42.31 -0.98 18.29
CA ASN A 6 43.14 -2.09 18.71
C ASN A 6 42.40 -2.99 19.69
N PHE A 7 42.14 -4.23 19.26
CA PHE A 7 41.38 -5.21 20.05
C PHE A 7 41.88 -5.36 21.49
N ASP A 8 43.21 -5.30 21.69
CA ASP A 8 43.80 -5.41 23.02
C ASP A 8 43.51 -4.19 23.91
N ALA A 9 43.23 -3.05 23.29
CA ALA A 9 42.85 -1.83 24.00
C ALA A 9 41.39 -1.84 24.47
N HIS A 10 40.58 -2.69 23.86
CA HIS A 10 39.18 -2.78 24.23
C HIS A 10 38.99 -3.51 25.55
N THR A 11 37.94 -3.11 26.26
CA THR A 11 37.55 -3.74 27.52
C THR A 11 37.05 -5.17 27.25
N PRO A 12 37.36 -6.12 28.16
CA PRO A 12 36.93 -7.52 28.07
C PRO A 12 35.51 -7.75 27.53
N MET A 13 34.58 -6.90 27.94
CA MET A 13 33.21 -6.92 27.43
C MET A 13 33.17 -6.71 25.93
N MET A 14 33.83 -5.66 25.45
CA MET A 14 33.86 -5.35 24.02
C MET A 14 34.71 -6.35 23.26
N GLN A 15 35.78 -6.84 23.87
CA GLN A 15 36.54 -7.96 23.31
C GLN A 15 35.61 -9.16 23.07
N GLN A 16 34.84 -9.51 24.09
CA GLN A 16 33.84 -10.56 23.98
C GLN A 16 32.81 -10.23 22.91
N TYR A 17 32.28 -9.01 22.94
CA TYR A 17 31.26 -8.57 21.98
C TYR A 17 31.76 -8.61 20.54
N LEU A 18 32.89 -7.96 20.30
CA LEU A 18 33.43 -7.86 18.95
C LEU A 18 33.79 -9.22 18.35
N ARG A 19 34.30 -10.15 19.18
CA ARG A 19 34.54 -11.52 18.74
C ARG A 19 33.25 -12.18 18.29
N LEU A 20 32.16 -11.96 19.04
CA LEU A 20 30.86 -12.52 18.70
C LEU A 20 30.27 -11.79 17.52
N LYS A 21 30.33 -10.46 17.56
CA LYS A 21 29.83 -9.66 16.47
C LYS A 21 30.57 -9.99 15.17
N ALA A 22 31.87 -10.27 15.26
CA ALA A 22 32.67 -10.67 14.08
C ALA A 22 32.06 -11.87 13.37
N GLN A 23 31.42 -12.75 14.12
CA GLN A 23 30.72 -13.89 13.55
C GLN A 23 29.42 -13.51 12.84
N HIS A 24 28.91 -12.31 13.12
CA HIS A 24 27.69 -11.81 12.48
C HIS A 24 27.82 -10.35 12.06
N PRO A 25 28.67 -10.07 11.05
CA PRO A 25 28.95 -8.68 10.67
C PRO A 25 27.78 -7.99 10.00
N GLU A 26 27.14 -8.70 9.07
CA GLU A 26 26.11 -8.11 8.21
C GLU A 26 24.71 -8.03 8.85
N ILE A 27 24.51 -8.70 9.98
CA ILE A 27 23.21 -8.68 10.68
C ILE A 27 23.30 -8.20 12.13
N LEU A 28 22.16 -7.82 12.67
CA LEU A 28 22.09 -7.22 14.00
C LEU A 28 22.31 -8.26 15.09
N LEU A 29 23.03 -7.87 16.12
CA LEU A 29 23.34 -8.75 17.24
C LEU A 29 22.77 -8.18 18.53
N PHE A 30 21.91 -8.94 19.18
CA PHE A 30 21.40 -8.62 20.51
C PHE A 30 22.29 -9.25 21.57
N TYR A 31 23.32 -8.51 21.96
CA TYR A 31 24.21 -8.90 23.04
C TYR A 31 23.50 -8.73 24.38
N ARG A 32 23.26 -9.83 25.09
CA ARG A 32 22.56 -9.77 26.37
C ARG A 32 23.43 -9.24 27.51
N MET A 33 22.88 -8.25 28.22
CA MET A 33 23.53 -7.66 29.37
C MET A 33 22.51 -7.60 30.49
N GLY A 34 22.40 -8.68 31.26
CA GLY A 34 21.45 -8.75 32.36
C GLY A 34 20.04 -8.77 31.84
N ASP A 35 19.25 -7.76 32.24
CA ASP A 35 17.84 -7.68 31.84
C ASP A 35 17.61 -7.07 30.46
N PHE A 36 18.66 -6.54 29.86
CA PHE A 36 18.52 -5.88 28.57
C PHE A 36 19.28 -6.62 27.48
N TYR A 37 18.72 -6.61 26.27
CA TYR A 37 19.44 -7.01 25.07
C TYR A 37 20.01 -5.74 24.48
N GLU A 38 21.32 -5.58 24.52
CA GLU A 38 21.94 -4.37 24.02
C GLU A 38 22.53 -4.55 22.64
N LEU A 39 22.78 -3.43 21.98
CA LEU A 39 23.45 -3.38 20.68
C LEU A 39 24.48 -2.25 20.73
N PHE A 40 25.52 -2.33 19.90
CA PHE A 40 26.58 -1.34 19.94
C PHE A 40 27.00 -0.89 18.55
N TYR A 41 27.67 0.25 18.50
CA TYR A 41 28.17 0.84 17.25
C TYR A 41 27.06 1.06 16.20
N ASP A 42 27.25 0.54 15.00
CA ASP A 42 26.29 0.70 13.91
C ASP A 42 24.98 -0.04 14.23
N ASP A 43 25.10 -1.24 14.80
CA ASP A 43 23.93 -1.99 15.25
C ASP A 43 23.01 -1.09 16.06
N ALA A 44 23.59 -0.40 17.04
CA ALA A 44 22.83 0.55 17.86
C ALA A 44 22.20 1.66 17.03
N LYS A 45 23.00 2.23 16.13
CA LYS A 45 22.51 3.30 15.28
C LYS A 45 21.37 2.81 14.39
N ARG A 46 21.56 1.66 13.75
CA ARG A 46 20.55 1.10 12.84
C ARG A 46 19.31 0.64 13.61
N ALA A 47 19.52 0.09 14.81
CA ALA A 47 18.41 -0.36 15.67
C ALA A 47 17.54 0.81 16.10
N SER A 48 18.18 1.88 16.57
CA SER A 48 17.46 3.06 17.04
C SER A 48 16.54 3.63 15.94
N GLN A 49 16.99 3.57 14.68
CA GLN A 49 16.19 4.03 13.54
C GLN A 49 15.04 3.07 13.26
N LEU A 50 15.37 1.79 13.11
CA LEU A 50 14.37 0.77 12.77
C LEU A 50 13.35 0.53 13.88
N LEU A 51 13.83 0.41 15.12
CA LEU A 51 12.97 0.06 16.26
C LEU A 51 12.34 1.24 16.99
N ASP A 52 12.73 2.46 16.64
CA ASP A 52 12.25 3.66 17.34
C ASP A 52 12.55 3.57 18.85
N ILE A 53 13.82 3.26 19.17
CA ILE A 53 14.33 3.30 20.54
C ILE A 53 15.45 4.32 20.60
N SER A 54 15.82 4.71 21.82
CA SER A 54 16.78 5.78 21.98
C SER A 54 18.19 5.27 21.76
N LEU A 55 19.06 6.18 21.31
CA LEU A 55 20.45 5.88 21.06
C LEU A 55 21.28 6.65 22.06
N THR A 56 22.13 5.94 22.78
CA THR A 56 22.86 6.52 23.88
C THR A 56 24.32 6.18 23.67
N LYS A 57 25.12 6.31 24.73
CA LYS A 57 26.54 6.01 24.63
C LYS A 57 26.98 5.18 25.82
N ARG A 58 28.15 4.55 25.68
CA ARG A 58 28.81 3.92 26.80
C ARG A 58 30.23 4.44 26.97
N GLY A 59 30.61 4.76 28.20
CA GLY A 59 31.94 5.26 28.47
C GLY A 59 33.05 4.28 28.20
N ALA A 60 34.17 4.82 27.76
CA ALA A 60 35.43 4.11 27.72
C ALA A 60 36.49 5.17 28.08
N SER A 61 37.20 4.96 29.19
CA SER A 61 38.24 5.92 29.62
C SER A 61 39.38 6.00 28.61
N ALA A 62 39.70 4.86 27.99
CA ALA A 62 40.70 4.76 26.92
C ALA A 62 40.00 4.54 25.58
N GLY A 63 39.80 5.61 24.83
CA GLY A 63 39.09 5.57 23.55
C GLY A 63 37.85 6.45 23.58
N GLU A 64 37.08 6.39 22.51
CA GLU A 64 35.83 7.17 22.39
C GLU A 64 34.66 6.39 22.97
N PRO A 65 33.54 7.07 23.25
CA PRO A 65 32.40 6.36 23.81
C PRO A 65 31.72 5.48 22.78
N ILE A 66 31.10 4.41 23.25
CA ILE A 66 30.51 3.40 22.37
C ILE A 66 29.01 3.68 22.21
N PRO A 67 28.54 3.85 20.97
CA PRO A 67 27.10 3.92 20.73
C PRO A 67 26.39 2.70 21.32
N MET A 68 25.33 2.95 22.08
CA MET A 68 24.59 1.88 22.77
C MET A 68 23.10 2.05 22.50
N ALA A 69 22.40 0.94 22.58
CA ALA A 69 20.95 0.91 22.53
C ALA A 69 20.52 -0.44 23.04
N GLY A 70 19.33 -0.54 23.60
CA GLY A 70 18.85 -1.82 24.07
C GLY A 70 17.41 -1.85 24.52
N ILE A 71 16.94 -3.05 24.85
CA ILE A 71 15.55 -3.28 25.25
C ILE A 71 15.52 -4.34 26.33
N PRO A 72 14.50 -4.31 27.19
CA PRO A 72 14.37 -5.34 28.21
C PRO A 72 14.12 -6.71 27.60
N TYR A 73 14.80 -7.73 28.11
CA TYR A 73 14.65 -9.09 27.58
C TYR A 73 13.20 -9.50 27.45
N HIS A 74 12.39 -9.12 28.44
CA HIS A 74 11.00 -9.55 28.52
C HIS A 74 10.08 -8.96 27.46
N ALA A 75 10.59 -7.99 26.69
CA ALA A 75 9.82 -7.42 25.59
C ALA A 75 10.52 -7.64 24.25
N VAL A 76 11.36 -8.68 24.16
CA VAL A 76 12.15 -8.94 22.95
C VAL A 76 11.29 -9.34 21.75
N GLU A 77 10.26 -10.16 21.97
CA GLU A 77 9.42 -10.67 20.87
C GLU A 77 8.72 -9.53 20.13
N ASN A 78 8.40 -8.46 20.85
CA ASN A 78 7.77 -7.28 20.24
C ASN A 78 8.68 -6.61 19.22
N TYR A 79 9.98 -6.54 19.52
CA TYR A 79 10.96 -5.91 18.65
C TYR A 79 11.44 -6.84 17.53
N LEU A 80 11.58 -8.13 17.82
CA LEU A 80 11.89 -9.10 16.78
C LEU A 80 10.85 -9.03 15.69
N ALA A 81 9.59 -8.91 16.08
CA ALA A 81 8.48 -8.77 15.14
C ALA A 81 8.67 -7.54 14.25
N LYS A 82 9.08 -6.43 14.86
CA LYS A 82 9.34 -5.20 14.11
C LYS A 82 10.42 -5.42 13.05
N LEU A 83 11.52 -6.06 13.45
CA LEU A 83 12.67 -6.25 12.56
C LEU A 83 12.38 -7.27 11.47
N VAL A 84 11.67 -8.34 11.84
CA VAL A 84 11.33 -9.39 10.89
C VAL A 84 10.39 -8.91 9.78
N ASN A 85 9.40 -8.11 10.15
CA ASN A 85 8.51 -7.51 9.15
C ASN A 85 9.25 -6.59 8.19
N GLN A 86 10.33 -5.98 8.67
CA GLN A 86 11.22 -5.17 7.83
C GLN A 86 12.32 -6.00 7.14
N GLY A 87 12.23 -7.33 7.22
CA GLY A 87 13.16 -8.22 6.55
C GLY A 87 14.54 -8.29 7.20
N GLU A 88 14.64 -7.91 8.46
CA GLU A 88 15.92 -7.90 9.14
C GLU A 88 16.14 -9.19 9.93
N SER A 89 17.32 -9.77 9.77
CA SER A 89 17.75 -10.88 10.60
C SER A 89 18.33 -10.34 11.90
N VAL A 90 18.25 -11.12 12.96
CA VAL A 90 18.75 -10.72 14.26
C VAL A 90 19.39 -11.91 14.98
N ALA A 91 20.61 -11.73 15.47
CA ALA A 91 21.30 -12.77 16.23
C ALA A 91 21.04 -12.58 17.71
N ILE A 92 20.62 -13.64 18.39
CA ILE A 92 20.33 -13.57 19.82
C ILE A 92 21.48 -14.18 20.63
N CYS A 93 22.20 -13.31 21.33
CA CYS A 93 23.34 -13.72 22.13
C CYS A 93 22.95 -13.73 23.60
N GLU A 94 22.92 -14.92 24.20
CA GLU A 94 22.53 -15.08 25.60
C GLU A 94 23.73 -15.25 26.53
N GLN A 95 23.48 -15.09 27.83
CA GLN A 95 24.45 -15.35 28.88
C GLN A 95 24.43 -16.82 29.24
N ILE A 96 25.59 -17.46 29.18
CA ILE A 96 25.77 -18.81 29.67
C ILE A 96 26.75 -18.72 30.80
N GLY A 97 26.52 -19.44 31.89
CA GLY A 97 27.42 -19.35 33.02
C GLY A 97 26.99 -18.24 33.97
N ASP A 98 27.45 -18.36 35.22
CA ASP A 98 26.93 -17.53 36.28
C ASP A 98 27.93 -16.43 36.59
N PRO A 99 27.48 -15.18 36.61
CA PRO A 99 28.39 -14.09 36.94
C PRO A 99 29.05 -14.21 38.33
N ALA A 100 28.38 -14.86 39.27
CA ALA A 100 28.95 -15.09 40.61
C ALA A 100 30.23 -15.92 40.52
N THR A 101 30.19 -16.98 39.71
CA THR A 101 31.35 -17.84 39.50
C THR A 101 32.35 -17.26 38.51
N SER A 102 31.90 -16.41 37.58
CA SER A 102 32.75 -15.90 36.51
C SER A 102 33.65 -14.77 36.98
N LYS A 103 34.92 -14.86 36.59
CA LYS A 103 35.94 -13.90 37.00
C LYS A 103 35.86 -12.67 36.09
N GLY A 104 35.96 -12.90 34.78
CA GLY A 104 35.80 -11.84 33.81
C GLY A 104 34.33 -11.74 33.43
N PRO A 105 34.03 -11.10 32.29
CA PRO A 105 32.67 -11.12 31.77
C PRO A 105 32.13 -12.54 31.59
N VAL A 106 30.81 -12.67 31.64
CA VAL A 106 30.14 -13.98 31.56
C VAL A 106 30.20 -14.52 30.15
N GLU A 107 30.40 -15.83 30.03
CA GLU A 107 30.47 -16.50 28.72
C GLU A 107 29.19 -16.26 27.94
N ARG A 108 29.32 -16.04 26.65
CA ARG A 108 28.16 -15.61 25.84
C ARG A 108 28.14 -16.19 24.43
N LYS A 109 27.22 -17.11 24.20
CA LYS A 109 27.11 -17.77 22.90
C LYS A 109 25.88 -17.20 22.17
N VAL A 110 25.93 -17.10 20.83
CA VAL A 110 24.70 -16.90 20.06
C VAL A 110 23.92 -18.21 20.07
N VAL A 111 22.70 -18.18 20.59
CA VAL A 111 21.89 -19.40 20.76
C VAL A 111 20.91 -19.59 19.60
N ARG A 112 20.50 -18.48 18.98
CA ARG A 112 19.64 -18.57 17.80
C ARG A 112 19.71 -17.30 16.95
N ILE A 113 19.22 -17.42 15.72
CA ILE A 113 19.21 -16.30 14.76
C ILE A 113 17.81 -16.17 14.16
N VAL A 114 17.12 -15.09 14.51
CA VAL A 114 15.78 -14.82 14.01
C VAL A 114 15.90 -14.20 12.62
N THR A 115 15.27 -14.85 11.65
CA THR A 115 15.28 -14.44 10.25
C THR A 115 13.89 -14.71 9.66
N PRO A 116 13.44 -13.86 8.73
CA PRO A 116 12.06 -13.93 8.21
C PRO A 116 11.59 -15.33 7.79
N GLY A 117 12.48 -16.12 7.19
CA GLY A 117 12.12 -17.45 6.67
C GLY A 117 12.23 -18.59 7.67
N THR A 118 12.83 -18.34 8.84
CA THR A 118 13.07 -19.40 9.82
C THR A 118 12.28 -19.23 11.11
N ILE A 119 11.35 -18.27 11.14
CA ILE A 119 10.50 -18.05 12.33
C ILE A 119 9.46 -19.16 12.45
N SER A 120 9.24 -19.57 13.70
CA SER A 120 8.28 -20.59 14.04
C SER A 120 7.33 -20.15 15.16
N ASP A 121 7.39 -18.88 15.56
CA ASP A 121 6.57 -18.36 16.65
C ASP A 121 5.22 -17.88 16.14
N GLU A 122 4.16 -18.19 16.88
CA GLU A 122 2.79 -17.82 16.51
C GLU A 122 2.70 -16.31 16.31
N ALA A 123 3.29 -15.55 17.23
CA ALA A 123 3.21 -14.09 17.22
C ALA A 123 3.85 -13.43 16.01
N LEU A 124 4.86 -14.08 15.41
CA LEU A 124 5.53 -13.52 14.25
C LEU A 124 4.92 -14.03 12.93
N LEU A 125 4.30 -15.20 12.97
CA LEU A 125 3.79 -15.85 11.76
C LEU A 125 2.38 -15.39 11.39
N GLN A 126 1.98 -15.71 10.16
CA GLN A 126 0.65 -15.42 9.64
C GLN A 126 -0.20 -16.69 9.65
N GLU A 127 -1.30 -16.66 10.38
CA GLU A 127 -2.11 -17.87 10.64
C GLU A 127 -2.42 -18.71 9.40
N ARG A 128 -2.97 -18.09 8.35
CA ARG A 128 -3.43 -18.83 7.16
C ARG A 128 -2.51 -18.66 5.94
N GLN A 129 -1.26 -18.25 6.17
CA GLN A 129 -0.29 -18.00 5.10
C GLN A 129 1.00 -18.78 5.34
N ASP A 130 1.49 -19.49 4.34
CA ASP A 130 2.75 -20.19 4.45
C ASP A 130 3.90 -19.21 4.55
N ASN A 131 4.98 -19.64 5.22
CA ASN A 131 6.18 -18.83 5.34
C ASN A 131 7.39 -19.69 5.02
N LEU A 132 7.95 -19.48 3.84
CA LEU A 132 8.97 -20.37 3.30
C LEU A 132 10.35 -19.73 3.21
N LEU A 133 11.31 -20.39 3.85
CA LEU A 133 12.72 -20.21 3.53
C LEU A 133 12.99 -20.96 2.24
N ALA A 134 13.81 -20.39 1.37
CA ALA A 134 14.09 -20.98 0.07
C ALA A 134 15.48 -20.63 -0.40
N ALA A 135 16.04 -21.50 -1.24
CA ALA A 135 17.36 -21.31 -1.80
C ALA A 135 17.30 -21.49 -3.31
N ILE A 136 18.03 -20.65 -4.04
CA ILE A 136 18.00 -20.65 -5.50
C ILE A 136 19.41 -20.69 -6.06
N TRP A 137 19.62 -21.59 -7.02
CA TRP A 137 20.93 -21.92 -7.53
C TRP A 137 20.87 -21.86 -9.05
N GLN A 138 21.92 -21.35 -9.67
CA GLN A 138 22.01 -21.34 -11.12
C GLN A 138 23.28 -22.04 -11.59
N ASP A 139 23.16 -22.65 -12.75
CA ASP A 139 24.18 -23.55 -13.30
C ASP A 139 24.31 -23.22 -14.78
N SER A 140 25.37 -23.69 -15.40
CA SER A 140 25.49 -23.57 -16.85
C SER A 140 24.41 -24.39 -17.56
N LYS A 141 23.90 -25.43 -16.89
CA LYS A 141 22.88 -26.32 -17.45
C LYS A 141 21.47 -25.91 -17.08
N GLY A 142 21.32 -25.15 -16.01
CA GLY A 142 19.99 -24.73 -15.57
C GLY A 142 19.89 -24.22 -14.15
N PHE A 143 18.67 -24.22 -13.62
CA PHE A 143 18.39 -23.67 -12.30
C PHE A 143 18.16 -24.77 -11.28
N GLY A 144 18.36 -24.43 -10.01
CA GLY A 144 18.11 -25.34 -8.90
C GLY A 144 17.44 -24.62 -7.74
N TYR A 145 16.30 -25.14 -7.29
CA TYR A 145 15.47 -24.47 -6.28
C TYR A 145 15.11 -25.42 -5.14
N ALA A 146 14.92 -24.85 -3.95
CA ALA A 146 14.52 -25.62 -2.77
C ALA A 146 13.79 -24.70 -1.78
N THR A 147 12.76 -25.23 -1.13
CA THR A 147 11.99 -24.48 -0.15
C THR A 147 11.77 -25.31 1.11
N LEU A 148 11.56 -24.62 2.22
CA LEU A 148 11.35 -25.26 3.51
C LEU A 148 10.34 -24.47 4.34
N ASP A 149 9.27 -25.13 4.76
CA ASP A 149 8.39 -24.61 5.79
C ASP A 149 8.95 -25.14 7.11
N ILE A 150 9.70 -24.30 7.82
CA ILE A 150 10.37 -24.74 9.04
C ILE A 150 9.36 -25.03 10.17
N SER A 151 8.13 -24.55 10.01
CA SER A 151 7.06 -24.84 10.96
C SER A 151 6.32 -26.14 10.67
N SER A 152 6.56 -26.77 9.52
CA SER A 152 5.97 -28.08 9.22
C SER A 152 6.98 -29.12 8.81
N GLY A 153 8.20 -28.67 8.51
CA GLY A 153 9.27 -29.52 8.01
C GLY A 153 9.04 -29.98 6.60
N ARG A 154 8.22 -29.26 5.86
CA ARG A 154 7.87 -29.68 4.52
C ARG A 154 8.96 -29.18 3.63
N PHE A 155 9.81 -30.09 3.17
CA PHE A 155 11.04 -29.72 2.52
C PHE A 155 10.94 -30.21 1.09
N ARG A 156 11.06 -29.31 0.12
CA ARG A 156 10.93 -29.66 -1.30
C ARG A 156 12.10 -29.18 -2.11
N LEU A 157 12.15 -29.67 -3.35
CA LEU A 157 13.27 -29.45 -4.23
C LEU A 157 12.81 -29.51 -5.69
N SER A 158 13.41 -28.68 -6.53
CA SER A 158 13.13 -28.70 -7.97
C SER A 158 14.31 -28.20 -8.79
N GLU A 159 14.26 -28.42 -10.10
CA GLU A 159 15.34 -28.06 -11.01
C GLU A 159 14.82 -27.45 -12.30
N PRO A 160 14.25 -26.23 -12.24
CA PRO A 160 13.66 -25.59 -13.43
C PRO A 160 14.64 -25.50 -14.60
N ALA A 161 14.15 -25.78 -15.80
CA ALA A 161 15.00 -25.82 -17.00
C ALA A 161 15.34 -24.42 -17.49
N ASP A 162 14.35 -23.54 -17.48
CA ASP A 162 14.49 -22.16 -17.95
C ASP A 162 13.99 -21.15 -16.92
N ARG A 163 14.27 -19.88 -17.16
CA ARG A 163 13.90 -18.83 -16.23
C ARG A 163 12.39 -18.60 -16.18
N GLU A 164 11.69 -18.96 -17.27
CA GLU A 164 10.24 -18.89 -17.29
C GLU A 164 9.65 -19.81 -16.21
N THR A 165 10.13 -21.05 -16.16
CA THR A 165 9.74 -21.99 -15.10
C THR A 165 10.27 -21.57 -13.74
N MET A 166 11.47 -20.98 -13.69
CA MET A 166 12.04 -20.54 -12.42
C MET A 166 11.27 -19.36 -11.83
N ALA A 167 10.83 -18.45 -12.71
CA ALA A 167 10.00 -17.32 -12.29
C ALA A 167 8.66 -17.80 -11.72
N ALA A 168 8.07 -18.81 -12.35
CA ALA A 168 6.81 -19.39 -11.90
C ALA A 168 6.95 -20.02 -10.53
N GLU A 169 8.07 -20.70 -10.28
CA GLU A 169 8.37 -21.28 -8.97
C GLU A 169 8.36 -20.22 -7.87
N LEU A 170 9.07 -19.12 -8.11
CA LEU A 170 9.13 -18.01 -7.16
C LEU A 170 7.76 -17.39 -6.92
N GLN A 171 7.03 -17.11 -8.00
CA GLN A 171 5.64 -16.61 -7.95
C GLN A 171 4.77 -17.50 -7.08
N ARG A 172 4.79 -18.79 -7.41
CA ARG A 172 3.99 -19.80 -6.73
C ARG A 172 4.36 -19.92 -5.26
N THR A 173 5.62 -20.23 -4.99
CA THR A 173 6.11 -20.44 -3.63
C THR A 173 6.23 -19.15 -2.82
N ASN A 174 6.63 -18.05 -3.44
CA ASN A 174 6.65 -16.80 -2.74
C ASN A 174 7.35 -16.91 -1.36
N PRO A 175 8.66 -17.20 -1.38
CA PRO A 175 9.42 -17.33 -0.16
C PRO A 175 9.53 -16.01 0.58
N ALA A 176 9.56 -16.11 1.91
CA ALA A 176 9.72 -14.96 2.80
C ALA A 176 11.19 -14.56 2.93
N GLU A 177 12.09 -15.52 2.73
CA GLU A 177 13.51 -15.28 2.78
C GLU A 177 14.17 -16.16 1.72
N LEU A 178 14.89 -15.52 0.80
CA LEU A 178 15.46 -16.21 -0.35
C LEU A 178 16.98 -16.19 -0.30
N LEU A 179 17.58 -17.35 -0.08
CA LEU A 179 19.03 -17.51 -0.19
C LEU A 179 19.40 -17.63 -1.67
N TYR A 180 20.53 -17.06 -2.06
CA TYR A 180 21.01 -17.19 -3.44
C TYR A 180 22.53 -17.10 -3.51
N ALA A 181 23.09 -17.67 -4.58
CA ALA A 181 24.54 -17.74 -4.74
C ALA A 181 25.08 -16.42 -5.25
N GLU A 182 26.28 -16.07 -4.83
CA GLU A 182 26.94 -14.82 -5.26
C GLU A 182 27.05 -14.71 -6.79
N ASP A 183 27.14 -15.85 -7.48
CA ASP A 183 27.32 -15.86 -8.93
C ASP A 183 26.00 -16.02 -9.70
N PHE A 184 24.88 -15.67 -9.09
CA PHE A 184 23.61 -15.85 -9.76
C PHE A 184 23.55 -14.95 -11.00
N ALA A 185 23.30 -15.55 -12.16
CA ALA A 185 23.22 -14.81 -13.42
C ALA A 185 21.94 -13.99 -13.55
N GLU A 186 20.79 -14.61 -13.30
CA GLU A 186 19.54 -13.96 -13.58
C GLU A 186 19.06 -13.14 -12.40
N MET A 187 19.73 -12.05 -12.11
CA MET A 187 19.33 -11.19 -11.00
C MET A 187 17.93 -10.61 -11.20
N SER A 188 17.54 -10.36 -12.44
CA SER A 188 16.19 -9.89 -12.78
C SER A 188 15.09 -10.72 -12.10
N LEU A 189 15.28 -12.04 -12.02
CA LEU A 189 14.32 -12.92 -11.32
C LEU A 189 14.18 -12.57 -9.85
N ILE A 190 15.29 -12.17 -9.24
CA ILE A 190 15.41 -12.09 -7.80
C ILE A 190 15.42 -10.67 -7.25
N GLU A 191 16.10 -9.77 -7.95
CA GLU A 191 16.18 -8.37 -7.53
C GLU A 191 14.82 -7.83 -7.12
N GLY A 192 14.80 -7.02 -6.06
CA GLY A 192 13.57 -6.40 -5.60
C GLY A 192 12.61 -7.34 -4.90
N ARG A 193 13.14 -8.49 -4.46
CA ARG A 193 12.40 -9.43 -3.62
C ARG A 193 12.73 -9.18 -2.18
N ARG A 194 11.75 -9.43 -1.32
CA ARG A 194 11.95 -9.41 0.11
C ARG A 194 12.82 -10.59 0.56
N GLY A 195 13.55 -10.37 1.65
CA GLY A 195 14.32 -11.41 2.32
C GLY A 195 15.49 -11.95 1.54
N LEU A 196 16.08 -11.14 0.67
CA LEU A 196 17.23 -11.57 -0.12
C LEU A 196 18.41 -11.82 0.77
N ARG A 197 19.14 -12.90 0.49
CA ARG A 197 20.27 -13.31 1.28
C ARG A 197 21.34 -13.83 0.35
N ARG A 198 22.34 -13.00 0.10
CA ARG A 198 23.42 -13.34 -0.80
C ARG A 198 24.42 -14.22 -0.09
N ARG A 199 24.43 -15.50 -0.44
CA ARG A 199 25.28 -16.49 0.21
C ARG A 199 26.51 -16.77 -0.64
N PRO A 200 27.64 -17.15 0.01
CA PRO A 200 28.84 -17.52 -0.72
C PRO A 200 28.70 -18.85 -1.46
N LEU A 201 29.38 -18.95 -2.60
CA LEU A 201 29.22 -20.07 -3.52
C LEU A 201 29.58 -21.45 -2.94
N TRP A 202 30.39 -21.49 -1.87
CA TRP A 202 30.78 -22.76 -1.25
C TRP A 202 29.65 -23.47 -0.52
N GLU A 203 28.64 -22.73 -0.07
CA GLU A 203 27.49 -23.34 0.60
C GLU A 203 26.61 -24.16 -0.34
N PHE A 204 26.78 -23.97 -1.64
CA PHE A 204 26.06 -24.75 -2.64
C PHE A 204 26.92 -25.91 -3.18
N GLU A 205 27.82 -26.44 -2.34
CA GLU A 205 28.65 -27.59 -2.71
C GLU A 205 27.81 -28.87 -2.70
N ILE A 206 28.04 -29.73 -3.68
CA ILE A 206 27.17 -30.90 -3.90
C ILE A 206 27.53 -32.02 -2.91
N ASP A 207 28.82 -32.20 -2.64
CA ASP A 207 29.29 -33.28 -1.76
C ASP A 207 28.89 -33.01 -0.32
N THR A 208 28.91 -31.74 0.08
CA THR A 208 28.48 -31.32 1.42
C THR A 208 26.97 -31.43 1.52
N ALA A 209 26.28 -31.01 0.46
CA ALA A 209 24.83 -31.08 0.42
C ALA A 209 24.35 -32.51 0.63
N ARG A 210 24.92 -33.46 -0.13
CA ARG A 210 24.56 -34.87 -0.02
C ARG A 210 24.92 -35.43 1.37
N GLN A 211 26.09 -35.04 1.87
CA GLN A 211 26.50 -35.42 3.20
C GLN A 211 25.55 -34.90 4.25
N GLN A 212 25.30 -33.59 4.18
CA GLN A 212 24.52 -32.89 5.20
C GLN A 212 23.06 -33.33 5.20
N LEU A 213 22.53 -33.63 4.01
CA LEU A 213 21.15 -34.08 3.87
C LEU A 213 20.99 -35.50 4.37
N ASN A 214 21.94 -36.37 4.00
CA ASN A 214 21.94 -37.76 4.49
C ASN A 214 22.15 -37.85 6.00
N LEU A 215 22.88 -36.89 6.56
CA LEU A 215 23.05 -36.78 7.99
C LEU A 215 21.71 -36.47 8.64
N GLN A 216 21.08 -35.41 8.15
CA GLN A 216 19.80 -34.94 8.69
C GLN A 216 18.72 -36.01 8.64
N PHE A 217 18.61 -36.70 7.51
CA PHE A 217 17.56 -37.69 7.31
C PHE A 217 17.90 -39.07 7.86
N GLY A 218 19.13 -39.26 8.32
CA GLY A 218 19.56 -40.55 8.85
C GLY A 218 19.55 -41.64 7.80
N THR A 219 19.96 -41.29 6.59
CA THR A 219 20.09 -42.23 5.48
C THR A 219 21.54 -42.25 5.04
N ARG A 220 21.93 -43.26 4.27
CA ARG A 220 23.25 -43.31 3.67
C ARG A 220 23.24 -42.81 2.23
N ASP A 221 22.10 -42.98 1.55
CA ASP A 221 21.87 -42.37 0.23
C ASP A 221 20.46 -41.81 0.15
N LEU A 222 20.25 -40.88 -0.78
CA LEU A 222 18.96 -40.22 -0.93
C LEU A 222 18.12 -40.81 -2.07
N VAL A 223 18.43 -42.05 -2.46
CA VAL A 223 17.71 -42.72 -3.55
C VAL A 223 16.23 -42.89 -3.19
N GLY A 224 15.94 -43.15 -1.92
CA GLY A 224 14.58 -43.36 -1.44
C GLY A 224 13.69 -42.14 -1.53
N PHE A 225 14.27 -40.96 -1.31
CA PHE A 225 13.53 -39.70 -1.38
C PHE A 225 13.32 -39.22 -2.82
N GLY A 226 13.95 -39.92 -3.78
CA GLY A 226 13.79 -39.61 -5.20
C GLY A 226 14.40 -38.28 -5.60
N VAL A 227 15.48 -37.90 -4.93
CA VAL A 227 16.21 -36.66 -5.24
C VAL A 227 17.69 -36.92 -5.48
N GLU A 228 18.07 -38.18 -5.60
CA GLU A 228 19.47 -38.57 -5.72
C GLU A 228 20.10 -38.03 -6.99
N ASN A 229 19.32 -37.98 -8.06
CA ASN A 229 19.85 -37.49 -9.34
C ASN A 229 19.46 -36.05 -9.67
N ALA A 230 19.17 -35.26 -8.63
CA ALA A 230 19.00 -33.81 -8.76
C ALA A 230 20.12 -33.03 -8.06
N PRO A 231 21.28 -32.87 -8.72
CA PRO A 231 22.37 -32.19 -8.03
C PRO A 231 22.14 -30.69 -7.86
N ARG A 232 21.63 -30.02 -8.90
CA ARG A 232 21.27 -28.59 -8.82
C ARG A 232 20.33 -28.29 -7.66
N GLY A 233 19.33 -29.14 -7.50
CA GLY A 233 18.39 -29.04 -6.40
C GLY A 233 19.02 -29.31 -5.06
N LEU A 234 19.85 -30.36 -5.01
CA LEU A 234 20.57 -30.73 -3.79
C LEU A 234 21.50 -29.61 -3.32
N CYS A 235 22.18 -28.95 -4.27
CA CYS A 235 23.04 -27.80 -3.94
C CYS A 235 22.27 -26.70 -3.25
N ALA A 236 21.07 -26.41 -3.76
CA ALA A 236 20.17 -25.46 -3.14
C ALA A 236 19.64 -25.99 -1.81
N ALA A 237 19.27 -27.27 -1.79
CA ALA A 237 18.76 -27.89 -0.57
C ALA A 237 19.81 -27.91 0.55
N GLY A 238 21.06 -28.17 0.17
CA GLY A 238 22.15 -28.18 1.12
C GLY A 238 22.38 -26.81 1.72
N CYS A 239 22.55 -25.81 0.86
CA CYS A 239 22.71 -24.43 1.28
C CYS A 239 21.60 -24.00 2.25
N LEU A 240 20.39 -24.47 2.00
CA LEU A 240 19.22 -24.12 2.80
C LEU A 240 19.25 -24.80 4.16
N LEU A 241 19.54 -26.10 4.17
CA LEU A 241 19.56 -26.89 5.40
C LEU A 241 20.62 -26.37 6.37
N GLN A 242 21.79 -26.03 5.84
CA GLN A 242 22.87 -25.46 6.65
C GLN A 242 22.42 -24.15 7.29
N TYR A 243 21.75 -23.32 6.50
CA TYR A 243 21.21 -22.05 6.99
C TYR A 243 20.16 -22.26 8.06
N ALA A 244 19.20 -23.13 7.78
CA ALA A 244 18.15 -23.51 8.72
C ALA A 244 18.75 -23.91 10.06
N LYS A 245 19.72 -24.83 10.01
CA LYS A 245 20.42 -25.27 11.22
C LYS A 245 21.13 -24.12 11.93
N ASP A 246 21.86 -23.32 11.17
CA ASP A 246 22.66 -22.23 11.73
C ASP A 246 21.82 -21.16 12.45
N THR A 247 20.56 -21.01 12.05
CA THR A 247 19.66 -19.99 12.60
C THR A 247 18.94 -20.50 13.85
N GLN A 248 18.55 -21.77 13.82
CA GLN A 248 17.88 -22.40 14.96
C GLN A 248 18.91 -22.89 15.97
N ARG A 249 20.00 -23.48 15.48
CA ARG A 249 21.08 -24.02 16.30
C ARG A 249 20.59 -25.07 17.30
N THR A 250 19.53 -25.77 16.95
CA THR A 250 19.04 -26.91 17.70
C THR A 250 18.91 -27.98 16.68
N THR A 251 18.73 -29.22 17.10
CA THR A 251 18.37 -30.28 16.17
C THR A 251 16.99 -30.05 15.60
N LEU A 252 16.79 -30.40 14.34
CA LEU A 252 15.52 -30.16 13.71
C LEU A 252 14.88 -31.46 13.32
N PRO A 253 14.33 -32.18 14.31
CA PRO A 253 13.79 -33.52 14.12
C PRO A 253 12.61 -33.56 13.16
N HIS A 254 11.80 -32.49 13.16
CA HIS A 254 10.60 -32.41 12.32
C HIS A 254 10.88 -32.36 10.80
N ILE A 255 12.14 -32.18 10.42
CA ILE A 255 12.54 -32.25 9.01
C ILE A 255 13.01 -33.69 8.73
N ARG A 256 12.06 -34.53 8.34
CA ARG A 256 12.29 -35.98 8.19
C ARG A 256 12.61 -36.41 6.74
N SER A 257 12.07 -35.68 5.76
CA SER A 257 12.13 -36.11 4.37
C SER A 257 12.43 -34.96 3.41
N ILE A 258 12.48 -35.29 2.12
CA ILE A 258 12.57 -34.28 1.04
C ILE A 258 11.92 -34.87 -0.21
N THR A 259 11.41 -34.01 -1.10
CA THR A 259 10.64 -34.47 -2.25
C THR A 259 10.95 -33.67 -3.51
N MET A 260 11.15 -34.39 -4.60
CA MET A 260 11.28 -33.80 -5.91
C MET A 260 9.89 -33.50 -6.39
N GLU A 261 9.71 -32.22 -6.69
CA GLU A 261 8.55 -31.75 -7.41
C GLU A 261 9.00 -31.69 -8.86
N ARG A 262 8.69 -32.74 -9.61
CA ARG A 262 9.03 -32.77 -11.04
C ARG A 262 7.86 -32.27 -11.90
N GLU A 263 8.15 -31.35 -12.82
CA GLU A 263 7.13 -30.60 -13.58
C GLU A 263 6.04 -31.46 -14.21
N GLN A 264 6.39 -32.64 -14.68
CA GLN A 264 5.41 -33.50 -15.39
C GLN A 264 4.27 -33.99 -14.48
N ASP A 265 4.49 -33.94 -13.17
CA ASP A 265 3.51 -34.41 -12.19
C ASP A 265 2.38 -33.41 -11.87
N SER A 266 2.52 -32.17 -12.34
CA SER A 266 1.51 -31.15 -12.09
C SER A 266 1.23 -30.33 -13.35
N ILE A 267 0.12 -29.61 -13.33
CA ILE A 267 -0.24 -28.68 -14.41
C ILE A 267 0.64 -27.44 -14.28
N ILE A 268 1.49 -27.22 -15.27
CA ILE A 268 2.40 -26.10 -15.26
C ILE A 268 1.64 -24.80 -15.47
N MET A 269 1.94 -23.80 -14.63
CA MET A 269 1.35 -22.47 -14.78
C MET A 269 2.43 -21.40 -14.57
N ASP A 270 2.61 -20.56 -15.59
CA ASP A 270 3.54 -19.43 -15.51
C ASP A 270 3.01 -18.37 -14.55
N ALA A 271 3.90 -17.46 -14.16
CA ALA A 271 3.59 -16.43 -13.16
C ALA A 271 2.40 -15.57 -13.59
N ALA A 272 2.43 -15.11 -14.84
CA ALA A 272 1.33 -14.33 -15.41
C ALA A 272 0.00 -15.08 -15.34
N THR A 273 0.02 -16.36 -15.68
CA THR A 273 -1.19 -17.20 -15.66
C THR A 273 -1.74 -17.37 -14.24
N ARG A 274 -0.86 -17.44 -13.25
CA ARG A 274 -1.30 -17.52 -11.85
C ARG A 274 -1.97 -16.22 -11.42
N ARG A 275 -1.42 -15.09 -11.84
CA ARG A 275 -1.97 -13.78 -11.47
C ARG A 275 -3.24 -13.45 -12.23
N ASN A 276 -3.32 -13.90 -13.47
CA ASN A 276 -4.50 -13.67 -14.28
C ASN A 276 -5.69 -14.50 -13.84
N LEU A 277 -5.43 -15.66 -13.26
CA LEU A 277 -6.49 -16.52 -12.73
C LEU A 277 -6.82 -16.20 -11.27
N GLU A 278 -6.04 -15.31 -10.66
CA GLU A 278 -6.30 -14.83 -9.30
C GLU A 278 -6.65 -15.96 -8.34
N ILE A 279 -5.75 -16.93 -8.25
CA ILE A 279 -5.98 -18.16 -7.50
C ILE A 279 -6.01 -17.90 -5.99
N THR A 280 -4.99 -17.19 -5.49
CA THR A 280 -4.97 -16.75 -4.08
C THR A 280 -4.74 -15.24 -3.94
N GLN A 281 -4.60 -14.53 -5.05
CA GLN A 281 -4.19 -13.12 -5.05
C GLN A 281 -4.81 -12.36 -6.21
N ASN A 282 -5.63 -11.38 -5.91
CA ASN A 282 -6.24 -10.57 -6.97
C ASN A 282 -5.21 -9.67 -7.68
N LEU A 283 -5.62 -9.12 -8.82
CA LEU A 283 -4.76 -8.27 -9.64
C LEU A 283 -4.31 -6.99 -8.90
N ALA A 284 -5.12 -6.54 -7.94
CA ALA A 284 -4.76 -5.38 -7.14
C ALA A 284 -3.75 -5.71 -6.03
N GLY A 285 -3.64 -6.98 -5.66
CA GLY A 285 -2.65 -7.43 -4.67
C GLY A 285 -3.26 -8.17 -3.49
N GLY A 286 -4.50 -7.84 -3.16
CA GLY A 286 -5.17 -8.43 -2.00
C GLY A 286 -5.62 -9.84 -2.22
N ALA A 287 -6.38 -10.38 -1.26
CA ALA A 287 -6.85 -11.75 -1.30
C ALA A 287 -8.36 -11.85 -1.55
N GLU A 288 -9.07 -10.72 -1.58
CA GLU A 288 -10.50 -10.75 -1.85
C GLU A 288 -10.77 -11.05 -3.31
N ASN A 289 -11.94 -11.61 -3.60
CA ASN A 289 -12.35 -11.95 -4.96
C ASN A 289 -11.34 -12.83 -5.69
N THR A 290 -10.89 -13.86 -5.01
CA THR A 290 -10.01 -14.86 -5.59
C THR A 290 -10.68 -16.22 -5.55
N LEU A 291 -10.13 -17.17 -6.30
CA LEU A 291 -10.65 -18.52 -6.29
C LEU A 291 -10.59 -19.06 -4.87
N ALA A 292 -9.50 -18.81 -4.17
CA ALA A 292 -9.32 -19.25 -2.79
C ALA A 292 -10.34 -18.63 -1.86
N SER A 293 -10.65 -17.34 -2.08
CA SER A 293 -11.65 -16.66 -1.27
C SER A 293 -13.02 -17.33 -1.33
N VAL A 294 -13.31 -18.01 -2.44
CA VAL A 294 -14.57 -18.73 -2.60
C VAL A 294 -14.48 -20.16 -2.05
N LEU A 295 -13.38 -20.85 -2.34
CA LEU A 295 -13.26 -22.26 -1.98
C LEU A 295 -12.81 -22.48 -0.54
N ASP A 296 -12.06 -21.55 0.02
CA ASP A 296 -11.45 -21.77 1.30
C ASP A 296 -12.38 -21.41 2.44
N CYS A 297 -13.16 -22.38 2.90
CA CYS A 297 -13.95 -22.22 4.09
C CYS A 297 -13.52 -23.24 5.11
N THR A 298 -12.22 -23.50 5.13
CA THR A 298 -11.64 -24.48 6.03
C THR A 298 -11.71 -23.96 7.43
N VAL A 299 -11.70 -24.89 8.40
CA VAL A 299 -11.85 -24.54 9.82
C VAL A 299 -10.52 -24.47 10.61
N THR A 300 -9.46 -25.10 10.11
CA THR A 300 -8.13 -24.99 10.73
C THR A 300 -7.19 -24.19 9.85
N PRO A 301 -6.19 -23.50 10.44
CA PRO A 301 -5.23 -22.76 9.62
C PRO A 301 -4.42 -23.67 8.70
N MET A 302 -3.97 -24.81 9.23
CA MET A 302 -3.19 -25.74 8.44
C MET A 302 -3.98 -26.25 7.24
N GLY A 303 -5.29 -26.42 7.40
CA GLY A 303 -6.14 -26.79 6.28
C GLY A 303 -6.21 -25.68 5.23
N SER A 304 -6.42 -24.45 5.68
CA SER A 304 -6.40 -23.29 4.81
C SER A 304 -5.12 -23.23 3.99
N ARG A 305 -3.98 -23.35 4.68
CA ARG A 305 -2.69 -23.27 4.01
C ARG A 305 -2.47 -24.39 3.01
N MET A 306 -2.99 -25.57 3.32
CA MET A 306 -2.86 -26.74 2.44
C MET A 306 -3.68 -26.53 1.18
N LEU A 307 -4.93 -26.13 1.33
CA LEU A 307 -5.83 -25.91 0.18
C LEU A 307 -5.25 -24.89 -0.80
N LYS A 308 -4.61 -23.85 -0.28
CA LYS A 308 -3.97 -22.86 -1.12
C LYS A 308 -2.82 -23.49 -1.91
N ARG A 309 -2.04 -24.37 -1.27
CA ARG A 309 -0.98 -25.09 -1.96
C ARG A 309 -1.57 -25.98 -3.06
N TRP A 310 -2.67 -26.65 -2.75
CA TRP A 310 -3.35 -27.52 -3.71
C TRP A 310 -3.79 -26.74 -4.94
N LEU A 311 -4.38 -25.57 -4.74
CA LEU A 311 -4.87 -24.74 -5.86
C LEU A 311 -3.76 -24.33 -6.82
N HIS A 312 -2.57 -24.08 -6.27
CA HIS A 312 -1.44 -23.66 -7.08
C HIS A 312 -0.69 -24.84 -7.66
N MET A 313 -1.00 -26.05 -7.19
CA MET A 313 -0.36 -27.25 -7.71
C MET A 313 -1.40 -28.31 -8.07
N PRO A 314 -2.11 -28.08 -9.18
CA PRO A 314 -3.01 -29.11 -9.67
C PRO A 314 -2.21 -30.35 -10.03
N VAL A 315 -2.58 -31.49 -9.45
CA VAL A 315 -1.87 -32.75 -9.72
C VAL A 315 -2.41 -33.37 -11.00
N ARG A 316 -1.54 -34.09 -11.69
CA ARG A 316 -1.92 -34.82 -12.89
C ARG A 316 -2.17 -36.31 -12.61
N ASP A 317 -1.81 -36.80 -11.42
CA ASP A 317 -1.96 -38.21 -11.07
C ASP A 317 -3.42 -38.61 -10.87
N THR A 318 -3.99 -39.32 -11.85
CA THR A 318 -5.41 -39.71 -11.83
C THR A 318 -5.82 -40.43 -10.56
N ARG A 319 -4.95 -41.29 -10.03
CA ARG A 319 -5.26 -42.04 -8.79
C ARG A 319 -5.54 -41.09 -7.64
N VAL A 320 -4.70 -40.07 -7.50
CA VAL A 320 -4.92 -39.05 -6.46
C VAL A 320 -6.22 -38.28 -6.72
N LEU A 321 -6.42 -37.85 -7.96
CA LEU A 321 -7.61 -37.08 -8.32
C LEU A 321 -8.87 -37.88 -8.01
N LEU A 322 -8.95 -39.10 -8.52
CA LEU A 322 -10.12 -39.93 -8.30
C LEU A 322 -10.37 -40.19 -6.82
N GLU A 323 -9.29 -40.33 -6.05
CA GLU A 323 -9.45 -40.53 -4.61
C GLU A 323 -10.03 -39.31 -3.91
N ARG A 324 -9.67 -38.12 -4.38
CA ARG A 324 -10.22 -36.90 -3.81
C ARG A 324 -11.71 -36.78 -4.11
N GLN A 325 -12.08 -37.07 -5.35
CA GLN A 325 -13.47 -37.04 -5.77
C GLN A 325 -14.33 -38.00 -4.93
N GLN A 326 -13.80 -39.20 -4.67
CA GLN A 326 -14.48 -40.21 -3.83
C GLN A 326 -14.71 -39.67 -2.43
N THR A 327 -13.64 -39.17 -1.84
CA THR A 327 -13.68 -38.61 -0.51
C THR A 327 -14.67 -37.46 -0.40
N ILE A 328 -14.69 -36.62 -1.42
CA ILE A 328 -15.59 -35.48 -1.44
C ILE A 328 -17.04 -35.92 -1.45
N GLY A 329 -17.36 -36.87 -2.35
CA GLY A 329 -18.72 -37.43 -2.42
C GLY A 329 -19.14 -38.09 -1.13
N ALA A 330 -18.25 -38.89 -0.54
CA ALA A 330 -18.54 -39.63 0.68
C ALA A 330 -18.84 -38.72 1.86
N LEU A 331 -18.09 -37.63 1.98
CA LEU A 331 -18.14 -36.76 3.16
C LEU A 331 -19.25 -35.71 3.14
N GLN A 332 -20.03 -35.65 2.07
CA GLN A 332 -21.02 -34.58 1.90
C GLN A 332 -22.08 -34.51 3.00
N ASP A 333 -22.56 -35.67 3.44
CA ASP A 333 -23.55 -35.69 4.51
C ASP A 333 -22.96 -35.38 5.89
N PHE A 334 -21.65 -35.56 6.05
CA PHE A 334 -21.03 -35.44 7.37
C PHE A 334 -20.22 -34.14 7.56
N THR A 335 -20.41 -33.16 6.67
CA THR A 335 -19.68 -31.89 6.78
C THR A 335 -20.13 -31.08 8.00
N ALA A 336 -21.44 -30.99 8.22
CA ALA A 336 -21.96 -30.29 9.38
C ALA A 336 -21.43 -30.89 10.68
N GLY A 337 -21.28 -32.21 10.70
CA GLY A 337 -20.83 -32.91 11.89
C GLY A 337 -19.36 -32.79 12.19
N LEU A 338 -18.52 -32.93 11.16
CA LEU A 338 -17.07 -32.95 11.34
C LEU A 338 -16.49 -31.55 11.59
N GLN A 339 -16.93 -30.57 10.83
CA GLN A 339 -16.30 -29.23 10.84
C GLN A 339 -16.21 -28.54 12.21
N PRO A 340 -17.29 -28.55 12.99
CA PRO A 340 -17.23 -28.01 14.36
C PRO A 340 -16.17 -28.70 15.24
N VAL A 341 -16.00 -30.00 15.07
CA VAL A 341 -14.99 -30.77 15.82
C VAL A 341 -13.59 -30.49 15.31
N LEU A 342 -13.42 -30.52 13.98
CA LEU A 342 -12.14 -30.23 13.35
C LEU A 342 -11.60 -28.88 13.77
N ARG A 343 -12.50 -27.89 13.83
CA ARG A 343 -12.14 -26.54 14.26
C ARG A 343 -11.37 -26.55 15.56
N GLN A 344 -11.75 -27.42 16.49
CA GLN A 344 -11.11 -27.47 17.81
C GLN A 344 -9.71 -28.07 17.80
N VAL A 345 -9.34 -28.75 16.72
CA VAL A 345 -7.97 -29.24 16.58
C VAL A 345 -7.01 -28.08 16.35
N GLY A 346 -7.42 -27.10 15.55
CA GLY A 346 -6.61 -25.90 15.33
C GLY A 346 -5.36 -26.17 14.50
N ASP A 347 -4.35 -25.31 14.66
CA ASP A 347 -3.09 -25.42 13.91
C ASP A 347 -2.10 -26.33 14.64
N LEU A 348 -2.46 -27.60 14.73
CA LEU A 348 -1.60 -28.61 15.34
C LEU A 348 -0.26 -28.69 14.61
N GLU A 349 -0.30 -28.52 13.29
CA GLU A 349 0.92 -28.54 12.47
C GLU A 349 2.01 -27.63 13.02
N ARG A 350 1.68 -26.38 13.28
CA ARG A 350 2.69 -25.41 13.74
C ARG A 350 2.99 -25.55 15.23
N ILE A 351 2.07 -26.13 15.99
CA ILE A 351 2.31 -26.44 17.39
C ILE A 351 3.40 -27.48 17.51
N LEU A 352 3.36 -28.48 16.64
CA LEU A 352 4.37 -29.55 16.66
C LEU A 352 5.78 -29.08 16.30
N ALA A 353 5.89 -28.03 15.49
CA ALA A 353 7.20 -27.44 15.19
C ALA A 353 7.83 -26.86 16.43
N ARG A 354 7.04 -26.12 17.20
CA ARG A 354 7.52 -25.53 18.44
C ARG A 354 7.82 -26.61 19.48
N LEU A 355 7.17 -27.77 19.35
CA LEU A 355 7.51 -28.92 20.16
C LEU A 355 8.89 -29.43 19.72
N ALA A 356 9.04 -29.64 18.41
CA ALA A 356 10.28 -30.15 17.85
C ALA A 356 11.49 -29.25 18.10
N LEU A 357 11.25 -27.95 18.19
CA LEU A 357 12.33 -26.98 18.42
C LEU A 357 12.50 -26.68 19.90
N ARG A 358 11.69 -27.34 20.73
CA ARG A 358 11.70 -27.17 22.17
C ARG A 358 11.41 -25.72 22.59
N THR A 359 10.50 -25.07 21.85
CA THR A 359 10.07 -23.70 22.14
C THR A 359 8.57 -23.60 22.48
N ALA A 360 7.87 -24.74 22.53
CA ALA A 360 6.43 -24.75 22.77
C ALA A 360 6.09 -24.19 24.15
N ARG A 361 5.17 -23.24 24.18
CA ARG A 361 4.73 -22.58 25.40
C ARG A 361 3.49 -23.29 25.94
N PRO A 362 3.17 -23.10 27.24
CA PRO A 362 2.08 -23.83 27.88
C PRO A 362 0.80 -23.88 27.07
N ARG A 363 0.44 -22.76 26.45
CA ARG A 363 -0.77 -22.68 25.63
C ARG A 363 -0.69 -23.62 24.41
N ASP A 364 0.49 -23.76 23.83
CA ASP A 364 0.69 -24.70 22.72
C ASP A 364 0.29 -26.12 23.14
N LEU A 365 0.81 -26.56 24.29
CA LEU A 365 0.56 -27.92 24.80
C LEU A 365 -0.90 -28.11 25.23
N ALA A 366 -1.52 -27.04 25.71
CA ALA A 366 -2.93 -27.05 26.06
C ALA A 366 -3.77 -27.22 24.80
N ARG A 367 -3.43 -26.47 23.75
CA ARG A 367 -4.11 -26.59 22.45
C ARG A 367 -3.85 -27.94 21.79
N MET A 368 -2.67 -28.50 22.05
CA MET A 368 -2.31 -29.84 21.60
C MET A 368 -3.13 -30.90 22.35
N ARG A 369 -3.31 -30.67 23.65
CA ARG A 369 -4.16 -31.52 24.48
C ARG A 369 -5.62 -31.41 24.04
N HIS A 370 -6.06 -30.18 23.75
CA HIS A 370 -7.43 -29.95 23.28
C HIS A 370 -7.67 -30.63 21.94
N ALA A 371 -6.64 -30.66 21.09
CA ALA A 371 -6.72 -31.34 19.79
C ALA A 371 -6.86 -32.86 19.96
N PHE A 372 -6.10 -33.45 20.89
CA PHE A 372 -6.17 -34.89 21.15
C PHE A 372 -7.55 -35.34 21.62
N GLN A 373 -8.24 -34.43 22.32
CA GLN A 373 -9.57 -34.70 22.83
C GLN A 373 -10.62 -34.80 21.71
N GLN A 374 -10.36 -34.15 20.59
CA GLN A 374 -11.27 -34.21 19.44
C GLN A 374 -11.14 -35.50 18.64
N LEU A 375 -10.02 -36.20 18.82
CA LEU A 375 -9.68 -37.36 18.00
C LEU A 375 -10.65 -38.53 18.11
N PRO A 376 -10.99 -38.95 19.34
CA PRO A 376 -11.99 -40.03 19.45
C PRO A 376 -13.33 -39.67 18.80
N GLU A 377 -13.75 -38.42 18.95
CA GLU A 377 -14.98 -37.93 18.31
C GLU A 377 -14.91 -38.04 16.79
N LEU A 378 -13.80 -37.59 16.20
CA LEU A 378 -13.60 -37.64 14.75
C LEU A 378 -13.55 -39.07 14.24
N ARG A 379 -12.86 -39.94 14.98
CA ARG A 379 -12.76 -41.36 14.61
C ARG A 379 -14.12 -42.01 14.62
N ALA A 380 -14.96 -41.59 15.57
CA ALA A 380 -16.33 -42.12 15.68
C ALA A 380 -17.17 -41.71 14.48
N GLN A 381 -17.04 -40.45 14.06
CA GLN A 381 -17.78 -39.93 12.93
C GLN A 381 -17.32 -40.57 11.61
N LEU A 382 -16.01 -40.68 11.44
CA LEU A 382 -15.44 -41.18 10.18
C LEU A 382 -15.53 -42.69 9.98
N GLU A 383 -15.89 -43.44 11.02
CA GLU A 383 -15.95 -44.90 10.93
C GLU A 383 -17.05 -45.33 9.98
N THR A 384 -18.18 -44.62 10.04
CA THR A 384 -19.33 -44.93 9.21
C THR A 384 -19.16 -44.48 7.75
N VAL A 385 -18.21 -43.59 7.50
CA VAL A 385 -17.97 -43.08 6.14
C VAL A 385 -17.38 -44.15 5.23
N ASP A 386 -18.01 -44.36 4.08
CA ASP A 386 -17.63 -45.41 3.13
C ASP A 386 -16.59 -44.92 2.11
N SER A 387 -15.32 -44.92 2.50
CA SER A 387 -14.22 -44.58 1.57
C SER A 387 -12.89 -45.11 2.08
N ALA A 388 -12.12 -45.76 1.20
CA ALA A 388 -10.79 -46.24 1.55
C ALA A 388 -9.85 -45.08 1.85
N PRO A 389 -9.86 -44.03 1.01
CA PRO A 389 -9.17 -42.78 1.32
C PRO A 389 -9.49 -42.21 2.70
N VAL A 390 -10.78 -42.14 3.04
CA VAL A 390 -11.21 -41.56 4.32
C VAL A 390 -10.76 -42.45 5.48
N GLN A 391 -10.90 -43.76 5.33
CA GLN A 391 -10.48 -44.68 6.37
C GLN A 391 -8.97 -44.64 6.55
N ALA A 392 -8.23 -44.36 5.48
CA ALA A 392 -6.79 -44.20 5.55
C ALA A 392 -6.42 -42.99 6.38
N LEU A 393 -7.14 -41.88 6.16
CA LEU A 393 -6.96 -40.66 6.95
C LEU A 393 -7.34 -40.88 8.40
N ARG A 394 -8.43 -41.60 8.62
CA ARG A 394 -8.88 -41.96 9.97
C ARG A 394 -7.79 -42.69 10.72
N GLU A 395 -7.14 -43.63 10.04
CA GLU A 395 -6.01 -44.40 10.61
C GLU A 395 -4.84 -43.48 10.90
N LYS A 396 -4.42 -42.72 9.88
CA LYS A 396 -3.28 -41.81 9.96
C LYS A 396 -3.48 -40.74 11.03
N MET A 397 -4.74 -40.38 11.27
CA MET A 397 -5.10 -39.37 12.24
C MET A 397 -4.66 -39.71 13.66
N GLY A 398 -4.75 -40.97 14.06
CA GLY A 398 -4.22 -41.44 15.34
C GLY A 398 -5.14 -41.11 16.50
N GLU A 399 -4.75 -41.53 17.71
CA GLU A 399 -5.56 -41.22 18.89
C GLU A 399 -4.77 -40.67 20.07
N PHE A 400 -3.53 -41.11 20.25
CA PHE A 400 -2.65 -40.53 21.24
C PHE A 400 -3.29 -40.46 22.62
N ALA A 401 -3.90 -41.55 23.04
CA ALA A 401 -4.61 -41.60 24.31
C ALA A 401 -3.73 -41.26 25.52
N GLU A 402 -2.55 -41.87 25.58
CA GLU A 402 -1.61 -41.64 26.70
C GLU A 402 -1.17 -40.18 26.77
N LEU A 403 -0.87 -39.60 25.61
CA LEU A 403 -0.43 -38.22 25.55
C LEU A 403 -1.56 -37.28 25.95
N ARG A 404 -2.77 -37.56 25.47
CA ARG A 404 -3.95 -36.79 25.87
C ARG A 404 -4.06 -36.82 27.38
N ASP A 405 -4.00 -38.01 27.94
CA ASP A 405 -4.04 -38.18 29.39
C ASP A 405 -2.89 -37.46 30.08
N LEU A 406 -1.69 -37.60 29.54
CA LEU A 406 -0.50 -37.00 30.13
C LEU A 406 -0.69 -35.51 30.35
N LEU A 407 -1.11 -34.82 29.30
CA LEU A 407 -1.25 -33.37 29.34
C LEU A 407 -2.46 -32.91 30.17
N GLU A 408 -3.47 -33.75 30.27
CA GLU A 408 -4.61 -33.48 31.14
C GLU A 408 -4.14 -33.42 32.59
N ARG A 409 -3.29 -34.38 32.97
CA ARG A 409 -2.72 -34.42 34.31
C ARG A 409 -1.64 -33.37 34.53
N ALA A 410 -0.77 -33.20 33.55
CA ALA A 410 0.47 -32.42 33.73
C ALA A 410 0.27 -30.92 33.77
N ILE A 411 -0.70 -30.41 33.01
CA ILE A 411 -0.90 -28.96 32.85
C ILE A 411 -2.32 -28.56 33.25
N ILE A 412 -2.44 -27.39 33.86
CA ILE A 412 -3.74 -26.89 34.32
C ILE A 412 -4.68 -26.57 33.14
N ASP A 413 -5.94 -26.27 33.45
CA ASP A 413 -6.97 -26.02 32.43
C ASP A 413 -6.56 -24.93 31.45
N THR A 414 -6.46 -23.69 31.92
CA THR A 414 -6.00 -22.59 31.06
C THR A 414 -4.68 -22.04 31.59
N PRO A 415 -3.54 -22.58 31.09
CA PRO A 415 -2.23 -22.19 31.64
C PRO A 415 -1.85 -20.79 31.22
N PRO A 416 -0.80 -20.22 31.84
CA PRO A 416 -0.33 -18.89 31.43
C PRO A 416 0.32 -18.94 30.05
N VAL A 417 0.79 -17.80 29.56
CA VAL A 417 1.36 -17.71 28.21
C VAL A 417 2.78 -18.27 28.21
N LEU A 418 3.49 -18.10 29.34
CA LEU A 418 4.86 -18.58 29.50
C LEU A 418 5.00 -19.46 30.75
N VAL A 419 6.08 -20.23 30.80
CA VAL A 419 6.43 -21.03 31.97
C VAL A 419 7.25 -20.19 32.93
N ARG A 420 7.83 -19.12 32.41
CA ARG A 420 8.78 -18.27 33.14
C ARG A 420 8.38 -18.02 34.59
N ASP A 421 7.12 -17.63 34.79
CA ASP A 421 6.60 -17.25 36.10
C ASP A 421 5.92 -18.41 36.84
N GLY A 422 5.88 -19.58 36.20
CA GLY A 422 5.30 -20.77 36.81
C GLY A 422 3.79 -20.75 36.73
N GLY A 423 3.15 -21.66 37.48
CA GLY A 423 1.71 -21.80 37.47
C GLY A 423 1.20 -22.62 36.30
N VAL A 424 2.10 -23.26 35.57
CA VAL A 424 1.72 -24.06 34.40
C VAL A 424 1.28 -25.45 34.83
N ILE A 425 2.10 -26.10 35.66
CA ILE A 425 1.89 -27.49 36.05
C ILE A 425 0.71 -27.63 37.01
N ALA A 426 -0.13 -28.63 36.78
CA ALA A 426 -1.30 -28.87 37.62
C ALA A 426 -0.93 -29.68 38.85
N SER A 427 -1.69 -29.49 39.93
CA SER A 427 -1.42 -30.21 41.16
C SER A 427 -1.85 -31.65 40.97
N GLY A 428 -1.16 -32.55 41.66
CA GLY A 428 -1.41 -33.98 41.55
C GLY A 428 -0.49 -34.67 40.56
N TYR A 429 0.17 -33.90 39.71
CA TYR A 429 1.08 -34.44 38.71
C TYR A 429 2.40 -34.80 39.37
N ASN A 430 2.82 -33.97 40.31
CA ASN A 430 4.06 -34.18 41.03
C ASN A 430 3.90 -33.93 42.52
N GLU A 431 4.30 -34.90 43.33
CA GLU A 431 4.13 -34.83 44.78
C GLU A 431 5.10 -33.84 45.43
N GLU A 432 6.34 -33.80 44.95
CA GLU A 432 7.34 -32.84 45.45
C GLU A 432 6.84 -31.41 45.24
N LEU A 433 6.34 -31.12 44.03
CA LEU A 433 5.84 -29.79 43.67
C LEU A 433 4.67 -29.34 44.54
N ASP A 434 3.72 -30.24 44.76
CA ASP A 434 2.54 -29.95 45.59
C ASP A 434 2.92 -29.62 47.02
N GLU A 435 3.94 -30.30 47.54
CA GLU A 435 4.46 -30.04 48.87
C GLU A 435 5.05 -28.64 48.96
N TRP A 436 5.91 -28.29 48.00
CA TRP A 436 6.51 -26.96 47.96
C TRP A 436 5.46 -25.84 47.87
N ARG A 437 4.39 -26.10 47.11
CA ARG A 437 3.28 -25.14 46.99
C ARG A 437 2.47 -25.01 48.29
N ALA A 438 2.28 -26.14 48.99
CA ALA A 438 1.55 -26.15 50.24
C ALA A 438 2.33 -25.39 51.32
N LEU A 439 3.66 -25.50 51.27
CA LEU A 439 4.53 -24.76 52.19
C LEU A 439 4.40 -23.28 51.92
N ALA A 440 4.45 -22.89 50.64
CA ALA A 440 4.25 -21.50 50.25
C ALA A 440 2.90 -20.95 50.74
N ASP A 441 1.82 -21.71 50.48
CA ASP A 441 0.46 -21.34 50.96
C ASP A 441 0.32 -21.46 52.49
N GLY A 442 1.14 -22.31 53.10
CA GLY A 442 1.17 -22.45 54.56
C GLY A 442 1.69 -21.19 55.21
N ALA A 443 2.78 -20.66 54.65
CA ALA A 443 3.35 -19.39 55.13
C ALA A 443 2.47 -18.19 54.77
N THR A 444 1.76 -18.29 53.64
CA THR A 444 0.76 -17.30 53.25
C THR A 444 -0.32 -17.16 54.31
N ASP A 445 -0.87 -18.29 54.75
CA ASP A 445 -1.91 -18.31 55.80
C ASP A 445 -1.39 -17.72 57.10
N TYR A 446 -0.22 -18.20 57.53
CA TYR A 446 0.41 -17.76 58.78
C TYR A 446 0.55 -16.25 58.81
N LEU A 447 1.01 -15.69 57.70
CA LEU A 447 1.19 -14.24 57.58
C LEU A 447 -0.15 -13.47 57.61
N GLU A 448 -1.20 -14.06 57.07
CA GLU A 448 -2.53 -13.43 57.11
C GLU A 448 -3.06 -13.34 58.55
N ARG A 449 -2.91 -14.43 59.30
CA ARG A 449 -3.33 -14.44 60.70
C ARG A 449 -2.39 -13.62 61.59
N LEU A 450 -1.16 -13.40 61.11
CA LEU A 450 -0.21 -12.54 61.80
C LEU A 450 -0.67 -11.08 61.77
N GLU A 451 -1.32 -10.68 60.69
CA GLU A 451 -1.80 -9.31 60.54
C GLU A 451 -2.85 -8.96 61.59
N VAL A 452 -3.89 -9.78 61.67
CA VAL A 452 -4.97 -9.57 62.66
C VAL A 452 -4.48 -9.73 64.09
N ARG A 453 -3.49 -10.59 64.29
CA ARG A 453 -2.86 -10.78 65.59
C ARG A 453 -2.14 -9.50 66.05
N GLU A 454 -1.28 -8.97 65.19
CA GLU A 454 -0.46 -7.80 65.53
C GLU A 454 -1.25 -6.51 65.64
N ARG A 455 -2.28 -6.34 64.82
CA ARG A 455 -3.10 -5.14 64.92
C ARG A 455 -4.01 -5.19 66.15
N GLU A 456 -4.39 -6.40 66.57
CA GLU A 456 -5.08 -6.60 67.86
C GLU A 456 -4.13 -6.31 69.00
N ARG A 457 -2.97 -6.96 68.97
CA ARG A 457 -1.96 -6.85 70.04
C ARG A 457 -1.44 -5.43 70.27
N THR A 458 -1.29 -4.66 69.20
CA THR A 458 -0.83 -3.26 69.30
C THR A 458 -2.00 -2.29 69.49
N GLY A 459 -3.16 -2.64 68.94
CA GLY A 459 -4.34 -1.78 68.99
C GLY A 459 -4.35 -0.70 67.92
N LEU A 460 -3.47 -0.85 66.94
CA LEU A 460 -3.29 0.13 65.86
C LEU A 460 -4.07 -0.30 64.62
N ASP A 461 -5.12 0.45 64.29
CA ASP A 461 -6.03 0.03 63.21
C ASP A 461 -5.41 0.13 61.81
N THR A 462 -4.44 1.02 61.64
CA THR A 462 -3.75 1.18 60.35
C THR A 462 -2.71 0.09 60.10
N LEU A 463 -2.42 -0.73 61.12
CA LEU A 463 -1.43 -1.79 61.00
C LEU A 463 -1.84 -2.82 59.92
N LYS A 464 -0.99 -2.99 58.92
CA LYS A 464 -1.21 -3.92 57.82
C LYS A 464 0.03 -4.76 57.60
N VAL A 465 -0.13 -5.88 56.89
CA VAL A 465 0.99 -6.70 56.46
C VAL A 465 0.99 -6.71 54.94
N GLY A 466 2.15 -6.40 54.37
CA GLY A 466 2.28 -6.29 52.94
C GLY A 466 3.57 -6.89 52.45
N PHE A 467 3.76 -6.86 51.14
CA PHE A 467 4.98 -7.37 50.53
C PHE A 467 5.45 -6.40 49.48
N ASN A 468 6.76 -6.23 49.45
CA ASN A 468 7.40 -5.41 48.47
C ASN A 468 8.49 -6.27 47.86
N ALA A 469 8.55 -6.27 46.53
CA ALA A 469 9.59 -6.99 45.80
C ALA A 469 10.97 -6.53 46.25
N VAL A 470 11.10 -5.23 46.48
CA VAL A 470 12.37 -4.63 46.87
C VAL A 470 12.72 -4.98 48.32
N HIS A 471 11.80 -4.69 49.25
CA HIS A 471 12.08 -4.80 50.68
C HIS A 471 11.56 -6.04 51.41
N GLY A 472 10.84 -6.91 50.70
CA GLY A 472 10.30 -8.13 51.30
C GLY A 472 9.02 -7.88 52.07
N TYR A 473 8.66 -8.81 52.96
CA TYR A 473 7.47 -8.65 53.79
C TYR A 473 7.71 -7.57 54.83
N TYR A 474 6.64 -6.93 55.27
CA TYR A 474 6.73 -5.87 56.27
C TYR A 474 5.42 -5.72 57.02
N ILE A 475 5.48 -5.00 58.13
CA ILE A 475 4.29 -4.56 58.85
C ILE A 475 4.22 -3.05 58.70
N GLN A 476 3.19 -2.56 58.01
CA GLN A 476 3.05 -1.14 57.78
C GLN A 476 2.18 -0.48 58.84
N ILE A 477 2.63 0.68 59.32
CA ILE A 477 1.84 1.51 60.25
C ILE A 477 1.85 2.94 59.73
N SER A 478 0.76 3.64 59.95
CA SER A 478 0.61 5.00 59.43
C SER A 478 1.50 6.00 60.18
N ARG A 479 1.80 7.11 59.51
CA ARG A 479 2.60 8.20 60.08
C ARG A 479 2.10 8.58 61.48
N GLY A 480 0.78 8.70 61.61
CA GLY A 480 0.14 9.09 62.87
C GLY A 480 0.35 8.11 64.01
N GLN A 481 0.41 6.81 63.69
CA GLN A 481 0.54 5.77 64.71
C GLN A 481 1.96 5.16 64.78
N SER A 482 2.89 5.74 64.01
CA SER A 482 4.28 5.26 63.95
C SER A 482 4.94 5.20 65.32
N HIS A 483 4.72 6.22 66.13
CA HIS A 483 5.30 6.32 67.48
C HIS A 483 4.83 5.22 68.43
N LEU A 484 3.67 4.65 68.16
CA LEU A 484 3.11 3.57 68.99
C LEU A 484 3.53 2.18 68.54
N ALA A 485 4.54 2.09 67.67
CA ALA A 485 5.04 0.79 67.22
C ALA A 485 5.79 0.09 68.35
N PRO A 486 5.60 -1.23 68.51
CA PRO A 486 6.27 -2.01 69.57
C PRO A 486 7.80 -1.96 69.53
N ILE A 487 8.42 -2.21 70.69
CA ILE A 487 9.88 -2.19 70.84
C ILE A 487 10.61 -3.11 69.85
N ASN A 488 10.04 -4.29 69.64
CA ASN A 488 10.67 -5.32 68.80
C ASN A 488 10.57 -5.05 67.29
N TYR A 489 9.73 -4.09 66.89
CA TYR A 489 9.60 -3.71 65.49
C TYR A 489 10.86 -2.97 65.00
N MET A 490 11.57 -3.55 64.04
CA MET A 490 12.72 -2.92 63.41
C MET A 490 12.32 -2.23 62.10
N ARG A 491 12.55 -0.93 61.97
CA ARG A 491 12.12 -0.19 60.79
C ARG A 491 12.92 -0.63 59.57
N ARG A 492 12.21 -0.98 58.51
CA ARG A 492 12.80 -1.49 57.28
C ARG A 492 12.59 -0.54 56.09
N GLN A 493 11.59 0.34 56.17
CA GLN A 493 11.26 1.24 55.08
C GLN A 493 10.35 2.39 55.52
N THR A 494 10.62 3.59 55.02
CA THR A 494 9.86 4.78 55.37
C THR A 494 9.20 5.35 54.13
N LEU A 495 7.93 5.72 54.25
CA LEU A 495 7.22 6.41 53.18
C LEU A 495 6.71 7.74 53.70
N LYS A 496 6.07 8.51 52.84
CA LYS A 496 5.60 9.84 53.21
C LYS A 496 4.62 9.81 54.38
N ASN A 497 3.53 9.06 54.22
CA ASN A 497 2.48 8.96 55.24
C ASN A 497 2.47 7.62 55.97
N ALA A 498 3.59 6.90 55.96
CA ALA A 498 3.65 5.59 56.58
C ALA A 498 5.06 5.12 56.89
N GLU A 499 5.15 4.17 57.82
CA GLU A 499 6.39 3.53 58.20
C GLU A 499 6.20 2.01 58.14
N ARG A 500 7.25 1.31 57.73
CA ARG A 500 7.22 -0.14 57.58
C ARG A 500 8.32 -0.80 58.40
N TYR A 501 7.96 -1.88 59.07
CA TYR A 501 8.88 -2.56 60.01
C TYR A 501 9.01 -4.03 59.67
N ILE A 502 9.94 -4.71 60.35
CA ILE A 502 10.13 -6.15 60.23
C ILE A 502 10.49 -6.76 61.58
N ILE A 503 10.03 -7.98 61.80
CA ILE A 503 10.30 -8.75 63.01
C ILE A 503 10.82 -10.13 62.63
N PRO A 504 11.57 -10.80 63.52
CA PRO A 504 12.18 -12.09 63.15
C PRO A 504 11.17 -13.17 62.73
N GLU A 505 9.99 -13.16 63.34
CA GLU A 505 8.91 -14.08 62.97
C GLU A 505 8.45 -13.87 61.53
N LEU A 506 8.33 -12.60 61.14
CA LEU A 506 7.91 -12.22 59.80
C LEU A 506 9.00 -12.56 58.78
N LYS A 507 10.25 -12.29 59.17
CA LYS A 507 11.41 -12.60 58.33
C LYS A 507 11.59 -14.10 58.18
N GLU A 508 11.23 -14.86 59.22
CA GLU A 508 11.36 -16.30 59.20
C GLU A 508 10.46 -16.92 58.15
N TYR A 509 9.20 -16.52 58.13
CA TYR A 509 8.24 -17.05 57.15
C TYR A 509 8.40 -16.42 55.76
N GLU A 510 9.09 -15.28 55.68
CA GLU A 510 9.48 -14.72 54.39
C GLU A 510 10.45 -15.65 53.72
N ASP A 511 11.49 -16.05 54.44
CA ASP A 511 12.48 -16.99 53.93
C ASP A 511 11.81 -18.32 53.60
N LYS A 512 10.77 -18.68 54.35
CA LYS A 512 10.02 -19.92 54.16
C LYS A 512 9.26 -19.89 52.84
N VAL A 513 8.52 -18.82 52.59
CA VAL A 513 7.69 -18.71 51.39
C VAL A 513 8.52 -18.47 50.12
N LEU A 514 9.58 -17.66 50.23
CA LEU A 514 10.41 -17.32 49.07
C LEU A 514 11.26 -18.49 48.57
N THR A 515 11.84 -19.25 49.49
CA THR A 515 12.57 -20.47 49.14
C THR A 515 11.62 -21.53 48.60
N SER A 516 10.44 -21.64 49.23
CA SER A 516 9.40 -22.57 48.79
C SER A 516 8.97 -22.29 47.37
N LYS A 517 8.65 -21.02 47.09
CA LYS A 517 8.23 -20.63 45.75
C LYS A 517 9.33 -20.85 44.73
N GLY A 518 10.54 -20.39 45.07
CA GLY A 518 11.71 -20.61 44.22
C GLY A 518 11.98 -22.07 43.91
N LYS A 519 11.84 -22.92 44.93
CA LYS A 519 11.98 -24.39 44.75
C LYS A 519 10.91 -24.92 43.80
N ALA A 520 9.68 -24.44 43.97
CA ALA A 520 8.55 -24.90 43.18
C ALA A 520 8.70 -24.46 41.73
N LEU A 521 9.01 -23.17 41.54
CA LEU A 521 9.21 -22.61 40.20
C LEU A 521 10.26 -23.39 39.41
N ALA A 522 11.36 -23.70 40.08
CA ALA A 522 12.44 -24.49 39.48
C ALA A 522 11.96 -25.89 39.08
N LEU A 523 11.11 -26.48 39.91
CA LEU A 523 10.60 -27.82 39.66
C LEU A 523 9.59 -27.86 38.51
N GLU A 524 8.79 -26.80 38.37
CA GLU A 524 7.87 -26.68 37.24
C GLU A 524 8.63 -26.66 35.93
N LYS A 525 9.66 -25.81 35.87
CA LYS A 525 10.50 -25.69 34.67
C LYS A 525 11.16 -27.01 34.27
N GLN A 526 11.57 -27.79 35.27
CA GLN A 526 12.15 -29.11 35.02
C GLN A 526 11.07 -30.10 34.56
N LEU A 527 9.94 -30.10 35.26
CA LEU A 527 8.81 -30.95 34.90
C LEU A 527 8.25 -30.61 33.53
N TYR A 528 8.36 -29.35 33.16
CA TYR A 528 7.89 -28.89 31.86
C TYR A 528 8.79 -29.38 30.73
N GLU A 529 10.10 -29.24 30.90
CA GLU A 529 11.06 -29.75 29.91
C GLU A 529 11.00 -31.28 29.82
N GLU A 530 10.58 -31.93 30.91
CA GLU A 530 10.36 -33.37 30.91
C GLU A 530 9.25 -33.79 29.93
N LEU A 531 8.23 -32.95 29.79
CA LEU A 531 7.12 -33.25 28.87
C LEU A 531 7.58 -33.35 27.43
N PHE A 532 8.58 -32.54 27.07
CA PHE A 532 9.17 -32.59 25.72
C PHE A 532 9.85 -33.93 25.47
N ASP A 533 10.57 -34.40 26.48
CA ASP A 533 11.23 -35.71 26.40
C ASP A 533 10.21 -36.85 26.24
N LEU A 534 9.01 -36.65 26.79
CA LEU A 534 7.94 -37.64 26.72
C LEU A 534 7.13 -37.57 25.43
N LEU A 535 6.90 -36.37 24.92
CA LEU A 535 6.10 -36.19 23.71
C LEU A 535 6.91 -36.44 22.44
N LEU A 536 8.13 -35.92 22.39
CA LEU A 536 8.96 -35.94 21.17
C LEU A 536 9.23 -37.31 20.54
N PRO A 537 9.34 -38.37 21.36
CA PRO A 537 9.43 -39.72 20.79
C PRO A 537 8.31 -40.09 19.81
N HIS A 538 7.15 -39.42 19.89
CA HIS A 538 6.03 -39.66 18.98
C HIS A 538 5.87 -38.60 17.90
N LEU A 539 6.87 -37.74 17.72
CA LEU A 539 6.75 -36.59 16.80
C LEU A 539 6.36 -36.98 15.37
N GLU A 540 7.00 -38.00 14.83
CA GLU A 540 6.71 -38.46 13.47
C GLU A 540 5.25 -38.90 13.34
N ALA A 541 4.75 -39.63 14.34
CA ALA A 541 3.35 -40.05 14.35
C ALA A 541 2.42 -38.85 14.46
N LEU A 542 2.81 -37.86 15.28
CA LEU A 542 2.02 -36.64 15.47
C LEU A 542 2.03 -35.76 14.22
N GLN A 543 3.20 -35.65 13.57
CA GLN A 543 3.31 -34.92 12.32
C GLN A 543 2.42 -35.52 11.27
N GLN A 544 2.33 -36.84 11.23
CA GLN A 544 1.42 -37.52 10.31
C GLN A 544 -0.04 -37.25 10.64
N SER A 545 -0.38 -37.30 11.94
CA SER A 545 -1.73 -36.96 12.40
C SER A 545 -2.14 -35.58 11.93
N ALA A 546 -1.28 -34.59 12.17
CA ALA A 546 -1.57 -33.20 11.78
C ALA A 546 -1.73 -33.05 10.27
N SER A 547 -0.99 -33.88 9.52
CA SER A 547 -1.07 -33.89 8.06
C SER A 547 -2.40 -34.50 7.62
N ALA A 548 -2.84 -35.54 8.32
CA ALA A 548 -4.11 -36.18 8.04
C ALA A 548 -5.24 -35.23 8.39
N LEU A 549 -5.14 -34.60 9.57
CA LEU A 549 -6.15 -33.64 10.04
C LEU A 549 -6.30 -32.43 9.12
N ALA A 550 -5.18 -31.94 8.61
CA ALA A 550 -5.19 -30.81 7.69
C ALA A 550 -5.84 -31.21 6.37
N GLU A 551 -5.46 -32.36 5.83
CA GLU A 551 -6.03 -32.85 4.57
C GLU A 551 -7.50 -33.20 4.73
N LEU A 552 -7.88 -33.73 5.88
CA LEU A 552 -9.27 -34.01 6.17
C LEU A 552 -10.11 -32.73 6.17
N ASP A 553 -9.56 -31.66 6.75
CA ASP A 553 -10.21 -30.35 6.72
C ASP A 553 -10.42 -29.84 5.29
N VAL A 554 -9.40 -29.98 4.46
CA VAL A 554 -9.45 -29.50 3.07
C VAL A 554 -10.51 -30.27 2.28
N LEU A 555 -10.61 -31.58 2.50
CA LEU A 555 -11.56 -32.40 1.76
C LEU A 555 -12.97 -32.21 2.26
N VAL A 556 -13.15 -32.12 3.58
CA VAL A 556 -14.45 -31.80 4.16
C VAL A 556 -14.92 -30.43 3.68
N ASN A 557 -14.01 -29.46 3.65
CA ASN A 557 -14.31 -28.15 3.09
C ASN A 557 -14.77 -28.23 1.63
N LEU A 558 -13.97 -28.90 0.79
CA LEU A 558 -14.29 -29.00 -0.64
C LEU A 558 -15.52 -29.84 -0.90
N ALA A 559 -15.87 -30.71 0.05
CA ALA A 559 -17.16 -31.42 0.03
C ALA A 559 -18.29 -30.44 0.28
N GLU A 560 -18.16 -29.65 1.35
CA GLU A 560 -19.14 -28.65 1.73
C GLU A 560 -19.34 -27.58 0.66
N ARG A 561 -18.23 -27.09 0.09
CA ARG A 561 -18.29 -26.08 -0.98
C ARG A 561 -19.06 -26.60 -2.18
N ALA A 562 -18.77 -27.84 -2.60
CA ALA A 562 -19.44 -28.46 -3.75
C ALA A 562 -20.96 -28.49 -3.60
N TYR A 563 -21.42 -28.71 -2.37
CA TYR A 563 -22.85 -28.75 -2.07
C TYR A 563 -23.43 -27.34 -2.02
N THR A 564 -22.86 -26.50 -1.14
CA THR A 564 -23.34 -25.14 -0.94
C THR A 564 -23.28 -24.29 -2.19
N LEU A 565 -22.35 -24.59 -3.09
CA LEU A 565 -22.16 -23.82 -4.31
C LEU A 565 -22.60 -24.56 -5.58
N ASN A 566 -23.19 -25.74 -5.40
CA ASN A 566 -23.74 -26.53 -6.49
C ASN A 566 -22.74 -26.89 -7.59
N TYR A 567 -21.66 -27.56 -7.20
CA TYR A 567 -20.67 -28.05 -8.16
C TYR A 567 -20.96 -29.50 -8.48
N THR A 568 -20.38 -29.98 -9.58
CA THR A 568 -20.53 -31.36 -10.04
C THR A 568 -19.16 -32.02 -10.17
N CYS A 569 -19.15 -33.35 -10.19
CA CYS A 569 -17.90 -34.08 -10.33
C CYS A 569 -17.49 -34.18 -11.79
N PRO A 570 -16.28 -33.73 -12.14
CA PRO A 570 -15.84 -33.87 -13.52
C PRO A 570 -15.34 -35.27 -13.82
N THR A 571 -15.51 -35.71 -15.06
CA THR A 571 -14.99 -37.00 -15.51
C THR A 571 -13.74 -36.77 -16.31
N PHE A 572 -12.80 -37.70 -16.28
CA PHE A 572 -11.57 -37.60 -17.08
C PHE A 572 -11.64 -38.49 -18.30
N ILE A 573 -11.07 -38.03 -19.41
CA ILE A 573 -11.08 -38.77 -20.66
C ILE A 573 -9.66 -38.97 -21.18
N ASP A 574 -9.50 -39.89 -22.13
CA ASP A 574 -8.18 -40.29 -22.61
C ASP A 574 -7.54 -39.16 -23.39
N LYS A 575 -8.27 -38.70 -24.41
CA LYS A 575 -7.76 -37.74 -25.38
C LYS A 575 -7.91 -36.31 -24.87
N PRO A 576 -7.05 -35.39 -25.33
CA PRO A 576 -7.19 -34.00 -24.93
C PRO A 576 -8.55 -33.41 -25.32
N GLY A 577 -9.16 -32.67 -24.41
CA GLY A 577 -10.42 -32.03 -24.70
C GLY A 577 -11.02 -31.41 -23.45
N ILE A 578 -11.97 -30.51 -23.65
CA ILE A 578 -12.75 -29.94 -22.55
C ILE A 578 -14.18 -29.82 -23.02
N ARG A 579 -15.10 -30.45 -22.28
CA ARG A 579 -16.49 -30.47 -22.67
C ARG A 579 -17.39 -30.06 -21.51
N ILE A 580 -17.59 -28.74 -21.37
CA ILE A 580 -18.32 -28.16 -20.24
C ILE A 580 -19.78 -27.95 -20.59
N THR A 581 -20.68 -28.29 -19.67
CA THR A 581 -22.11 -28.02 -19.81
C THR A 581 -22.56 -27.08 -18.70
N GLU A 582 -23.18 -25.96 -19.10
CA GLU A 582 -23.58 -24.92 -18.17
C GLU A 582 -22.43 -24.50 -17.28
N GLY A 583 -21.29 -24.18 -17.88
CA GLY A 583 -20.11 -23.76 -17.13
C GLY A 583 -20.25 -22.37 -16.53
N ARG A 584 -19.60 -22.17 -15.38
CA ARG A 584 -19.69 -20.92 -14.64
C ARG A 584 -18.31 -20.53 -14.07
N HIS A 585 -18.11 -19.24 -13.85
CA HIS A 585 -16.90 -18.74 -13.22
C HIS A 585 -17.11 -18.75 -11.72
N PRO A 586 -16.36 -19.60 -10.97
CA PRO A 586 -16.65 -19.86 -9.55
C PRO A 586 -16.60 -18.64 -8.63
N VAL A 587 -15.84 -17.63 -9.01
CA VAL A 587 -15.71 -16.38 -8.23
C VAL A 587 -16.75 -15.33 -8.63
N VAL A 588 -16.92 -15.12 -9.93
CA VAL A 588 -17.77 -14.06 -10.47
C VAL A 588 -19.24 -14.30 -10.12
N GLU A 589 -19.67 -15.56 -10.19
CA GLU A 589 -21.04 -15.91 -9.85
C GLU A 589 -21.34 -15.65 -8.36
N GLN A 590 -20.30 -15.59 -7.53
CA GLN A 590 -20.47 -15.33 -6.11
C GLN A 590 -20.38 -13.86 -5.76
N VAL A 591 -19.46 -13.14 -6.38
CA VAL A 591 -19.30 -11.69 -6.08
C VAL A 591 -20.45 -10.86 -6.69
N LEU A 592 -20.93 -11.25 -7.88
CA LEU A 592 -22.08 -10.59 -8.48
C LEU A 592 -23.37 -11.13 -7.86
N ASN A 593 -24.26 -10.21 -7.47
CA ASN A 593 -25.59 -10.56 -6.94
C ASN A 593 -26.58 -10.88 -8.05
N GLU A 594 -26.19 -10.59 -9.29
CA GLU A 594 -26.97 -10.95 -10.46
C GLU A 594 -26.73 -12.43 -10.76
N PRO A 595 -27.72 -13.09 -11.40
CA PRO A 595 -27.53 -14.50 -11.77
C PRO A 595 -26.51 -14.65 -12.90
N PHE A 596 -25.55 -15.54 -12.73
CA PHE A 596 -24.51 -15.74 -13.73
C PHE A 596 -25.05 -16.53 -14.93
N ILE A 597 -24.80 -16.01 -16.12
CA ILE A 597 -25.17 -16.70 -17.35
C ILE A 597 -24.15 -17.83 -17.58
N ALA A 598 -24.60 -19.05 -17.35
CA ALA A 598 -23.77 -20.23 -17.60
C ALA A 598 -23.59 -20.44 -19.09
N ASN A 599 -22.49 -21.07 -19.47
CA ASN A 599 -22.19 -21.30 -20.87
C ASN A 599 -21.49 -22.64 -21.09
N PRO A 600 -21.69 -23.24 -22.27
CA PRO A 600 -21.04 -24.49 -22.60
C PRO A 600 -19.64 -24.28 -23.18
N LEU A 601 -18.91 -25.37 -23.36
CA LEU A 601 -17.67 -25.35 -24.13
C LEU A 601 -17.44 -26.73 -24.69
N ASN A 602 -17.01 -26.78 -25.95
CA ASN A 602 -16.77 -28.02 -26.62
C ASN A 602 -15.45 -27.99 -27.40
N LEU A 603 -14.35 -28.27 -26.69
CA LEU A 603 -13.04 -28.38 -27.32
C LEU A 603 -12.62 -29.84 -27.38
N SER A 604 -12.21 -30.28 -28.56
CA SER A 604 -11.81 -31.65 -28.80
C SER A 604 -10.57 -31.64 -29.70
N PRO A 605 -10.06 -32.82 -30.07
CA PRO A 605 -9.00 -32.84 -31.07
C PRO A 605 -9.47 -32.33 -32.42
N GLN A 606 -10.73 -32.56 -32.75
CA GLN A 606 -11.30 -32.10 -34.03
C GLN A 606 -11.71 -30.62 -33.95
N ARG A 607 -11.86 -30.09 -32.74
CA ARG A 607 -12.30 -28.71 -32.51
C ARG A 607 -11.38 -28.03 -31.50
N ARG A 608 -10.18 -27.68 -31.95
CA ARG A 608 -9.11 -27.25 -31.06
C ARG A 608 -9.16 -25.79 -30.69
N MET A 609 -9.48 -24.94 -31.68
CA MET A 609 -9.34 -23.50 -31.52
C MET A 609 -10.64 -22.79 -31.78
N LEU A 610 -11.03 -21.92 -30.85
CA LEU A 610 -12.19 -21.07 -31.00
C LEU A 610 -11.73 -19.64 -31.17
N ILE A 611 -12.07 -19.05 -32.31
CA ILE A 611 -11.89 -17.63 -32.56
C ILE A 611 -13.10 -16.93 -31.94
N ILE A 612 -12.87 -16.19 -30.85
CA ILE A 612 -13.96 -15.55 -30.11
C ILE A 612 -14.07 -14.07 -30.44
N THR A 613 -14.79 -13.77 -31.53
CA THR A 613 -15.12 -12.40 -31.90
C THR A 613 -16.29 -11.90 -31.08
N GLY A 614 -16.58 -10.62 -31.21
CA GLY A 614 -17.65 -10.00 -30.45
C GLY A 614 -17.13 -8.84 -29.64
N PRO A 615 -18.03 -8.14 -28.97
CA PRO A 615 -17.62 -6.88 -28.40
C PRO A 615 -16.56 -6.99 -27.31
N ASN A 616 -15.99 -5.83 -27.03
CA ASN A 616 -14.78 -5.64 -26.22
C ASN A 616 -14.80 -6.22 -24.80
N MET A 617 -16.00 -6.37 -24.22
CA MET A 617 -16.19 -6.39 -22.76
C MET A 617 -15.63 -7.64 -22.02
N GLY A 618 -15.80 -7.67 -20.71
CA GLY A 618 -15.29 -8.74 -19.82
C GLY A 618 -15.92 -10.10 -20.02
N GLY A 619 -17.00 -10.15 -20.80
CA GLY A 619 -17.66 -11.42 -21.12
C GLY A 619 -16.72 -12.43 -21.71
N LYS A 620 -15.88 -12.01 -22.67
CA LYS A 620 -14.90 -12.91 -23.28
C LYS A 620 -13.90 -13.40 -22.25
N SER A 621 -13.33 -12.47 -21.49
CA SER A 621 -12.30 -12.80 -20.50
C SER A 621 -12.85 -13.78 -19.47
N THR A 622 -14.08 -13.54 -19.02
CA THR A 622 -14.71 -14.39 -18.02
C THR A 622 -14.99 -15.77 -18.57
N TYR A 623 -15.44 -15.84 -19.82
CA TYR A 623 -15.65 -17.12 -20.49
C TYR A 623 -14.35 -17.95 -20.59
N MET A 624 -13.24 -17.26 -20.83
CA MET A 624 -11.94 -17.88 -20.99
C MET A 624 -11.36 -18.24 -19.63
N ARG A 625 -11.39 -17.30 -18.70
CA ARG A 625 -10.86 -17.55 -17.36
C ARG A 625 -11.61 -18.68 -16.66
N GLN A 626 -12.93 -18.70 -16.77
CA GLN A 626 -13.72 -19.75 -16.12
C GLN A 626 -13.39 -21.13 -16.71
N THR A 627 -13.03 -21.17 -17.99
CA THR A 627 -12.58 -22.39 -18.63
C THR A 627 -11.30 -22.92 -17.97
N ALA A 628 -10.38 -22.02 -17.65
CA ALA A 628 -9.14 -22.37 -16.97
C ALA A 628 -9.40 -22.79 -15.53
N LEU A 629 -10.22 -22.03 -14.82
CA LEU A 629 -10.50 -22.31 -13.41
C LEU A 629 -11.28 -23.62 -13.22
N ILE A 630 -12.15 -23.95 -14.19
CA ILE A 630 -12.83 -25.24 -14.19
C ILE A 630 -11.83 -26.38 -14.40
N ALA A 631 -10.90 -26.20 -15.34
CA ALA A 631 -9.84 -27.19 -15.59
C ALA A 631 -8.96 -27.31 -14.36
N LEU A 632 -8.60 -26.17 -13.78
CA LEU A 632 -7.73 -26.15 -12.61
C LEU A 632 -8.38 -26.88 -11.44
N MET A 633 -9.66 -26.58 -11.20
CA MET A 633 -10.38 -27.16 -10.09
C MET A 633 -10.58 -28.66 -10.26
N ALA A 634 -10.87 -29.06 -11.49
CA ALA A 634 -10.98 -30.48 -11.83
C ALA A 634 -9.70 -31.25 -11.44
N TYR A 635 -8.55 -30.63 -11.72
CA TYR A 635 -7.23 -31.24 -11.48
C TYR A 635 -6.61 -30.96 -10.11
N ILE A 636 -7.40 -30.43 -9.16
CA ILE A 636 -7.04 -30.52 -7.75
C ILE A 636 -7.95 -31.54 -7.04
N GLY A 637 -8.73 -32.27 -7.83
CA GLY A 637 -9.62 -33.30 -7.32
C GLY A 637 -10.93 -32.78 -6.77
N SER A 638 -11.21 -31.49 -6.97
CA SER A 638 -12.44 -30.88 -6.50
C SER A 638 -13.53 -31.07 -7.54
N TYR A 639 -14.76 -30.80 -7.10
CA TYR A 639 -15.90 -30.71 -8.03
C TYR A 639 -15.78 -29.35 -8.72
N VAL A 640 -16.59 -29.12 -9.75
CA VAL A 640 -16.41 -27.94 -10.60
C VAL A 640 -17.72 -27.22 -10.88
N PRO A 641 -17.65 -25.90 -11.12
CA PRO A 641 -18.85 -25.10 -11.35
C PRO A 641 -19.45 -25.32 -12.73
N ALA A 642 -20.22 -26.39 -12.87
CA ALA A 642 -20.86 -26.76 -14.12
C ALA A 642 -21.95 -27.81 -13.91
N GLN A 643 -22.80 -27.98 -14.91
CA GLN A 643 -23.75 -29.08 -14.87
C GLN A 643 -23.07 -30.39 -15.15
N LYS A 644 -22.10 -30.36 -16.06
CA LYS A 644 -21.32 -31.54 -16.41
C LYS A 644 -19.99 -31.13 -17.04
N VAL A 645 -18.92 -31.85 -16.73
CA VAL A 645 -17.61 -31.60 -17.34
C VAL A 645 -16.87 -32.90 -17.66
N GLU A 646 -16.53 -33.09 -18.93
CA GLU A 646 -15.60 -34.14 -19.34
C GLU A 646 -14.31 -33.45 -19.74
N ILE A 647 -13.19 -33.86 -19.14
CA ILE A 647 -11.92 -33.18 -19.37
C ILE A 647 -10.80 -34.18 -19.60
N GLY A 648 -10.01 -33.93 -20.64
CA GLY A 648 -8.89 -34.76 -20.96
C GLY A 648 -7.63 -34.25 -20.32
N PRO A 649 -6.51 -34.95 -20.55
CA PRO A 649 -5.24 -34.56 -19.97
C PRO A 649 -4.84 -33.14 -20.36
N ILE A 650 -4.34 -32.40 -19.38
CA ILE A 650 -3.86 -31.04 -19.58
C ILE A 650 -2.47 -30.92 -18.96
N ASP A 651 -1.49 -30.61 -19.79
CA ASP A 651 -0.11 -30.53 -19.36
C ASP A 651 0.19 -29.18 -18.73
N ARG A 652 -0.37 -28.11 -19.29
CA ARG A 652 -0.22 -26.79 -18.72
C ARG A 652 -1.25 -25.78 -19.22
N ILE A 653 -1.42 -24.72 -18.44
CA ILE A 653 -2.35 -23.66 -18.77
C ILE A 653 -1.58 -22.36 -19.04
N PHE A 654 -1.78 -21.80 -20.23
CA PHE A 654 -1.23 -20.48 -20.57
C PHE A 654 -2.41 -19.52 -20.58
N THR A 655 -2.28 -18.40 -19.88
CA THR A 655 -3.33 -17.38 -19.83
C THR A 655 -2.73 -16.01 -20.19
N ARG A 656 -2.71 -15.73 -21.50
CA ARG A 656 -2.21 -14.49 -22.08
C ARG A 656 -3.29 -13.37 -22.18
N VAL A 657 -3.29 -12.47 -21.20
CA VAL A 657 -4.31 -11.40 -21.13
C VAL A 657 -3.79 -10.13 -20.44
N PHE A 670 3.12 -4.70 -26.80
CA PHE A 670 4.11 -4.48 -27.86
C PHE A 670 5.09 -5.67 -27.93
N MET A 671 6.30 -5.52 -27.38
CA MET A 671 7.25 -6.63 -27.33
C MET A 671 6.91 -7.57 -26.19
N VAL A 672 6.38 -7.02 -25.11
CA VAL A 672 5.96 -7.82 -23.96
C VAL A 672 4.87 -8.82 -24.40
N GLU A 673 4.01 -8.37 -25.30
CA GLU A 673 2.98 -9.23 -25.86
C GLU A 673 3.58 -10.34 -26.73
N MET A 674 4.50 -9.96 -27.62
CA MET A 674 5.16 -10.89 -28.52
C MET A 674 6.09 -11.86 -27.78
N THR A 675 6.67 -11.45 -26.66
CA THR A 675 7.49 -12.34 -25.83
C THR A 675 6.63 -13.40 -25.19
N GLU A 676 5.53 -12.99 -24.56
CA GLU A 676 4.58 -13.93 -23.94
C GLU A 676 3.94 -14.86 -24.96
N THR A 677 3.70 -14.33 -26.16
CA THR A 677 3.19 -15.14 -27.25
C THR A 677 4.24 -16.15 -27.71
N ALA A 678 5.49 -15.71 -27.82
CA ALA A 678 6.61 -16.60 -28.15
C ALA A 678 6.77 -17.70 -27.11
N ASN A 679 6.58 -17.36 -25.84
CA ASN A 679 6.61 -18.34 -24.77
C ASN A 679 5.55 -19.41 -24.96
N ILE A 680 4.38 -19.04 -25.47
CA ILE A 680 3.32 -19.99 -25.73
C ILE A 680 3.68 -20.87 -26.92
N LEU A 681 4.11 -20.26 -28.01
CA LEU A 681 4.41 -20.99 -29.24
C LEU A 681 5.58 -21.96 -29.07
N HIS A 682 6.54 -21.62 -28.22
CA HIS A 682 7.68 -22.50 -27.97
C HIS A 682 7.34 -23.68 -27.06
N ASN A 683 6.51 -23.46 -26.05
CA ASN A 683 6.32 -24.48 -25.03
C ASN A 683 4.98 -25.15 -25.01
N ALA A 684 4.07 -24.73 -25.87
CA ALA A 684 2.73 -25.30 -25.84
C ALA A 684 2.74 -26.65 -26.52
N THR A 685 1.79 -27.50 -26.17
CA THR A 685 1.68 -28.80 -26.79
C THR A 685 0.22 -29.17 -26.84
N GLU A 686 -0.09 -30.23 -27.57
CA GLU A 686 -1.48 -30.55 -27.85
C GLU A 686 -2.27 -30.83 -26.59
N TYR A 687 -1.57 -30.96 -25.46
CA TYR A 687 -2.21 -31.14 -24.17
C TYR A 687 -2.37 -29.82 -23.40
N SER A 688 -2.04 -28.70 -24.04
CA SER A 688 -2.06 -27.40 -23.35
C SER A 688 -3.37 -26.68 -23.56
N LEU A 689 -3.79 -25.95 -22.52
CA LEU A 689 -4.91 -25.03 -22.62
C LEU A 689 -4.31 -23.64 -22.77
N VAL A 690 -4.58 -23.00 -23.90
CA VAL A 690 -4.03 -21.68 -24.22
C VAL A 690 -5.18 -20.67 -24.28
N LEU A 691 -5.06 -19.60 -23.51
CA LEU A 691 -6.06 -18.54 -23.48
C LEU A 691 -5.38 -17.23 -23.88
N MET A 692 -5.77 -16.70 -25.04
CA MET A 692 -5.15 -15.50 -25.57
C MET A 692 -6.19 -14.41 -25.81
N ASP A 693 -5.85 -13.22 -25.36
CA ASP A 693 -6.71 -12.09 -25.52
C ASP A 693 -6.05 -11.10 -26.46
N GLU A 694 -6.65 -10.91 -27.62
CA GLU A 694 -6.39 -9.73 -28.45
C GLU A 694 -4.91 -9.34 -28.56
N ILE A 695 -4.10 -10.31 -28.95
CA ILE A 695 -2.76 -9.99 -29.42
C ILE A 695 -2.92 -9.44 -30.83
N GLY A 696 -1.91 -8.69 -31.25
CA GLY A 696 -1.90 -8.04 -32.54
C GLY A 696 -1.59 -6.56 -32.45
N ARG A 697 -0.53 -6.22 -31.73
CA ARG A 697 -0.13 -4.84 -31.64
C ARG A 697 0.99 -4.66 -32.65
N GLY A 698 0.71 -3.90 -33.72
CA GLY A 698 1.64 -3.73 -34.82
C GLY A 698 1.98 -2.30 -35.05
N THR A 699 3.04 -2.07 -35.80
CA THR A 699 3.43 -0.73 -36.18
C THR A 699 2.43 -0.14 -37.12
N SER A 700 1.84 -0.98 -37.95
CA SER A 700 0.91 -0.53 -38.95
C SER A 700 -0.40 -1.29 -38.95
N THR A 701 -1.17 -1.09 -40.01
CA THR A 701 -2.51 -1.63 -40.12
C THR A 701 -2.59 -3.14 -40.05
N TYR A 702 -1.74 -3.81 -40.81
CA TYR A 702 -1.87 -5.27 -41.00
C TYR A 702 -0.79 -6.14 -40.30
N ASP A 703 0.28 -5.54 -39.79
CA ASP A 703 1.35 -6.36 -39.19
C ASP A 703 0.94 -7.02 -37.87
N GLY A 704 0.00 -6.44 -37.12
CA GLY A 704 -0.57 -7.10 -35.94
C GLY A 704 -1.46 -8.26 -36.34
N LEU A 705 -2.28 -8.04 -37.37
CA LEU A 705 -3.15 -9.08 -37.92
C LEU A 705 -2.33 -10.23 -38.49
N SER A 706 -1.21 -9.90 -39.13
CA SER A 706 -0.33 -10.88 -39.74
C SER A 706 0.21 -11.86 -38.72
N LEU A 707 0.67 -11.36 -37.59
CA LEU A 707 1.15 -12.21 -36.48
C LEU A 707 0.00 -12.95 -35.79
N ALA A 708 -1.12 -12.25 -35.60
CA ALA A 708 -2.30 -12.86 -35.02
C ALA A 708 -2.73 -14.06 -35.85
N TRP A 709 -2.67 -13.91 -37.18
CA TRP A 709 -2.98 -14.99 -38.10
C TRP A 709 -1.98 -16.12 -37.91
N ALA A 710 -0.69 -15.78 -38.04
CA ALA A 710 0.38 -16.76 -38.03
C ALA A 710 0.46 -17.56 -36.72
N CYS A 711 0.16 -16.91 -35.59
CA CYS A 711 0.15 -17.58 -34.30
C CYS A 711 -1.01 -18.56 -34.23
N ALA A 712 -2.21 -18.10 -34.58
CA ALA A 712 -3.39 -18.95 -34.61
C ALA A 712 -3.15 -20.13 -35.54
N GLU A 713 -2.63 -19.83 -36.72
CA GLU A 713 -2.23 -20.85 -37.69
C GLU A 713 -1.29 -21.90 -37.08
N ASN A 714 -0.25 -21.44 -36.42
CA ASN A 714 0.71 -22.33 -35.74
C ASN A 714 0.08 -23.13 -34.59
N LEU A 715 -0.80 -22.48 -33.84
CA LEU A 715 -1.45 -23.10 -32.67
C LEU A 715 -2.49 -24.14 -33.07
N ALA A 716 -2.98 -24.06 -34.31
CA ALA A 716 -4.00 -24.99 -34.80
C ALA A 716 -3.40 -26.14 -35.60
N ASN A 717 -2.41 -25.85 -36.44
CA ASN A 717 -1.81 -26.87 -37.31
C ASN A 717 -0.64 -27.57 -36.67
N LYS A 718 0.33 -26.81 -36.21
CA LYS A 718 1.58 -27.38 -35.70
C LYS A 718 1.44 -27.82 -34.25
N ILE A 719 1.01 -26.92 -33.37
CA ILE A 719 0.95 -27.21 -31.94
C ILE A 719 -0.30 -28.03 -31.59
N LYS A 720 -1.42 -27.69 -32.21
CA LYS A 720 -2.70 -28.36 -31.97
C LYS A 720 -3.17 -28.27 -30.52
N ALA A 721 -2.81 -27.18 -29.84
CA ALA A 721 -3.23 -26.94 -28.46
C ALA A 721 -4.71 -26.58 -28.39
N LEU A 722 -5.33 -26.82 -27.25
CA LEU A 722 -6.70 -26.39 -27.02
C LEU A 722 -6.69 -24.88 -26.73
N THR A 723 -7.12 -24.09 -27.71
CA THR A 723 -6.93 -22.66 -27.68
C THR A 723 -8.24 -21.90 -27.74
N LEU A 724 -8.45 -21.00 -26.78
CA LEU A 724 -9.47 -19.98 -26.92
C LEU A 724 -8.72 -18.70 -27.35
N PHE A 725 -9.09 -18.18 -28.51
CA PHE A 725 -8.36 -17.08 -29.15
C PHE A 725 -9.32 -15.92 -29.35
N ALA A 726 -9.39 -15.04 -28.35
CA ALA A 726 -10.26 -13.85 -28.43
C ALA A 726 -9.61 -12.79 -29.31
N THR A 727 -10.39 -12.22 -30.23
CA THR A 727 -9.87 -11.20 -31.14
C THR A 727 -10.96 -10.27 -31.65
N HIS A 728 -10.52 -9.10 -32.08
CA HIS A 728 -11.40 -8.12 -32.73
C HIS A 728 -11.27 -8.17 -34.24
N TYR A 729 -10.20 -8.81 -34.73
CA TYR A 729 -9.97 -8.92 -36.15
C TYR A 729 -11.05 -9.80 -36.76
N PHE A 730 -11.87 -9.20 -37.62
CA PHE A 730 -12.85 -9.96 -38.36
C PHE A 730 -12.18 -10.84 -39.40
N GLU A 731 -10.99 -10.44 -39.85
CA GLU A 731 -10.21 -11.24 -40.78
C GLU A 731 -9.93 -12.63 -40.23
N LEU A 732 -9.70 -12.74 -38.93
CA LEU A 732 -9.45 -14.04 -38.30
C LEU A 732 -10.66 -14.96 -38.23
N THR A 733 -11.86 -14.45 -38.54
CA THR A 733 -13.04 -15.30 -38.63
C THR A 733 -13.05 -16.15 -39.90
N GLN A 734 -12.09 -15.93 -40.78
CA GLN A 734 -11.93 -16.76 -41.98
C GLN A 734 -11.12 -18.05 -41.73
N LEU A 735 -10.53 -18.18 -40.55
CA LEU A 735 -9.65 -19.32 -40.27
C LEU A 735 -10.32 -20.67 -40.30
N PRO A 736 -11.58 -20.77 -39.82
CA PRO A 736 -12.30 -22.03 -39.94
C PRO A 736 -12.54 -22.48 -41.38
N GLU A 737 -12.68 -21.53 -42.30
CA GLU A 737 -12.83 -21.85 -43.71
C GLU A 737 -11.57 -22.48 -44.27
N LYS A 738 -10.41 -21.99 -43.84
CA LYS A 738 -9.12 -22.45 -44.34
C LYS A 738 -8.56 -23.64 -43.58
N MET A 739 -8.76 -23.67 -42.27
CA MET A 739 -8.11 -24.67 -41.43
C MET A 739 -9.04 -25.62 -40.74
N GLU A 740 -8.58 -26.87 -40.67
CA GLU A 740 -9.20 -27.91 -39.91
C GLU A 740 -8.88 -27.58 -38.47
N GLY A 741 -9.84 -27.87 -37.62
CA GLY A 741 -9.71 -27.73 -36.18
C GLY A 741 -10.08 -26.40 -35.58
N VAL A 742 -10.31 -25.38 -36.42
CA VAL A 742 -10.65 -24.04 -35.95
C VAL A 742 -12.15 -23.79 -36.15
N ALA A 743 -12.74 -23.02 -35.24
CA ALA A 743 -14.16 -22.66 -35.34
C ALA A 743 -14.42 -21.25 -34.79
N ASN A 744 -15.58 -20.69 -35.11
CA ASN A 744 -15.98 -19.37 -34.64
C ASN A 744 -17.06 -19.44 -33.56
N VAL A 745 -16.85 -18.68 -32.50
CA VAL A 745 -17.91 -18.40 -31.54
C VAL A 745 -17.88 -16.90 -31.26
N HIS A 746 -18.89 -16.41 -30.55
CA HIS A 746 -18.97 -15.00 -30.22
C HIS A 746 -19.90 -14.79 -29.00
N LEU A 747 -19.66 -13.75 -28.22
CA LEU A 747 -20.52 -13.48 -27.07
C LEU A 747 -21.66 -12.53 -27.42
N ASP A 748 -22.86 -13.09 -27.36
CA ASP A 748 -24.10 -12.39 -27.64
C ASP A 748 -25.19 -12.98 -26.77
N PHE A 758 -24.65 -5.66 -21.89
CA PHE A 758 -24.34 -6.91 -21.18
C PHE A 758 -24.96 -8.13 -21.89
N MET A 759 -24.21 -8.73 -22.81
CA MET A 759 -24.66 -9.86 -23.64
C MET A 759 -24.41 -11.19 -22.92
N HIS A 760 -23.14 -11.56 -22.79
CA HIS A 760 -22.71 -12.59 -21.84
C HIS A 760 -23.16 -14.05 -22.13
N SER A 761 -23.54 -14.36 -23.36
CA SER A 761 -23.94 -15.71 -23.74
C SER A 761 -23.27 -16.14 -25.06
N VAL A 762 -22.48 -17.22 -25.00
CA VAL A 762 -21.66 -17.65 -26.15
C VAL A 762 -22.50 -18.37 -27.20
N GLN A 763 -22.48 -17.81 -28.41
CA GLN A 763 -23.20 -18.38 -29.55
C GLN A 763 -22.21 -18.94 -30.56
N ASP A 764 -22.65 -19.93 -31.34
CA ASP A 764 -21.83 -20.43 -32.46
C ASP A 764 -21.85 -19.42 -33.60
N GLY A 765 -20.80 -19.44 -34.41
CA GLY A 765 -20.66 -18.51 -35.51
C GLY A 765 -19.91 -17.26 -35.10
N ALA A 766 -19.52 -16.46 -36.08
CA ALA A 766 -18.75 -15.24 -35.83
C ALA A 766 -19.68 -14.10 -35.40
N ALA A 767 -19.08 -13.04 -34.87
CA ALA A 767 -19.83 -11.87 -34.43
C ALA A 767 -20.57 -11.28 -35.61
N SER A 768 -21.84 -10.97 -35.39
CA SER A 768 -22.80 -10.78 -36.47
C SER A 768 -22.74 -9.37 -37.03
N LYS A 769 -22.70 -8.38 -36.13
CA LYS A 769 -22.54 -7.00 -36.52
C LYS A 769 -21.05 -6.70 -36.56
N SER A 770 -20.72 -5.50 -37.00
CA SER A 770 -19.39 -4.95 -36.85
C SER A 770 -19.55 -3.84 -35.82
N TYR A 771 -19.00 -4.10 -34.65
CA TYR A 771 -19.53 -3.55 -33.41
C TYR A 771 -18.74 -2.38 -32.87
N GLY A 772 -17.74 -1.96 -33.62
CA GLY A 772 -16.89 -0.85 -33.24
C GLY A 772 -17.65 0.47 -33.25
N LEU A 773 -18.48 0.69 -34.27
CA LEU A 773 -19.26 1.92 -34.38
C LEU A 773 -20.36 1.98 -33.33
N ALA A 774 -20.92 0.81 -33.00
CA ALA A 774 -21.95 0.72 -31.97
C ALA A 774 -21.42 1.21 -30.63
N VAL A 775 -20.22 0.79 -30.28
CA VAL A 775 -19.57 1.20 -29.04
C VAL A 775 -19.27 2.70 -29.05
N ALA A 776 -18.81 3.18 -30.20
CA ALA A 776 -18.55 4.61 -30.38
C ALA A 776 -19.82 5.44 -30.22
N ALA A 777 -20.96 4.91 -30.67
CA ALA A 777 -22.25 5.56 -30.45
C ALA A 777 -22.54 5.64 -28.96
N LEU A 778 -22.47 4.50 -28.28
CA LEU A 778 -22.66 4.44 -26.82
C LEU A 778 -21.72 5.38 -26.08
N ALA A 779 -20.46 5.43 -26.52
CA ALA A 779 -19.44 6.27 -25.88
C ALA A 779 -19.73 7.76 -26.03
N GLY A 780 -20.57 8.11 -27.00
CA GLY A 780 -21.05 9.47 -27.15
C GLY A 780 -20.42 10.24 -28.29
N VAL A 781 -19.86 9.53 -29.26
CA VAL A 781 -19.27 10.16 -30.44
C VAL A 781 -20.42 10.76 -31.24
N PRO A 782 -20.31 12.05 -31.65
CA PRO A 782 -21.36 12.75 -32.39
C PRO A 782 -22.01 11.90 -33.47
N LYS A 783 -23.34 11.99 -33.56
CA LYS A 783 -24.11 11.25 -34.54
C LYS A 783 -23.58 11.49 -35.95
N GLU A 784 -23.17 12.72 -36.22
CA GLU A 784 -22.62 13.10 -37.53
C GLU A 784 -21.37 12.30 -37.85
N VAL A 785 -20.50 12.15 -36.85
CA VAL A 785 -19.22 11.46 -37.01
C VAL A 785 -19.42 9.95 -37.21
N ILE A 786 -20.36 9.37 -36.49
CA ILE A 786 -20.68 7.96 -36.64
C ILE A 786 -21.24 7.70 -38.04
N LYS A 787 -22.08 8.61 -38.53
CA LYS A 787 -22.68 8.47 -39.85
C LYS A 787 -21.60 8.48 -40.94
N ARG A 788 -20.59 9.33 -40.77
CA ARG A 788 -19.48 9.41 -41.74
C ARG A 788 -18.60 8.17 -41.68
N ALA A 789 -18.51 7.58 -40.50
CA ALA A 789 -17.80 6.31 -40.33
C ALA A 789 -18.61 5.18 -40.98
N ARG A 790 -19.89 5.10 -40.65
CA ARG A 790 -20.80 4.14 -41.27
C ARG A 790 -20.72 4.21 -42.79
N GLN A 791 -20.55 5.43 -43.31
CA GLN A 791 -20.37 5.66 -44.74
C GLN A 791 -19.02 5.11 -45.22
N LYS A 792 -17.95 5.46 -44.49
CA LYS A 792 -16.59 5.01 -44.80
C LYS A 792 -16.44 3.49 -44.70
N LEU A 793 -17.15 2.88 -43.75
CA LEU A 793 -17.13 1.43 -43.56
C LEU A 793 -17.65 0.70 -44.80
N ARG A 794 -18.78 1.16 -45.34
CA ARG A 794 -19.34 0.58 -46.55
C ARG A 794 -18.38 0.67 -47.72
N GLU A 795 -17.72 1.83 -47.85
CA GLU A 795 -16.73 2.05 -48.91
C GLU A 795 -15.59 1.03 -48.83
N LEU A 796 -15.15 0.72 -47.62
CA LEU A 796 -14.04 -0.22 -47.40
C LEU A 796 -14.44 -1.66 -47.69
N GLU A 797 -15.62 -2.05 -47.20
CA GLU A 797 -16.13 -3.42 -47.35
C GLU A 797 -16.53 -3.76 -48.78
N SER A 798 -17.11 -2.80 -49.49
CA SER A 798 -17.59 -3.00 -50.86
C SER A 798 -16.47 -3.15 -51.87
N ILE A 799 -15.32 -2.54 -51.60
CA ILE A 799 -14.14 -2.71 -52.45
C ILE A 799 -13.51 -4.08 -52.18
N SER A 800 -13.26 -4.40 -50.91
CA SER A 800 -12.70 -5.69 -50.52
C SER A 800 -13.68 -6.84 -50.75
N GLU B 26 -19.23 8.27 10.57
CA GLU B 26 -18.51 7.47 11.62
C GLU B 26 -17.02 7.78 11.61
N ILE B 27 -16.52 8.17 12.78
CA ILE B 27 -15.13 8.56 12.96
C ILE B 27 -14.41 7.47 13.76
N LEU B 28 -13.11 7.25 13.52
CA LEU B 28 -12.31 6.36 14.38
C LEU B 28 -12.14 7.02 15.74
N LEU B 29 -12.23 6.22 16.80
CA LEU B 29 -12.11 6.73 18.16
C LEU B 29 -10.91 6.10 18.86
N PHE B 30 -9.99 6.95 19.32
CA PHE B 30 -8.88 6.52 20.14
C PHE B 30 -9.27 6.60 21.62
N TYR B 31 -9.84 5.52 22.14
CA TYR B 31 -10.16 5.37 23.56
C TYR B 31 -8.86 5.16 24.34
N ARG B 32 -8.52 6.12 25.21
CA ARG B 32 -7.28 6.01 25.98
C ARG B 32 -7.39 5.01 27.13
N MET B 33 -6.41 4.12 27.21
CA MET B 33 -6.29 3.13 28.27
C MET B 33 -4.86 3.16 28.79
N GLY B 34 -4.60 4.04 29.76
CA GLY B 34 -3.27 4.20 30.33
C GLY B 34 -2.30 4.76 29.32
N ASP B 35 -1.25 3.99 29.02
CA ASP B 35 -0.21 4.44 28.08
C ASP B 35 -0.54 4.17 26.61
N PHE B 36 -1.65 3.50 26.35
CA PHE B 36 -2.06 3.18 24.98
C PHE B 36 -3.38 3.85 24.59
N TYR B 37 -3.48 4.27 23.34
CA TYR B 37 -4.74 4.66 22.74
C TYR B 37 -5.29 3.43 22.05
N GLU B 38 -6.37 2.87 22.56
CA GLU B 38 -6.93 1.64 22.01
C GLU B 38 -8.15 1.92 21.12
N LEU B 39 -8.49 0.94 20.28
CA LEU B 39 -9.67 0.97 19.43
C LEU B 39 -10.36 -0.38 19.52
N PHE B 40 -11.65 -0.43 19.23
CA PHE B 40 -12.41 -1.66 19.36
C PHE B 40 -13.33 -1.93 18.18
N TYR B 41 -13.80 -3.17 18.07
CA TYR B 41 -14.77 -3.58 17.02
C TYR B 41 -14.22 -3.26 15.60
N ASP B 42 -15.01 -2.58 14.77
CA ASP B 42 -14.63 -2.21 13.42
C ASP B 42 -13.47 -1.22 13.42
N ASP B 43 -13.50 -0.26 14.34
CA ASP B 43 -12.39 0.69 14.51
C ASP B 43 -11.05 -0.05 14.56
N ALA B 44 -10.98 -1.07 15.41
CA ALA B 44 -9.79 -1.92 15.52
C ALA B 44 -9.46 -2.60 14.20
N LYS B 45 -10.47 -3.17 13.55
CA LYS B 45 -10.27 -3.86 12.28
C LYS B 45 -9.77 -2.89 11.21
N ARG B 46 -10.42 -1.73 11.11
CA ARG B 46 -10.05 -0.73 10.11
C ARG B 46 -8.70 -0.10 10.43
N ALA B 47 -8.41 0.11 11.72
CA ALA B 47 -7.13 0.68 12.15
C ALA B 47 -5.97 -0.26 11.81
N SER B 48 -6.12 -1.54 12.12
CA SER B 48 -5.09 -2.54 11.86
C SER B 48 -4.70 -2.58 10.38
N GLN B 49 -5.68 -2.41 9.49
CA GLN B 49 -5.44 -2.35 8.05
C GLN B 49 -4.73 -1.06 7.66
N LEU B 50 -5.30 0.07 8.06
CA LEU B 50 -4.77 1.39 7.70
C LEU B 50 -3.40 1.67 8.32
N LEU B 51 -3.26 1.40 9.61
CA LEU B 51 -2.06 1.77 10.36
C LEU B 51 -0.95 0.71 10.36
N ASP B 52 -1.26 -0.48 9.83
CA ASP B 52 -0.31 -1.60 9.86
C ASP B 52 0.12 -1.92 11.29
N ILE B 53 -0.86 -2.08 12.17
CA ILE B 53 -0.63 -2.55 13.54
C ILE B 53 -1.37 -3.87 13.72
N SER B 54 -1.01 -4.62 14.76
CA SER B 54 -1.54 -5.97 14.97
C SER B 54 -3.02 -5.96 15.36
N ALA B 75 3.54 7.96 20.94
CA ALA B 75 3.76 7.88 19.50
C ALA B 75 2.48 8.13 18.69
N VAL B 76 1.52 8.85 19.29
CA VAL B 76 0.22 9.09 18.64
C VAL B 76 0.31 9.96 17.39
N GLU B 77 1.15 10.99 17.43
CA GLU B 77 1.28 11.94 16.31
C GLU B 77 1.75 11.26 15.04
N ASN B 78 2.56 10.20 15.17
CA ASN B 78 3.01 9.41 14.03
C ASN B 78 1.84 8.72 13.30
N TYR B 79 0.89 8.20 14.07
CA TYR B 79 -0.26 7.48 13.50
C TYR B 79 -1.37 8.42 13.03
N LEU B 80 -1.58 9.53 13.74
CA LEU B 80 -2.52 10.56 13.27
C LEU B 80 -2.13 11.03 11.88
N ALA B 81 -0.83 11.23 11.68
CA ALA B 81 -0.30 11.61 10.37
C ALA B 81 -0.65 10.58 9.30
N LYS B 82 -0.52 9.29 9.65
CA LYS B 82 -0.87 8.21 8.72
C LYS B 82 -2.34 8.28 8.31
N LEU B 83 -3.23 8.46 9.29
CA LEU B 83 -4.66 8.47 9.05
C LEU B 83 -5.12 9.71 8.31
N VAL B 84 -4.55 10.85 8.67
CA VAL B 84 -4.91 12.11 8.04
C VAL B 84 -4.52 12.15 6.56
N ASN B 85 -3.34 11.63 6.21
CA ASN B 85 -2.91 11.53 4.82
C ASN B 85 -3.83 10.63 4.00
N GLN B 86 -4.45 9.64 4.68
CA GLN B 86 -5.45 8.76 4.08
C GLN B 86 -6.87 9.32 4.18
N GLY B 87 -7.02 10.58 4.59
CA GLY B 87 -8.31 11.23 4.65
C GLY B 87 -9.22 10.76 5.78
N GLU B 88 -8.63 10.18 6.82
CA GLU B 88 -9.41 9.69 7.96
C GLU B 88 -9.44 10.68 9.12
N SER B 89 -10.63 10.92 9.66
CA SER B 89 -10.82 11.70 10.88
C SER B 89 -10.57 10.78 12.07
N VAL B 90 -10.13 11.34 13.18
CA VAL B 90 -9.87 10.56 14.39
C VAL B 90 -10.31 11.35 15.63
N ALA B 91 -11.11 10.70 16.48
CA ALA B 91 -11.53 11.30 17.75
C ALA B 91 -10.56 10.88 18.86
N ILE B 92 -10.09 11.86 19.63
CA ILE B 92 -9.15 11.60 20.72
C ILE B 92 -9.87 11.63 22.06
N CYS B 93 -10.03 10.46 22.67
CA CYS B 93 -10.69 10.31 23.96
C CYS B 93 -9.66 10.14 25.08
N GLU B 94 -9.57 11.13 25.98
CA GLU B 94 -8.58 11.11 27.07
C GLU B 94 -9.21 10.69 28.40
N GLU B 107 -15.21 12.18 33.36
CA GLU B 107 -14.07 12.19 32.47
C GLU B 107 -14.28 11.25 31.30
N ARG B 108 -13.22 10.55 30.90
CA ARG B 108 -13.31 9.55 29.89
C ARG B 108 -14.01 10.09 28.64
N LYS B 109 -13.66 11.29 28.22
CA LYS B 109 -14.37 11.88 27.09
C LYS B 109 -13.51 12.67 26.11
N VAL B 110 -14.11 12.92 24.95
CA VAL B 110 -13.38 13.33 23.75
C VAL B 110 -12.95 14.79 23.86
N VAL B 111 -11.64 15.05 23.79
CA VAL B 111 -11.12 16.41 23.92
C VAL B 111 -10.79 17.06 22.58
N ARG B 112 -10.41 16.23 21.60
CA ARG B 112 -9.90 16.67 20.30
C ARG B 112 -10.48 15.78 19.18
N ILE B 113 -10.75 16.35 18.01
CA ILE B 113 -11.03 15.57 16.79
C ILE B 113 -10.25 16.16 15.61
N VAL B 114 -9.28 15.41 15.10
CA VAL B 114 -8.51 15.87 13.92
C VAL B 114 -9.17 15.43 12.62
N THR B 115 -9.44 16.37 11.72
CA THR B 115 -10.06 16.02 10.43
C THR B 115 -9.09 16.33 9.30
N PRO B 116 -8.95 15.40 8.35
CA PRO B 116 -7.90 15.46 7.35
C PRO B 116 -7.80 16.78 6.59
N GLY B 117 -8.93 17.42 6.32
CA GLY B 117 -8.95 18.66 5.54
C GLY B 117 -8.80 19.96 6.34
N THR B 118 -8.86 19.86 7.66
CA THR B 118 -8.82 21.05 8.53
C THR B 118 -7.58 21.14 9.42
N ILE B 119 -6.62 20.24 9.20
CA ILE B 119 -5.38 20.27 9.99
C ILE B 119 -4.49 21.42 9.57
N SER B 120 -3.85 22.05 10.56
CA SER B 120 -2.94 23.16 10.37
C SER B 120 -1.61 22.95 11.08
N ASP B 121 -1.39 21.76 11.63
CA ASP B 121 -0.17 21.46 12.38
C ASP B 121 0.91 20.96 11.43
N GLU B 122 2.13 21.44 11.65
CA GLU B 122 3.29 21.06 10.84
C GLU B 122 3.44 19.55 10.78
N ALA B 123 3.31 18.90 11.95
CA ALA B 123 3.55 17.47 12.09
C ALA B 123 2.56 16.59 11.31
N LEU B 124 1.35 17.09 11.10
CA LEU B 124 0.33 16.32 10.38
C LEU B 124 0.33 16.63 8.89
N LEU B 125 0.79 17.83 8.53
CA LEU B 125 0.73 18.29 7.15
C LEU B 125 1.89 17.79 6.31
N GLN B 126 1.72 17.92 5.00
CA GLN B 126 2.72 17.59 4.01
C GLN B 126 3.38 18.88 3.53
N GLU B 127 4.68 19.00 3.77
CA GLU B 127 5.39 20.26 3.58
C GLU B 127 5.12 20.91 2.21
N ARG B 128 5.27 20.16 1.13
CA ARG B 128 5.18 20.73 -0.23
C ARG B 128 3.90 20.35 -0.96
N GLN B 129 2.88 19.93 -0.22
CA GLN B 129 1.61 19.49 -0.81
C GLN B 129 0.48 20.30 -0.21
N ASP B 130 -0.39 20.85 -1.05
CA ASP B 130 -1.60 21.51 -0.57
C ASP B 130 -2.51 20.49 0.10
N ASN B 131 -3.28 20.95 1.08
CA ASN B 131 -4.23 20.12 1.79
C ASN B 131 -5.55 20.86 1.85
N LEU B 132 -6.49 20.44 1.02
CA LEU B 132 -7.74 21.17 0.82
C LEU B 132 -8.95 20.45 1.38
N LEU B 133 -9.66 21.15 2.27
CA LEU B 133 -11.04 20.83 2.57
C LEU B 133 -11.86 21.34 1.41
N ALA B 134 -12.89 20.58 1.03
CA ALA B 134 -13.74 20.94 -0.10
C ALA B 134 -15.16 20.45 0.10
N ALA B 135 -16.10 21.15 -0.52
CA ALA B 135 -17.51 20.80 -0.47
C ALA B 135 -18.07 20.73 -1.89
N ILE B 136 -18.91 19.74 -2.13
CA ILE B 136 -19.49 19.52 -3.46
C ILE B 136 -21.01 19.40 -3.38
N TRP B 137 -21.68 20.13 -4.26
CA TRP B 137 -23.14 20.26 -4.24
C TRP B 137 -23.68 19.95 -5.63
N GLN B 138 -24.82 19.27 -5.71
CA GLN B 138 -25.48 19.03 -6.98
C GLN B 138 -26.91 19.56 -6.97
N ASP B 139 -27.35 20.00 -8.14
CA ASP B 139 -28.57 20.75 -8.32
C ASP B 139 -29.25 20.20 -9.57
N SER B 140 -30.53 20.52 -9.75
CA SER B 140 -31.22 20.19 -10.99
C SER B 140 -30.61 20.96 -12.17
N LYS B 141 -30.01 22.11 -11.89
CA LYS B 141 -29.42 22.97 -12.90
C LYS B 141 -27.92 22.71 -13.11
N GLY B 142 -27.25 22.11 -12.12
CA GLY B 142 -25.83 21.81 -12.25
C GLY B 142 -25.11 21.52 -10.94
N PHE B 143 -23.79 21.70 -10.96
CA PHE B 143 -22.94 21.38 -9.80
C PHE B 143 -22.44 22.64 -9.10
N GLY B 144 -22.08 22.50 -7.82
CA GLY B 144 -21.52 23.61 -7.03
C GLY B 144 -20.35 23.12 -6.19
N TYR B 145 -19.19 23.77 -6.33
CA TYR B 145 -17.95 23.32 -5.68
C TYR B 145 -17.27 24.46 -4.92
N ALA B 146 -16.55 24.10 -3.86
CA ALA B 146 -15.79 25.06 -3.06
C ALA B 146 -14.64 24.35 -2.36
N THR B 147 -13.50 25.03 -2.26
CA THR B 147 -12.32 24.49 -1.59
C THR B 147 -11.71 25.54 -0.64
N LEU B 148 -10.99 25.03 0.37
CA LEU B 148 -10.34 25.86 1.37
C LEU B 148 -9.01 25.27 1.82
N ASP B 149 -7.95 26.06 1.69
CA ASP B 149 -6.69 25.78 2.32
C ASP B 149 -6.72 26.48 3.67
N ILE B 150 -7.02 25.73 4.73
CA ILE B 150 -7.20 26.33 6.05
C ILE B 150 -5.88 26.85 6.63
N SER B 151 -4.76 26.40 6.07
CA SER B 151 -3.46 26.89 6.48
C SER B 151 -3.03 28.16 5.74
N SER B 152 -3.77 28.56 4.71
CA SER B 152 -3.48 29.83 4.03
C SER B 152 -4.68 30.76 3.92
N GLY B 153 -5.86 30.21 4.21
CA GLY B 153 -7.11 30.91 4.05
C GLY B 153 -7.46 31.21 2.62
N ARG B 154 -7.01 30.39 1.69
CA ARG B 154 -7.32 30.61 0.28
C ARG B 154 -8.58 29.88 0.03
N PHE B 155 -9.68 30.60 -0.15
CA PHE B 155 -10.97 29.98 -0.31
C PHE B 155 -11.43 30.26 -1.70
N ARG B 156 -11.88 29.25 -2.42
CA ARG B 156 -12.37 29.46 -3.78
C ARG B 156 -13.72 28.80 -3.95
N LEU B 157 -14.34 29.08 -5.09
CA LEU B 157 -15.70 28.68 -5.38
C LEU B 157 -15.88 28.53 -6.89
N SER B 158 -16.68 27.55 -7.29
CA SER B 158 -17.00 27.36 -8.70
C SER B 158 -18.36 26.67 -8.88
N GLU B 159 -18.87 26.68 -10.10
CA GLU B 159 -20.18 26.10 -10.41
C GLU B 159 -20.15 25.33 -11.72
N PRO B 160 -19.48 24.16 -11.73
CA PRO B 160 -19.35 23.41 -12.98
C PRO B 160 -20.70 23.09 -13.62
N ALA B 161 -20.77 23.23 -14.95
CA ALA B 161 -22.03 23.04 -15.69
C ALA B 161 -22.37 21.55 -15.83
N ASP B 162 -21.34 20.75 -16.10
CA ASP B 162 -21.50 19.32 -16.32
C ASP B 162 -20.52 18.51 -15.47
N ARG B 163 -20.71 17.19 -15.44
CA ARG B 163 -19.85 16.31 -14.65
C ARG B 163 -18.43 16.22 -15.20
N GLU B 164 -18.29 16.44 -16.50
CA GLU B 164 -16.97 16.48 -17.13
C GLU B 164 -16.11 17.58 -16.50
N THR B 165 -16.68 18.78 -16.39
CA THR B 165 -16.02 19.90 -15.72
C THR B 165 -15.90 19.67 -14.22
N MET B 166 -16.88 19.01 -13.61
CA MET B 166 -16.82 18.74 -12.17
C MET B 166 -15.74 17.71 -11.84
N ALA B 167 -15.59 16.72 -12.71
CA ALA B 167 -14.54 15.71 -12.54
C ALA B 167 -13.16 16.34 -12.62
N ALA B 168 -12.99 17.27 -13.57
CA ALA B 168 -11.74 17.99 -13.75
C ALA B 168 -11.38 18.82 -12.51
N GLU B 169 -12.38 19.45 -11.90
CA GLU B 169 -12.18 20.20 -10.67
C GLU B 169 -11.63 19.35 -9.53
N LEU B 170 -12.24 18.19 -9.33
CA LEU B 170 -11.79 17.24 -8.31
C LEU B 170 -10.38 16.75 -8.57
N GLN B 171 -10.13 16.33 -9.81
CA GLN B 171 -8.80 15.89 -10.24
C GLN B 171 -7.77 16.95 -9.92
N ARG B 172 -8.04 18.17 -10.38
CA ARG B 172 -7.14 19.30 -10.21
C ARG B 172 -6.90 19.64 -8.76
N THR B 173 -7.99 19.89 -8.03
CA THR B 173 -7.93 20.26 -6.61
C THR B 173 -7.61 19.12 -5.67
N ASN B 174 -8.11 17.93 -5.94
CA ASN B 174 -7.67 16.79 -5.16
C ASN B 174 -7.76 17.04 -3.67
N PRO B 175 -8.97 17.28 -3.18
CA PRO B 175 -9.20 17.56 -1.77
C PRO B 175 -8.85 16.37 -0.84
N ALA B 176 -8.33 16.69 0.34
CA ALA B 176 -7.98 15.70 1.36
C ALA B 176 -9.22 15.24 2.10
N GLU B 177 -10.22 16.11 2.18
CA GLU B 177 -11.48 15.81 2.82
C GLU B 177 -12.59 16.45 2.02
N LEU B 178 -13.52 15.63 1.54
CA LEU B 178 -14.60 16.09 0.65
C LEU B 178 -15.97 15.98 1.32
N LEU B 179 -16.57 17.14 1.63
CA LEU B 179 -17.94 17.20 2.11
C LEU B 179 -18.87 17.05 0.91
N TYR B 180 -19.99 16.36 1.09
CA TYR B 180 -20.99 16.25 0.03
C TYR B 180 -22.39 16.05 0.61
N ALA B 181 -23.39 16.41 -0.18
CA ALA B 181 -24.78 16.35 0.26
C ALA B 181 -25.31 14.92 0.17
N GLU B 182 -26.21 14.57 1.09
CA GLU B 182 -26.82 13.23 1.08
C GLU B 182 -27.53 12.87 -0.23
N ASP B 183 -28.03 13.88 -0.94
CA ASP B 183 -28.78 13.68 -2.18
C ASP B 183 -27.90 13.80 -3.44
N PHE B 184 -26.59 13.59 -3.31
CA PHE B 184 -25.70 13.72 -4.45
C PHE B 184 -26.01 12.63 -5.48
N ALA B 185 -26.35 13.06 -6.70
CA ALA B 185 -26.68 12.13 -7.76
C ALA B 185 -25.44 11.39 -8.25
N GLU B 186 -24.38 12.14 -8.49
CA GLU B 186 -23.22 11.56 -9.17
C GLU B 186 -22.21 10.88 -8.27
N MET B 187 -22.61 9.79 -7.65
CA MET B 187 -21.68 9.14 -6.75
C MET B 187 -20.42 8.77 -7.49
N SER B 188 -20.57 8.33 -8.74
CA SER B 188 -19.43 7.92 -9.54
C SER B 188 -18.26 8.89 -9.47
N LEU B 189 -18.55 10.20 -9.47
CA LEU B 189 -17.52 11.24 -9.34
C LEU B 189 -16.75 11.14 -8.03
N ILE B 190 -17.45 10.80 -6.95
CA ILE B 190 -16.86 10.89 -5.59
C ILE B 190 -16.55 9.53 -4.94
N GLU B 191 -17.35 8.50 -5.22
CA GLU B 191 -17.12 7.16 -4.65
C GLU B 191 -15.66 6.72 -4.74
N GLY B 192 -15.18 6.08 -3.68
CA GLY B 192 -13.82 5.55 -3.64
C GLY B 192 -12.74 6.61 -3.47
N ARG B 193 -13.13 7.80 -3.04
CA ARG B 193 -12.18 8.86 -2.76
C ARG B 193 -11.94 8.96 -1.25
N ARG B 194 -10.75 9.42 -0.89
CA ARG B 194 -10.39 9.63 0.51
C ARG B 194 -11.14 10.82 1.12
N GLY B 195 -11.38 10.74 2.42
CA GLY B 195 -11.94 11.84 3.20
C GLY B 195 -13.37 12.20 2.87
N LEU B 196 -14.15 11.22 2.42
CA LEU B 196 -15.55 11.44 2.12
C LEU B 196 -16.32 11.75 3.39
N ARG B 197 -17.22 12.72 3.30
CA ARG B 197 -17.97 13.20 4.44
C ARG B 197 -19.38 13.49 3.98
N ARG B 198 -20.30 12.55 4.25
CA ARG B 198 -21.68 12.69 3.83
C ARG B 198 -22.40 13.61 4.81
N ARG B 199 -22.70 14.82 4.36
CA ARG B 199 -23.33 15.84 5.18
C ARG B 199 -24.82 15.91 4.90
N PRO B 200 -25.62 16.34 5.89
CA PRO B 200 -27.05 16.53 5.69
C PRO B 200 -27.37 17.73 4.81
N LEU B 201 -28.46 17.61 4.05
CA LEU B 201 -28.82 18.58 3.01
C LEU B 201 -29.07 20.02 3.52
N TRP B 202 -29.37 20.18 4.80
CA TRP B 202 -29.63 21.52 5.37
C TRP B 202 -28.38 22.41 5.46
N GLU B 203 -27.21 21.80 5.54
CA GLU B 203 -25.96 22.56 5.59
C GLU B 203 -25.64 23.30 4.29
N PHE B 204 -26.30 22.90 3.21
CA PHE B 204 -26.14 23.57 1.92
C PHE B 204 -27.26 24.59 1.66
N GLU B 205 -27.78 25.22 2.72
CA GLU B 205 -28.82 26.24 2.57
C GLU B 205 -28.19 27.57 2.09
N ILE B 206 -28.89 28.25 1.19
CA ILE B 206 -28.34 29.43 0.50
C ILE B 206 -28.38 30.67 1.39
N ASP B 207 -29.48 30.83 2.12
CA ASP B 207 -29.66 32.01 2.97
C ASP B 207 -28.69 32.01 4.16
N THR B 208 -28.42 30.82 4.70
CA THR B 208 -27.45 30.67 5.78
C THR B 208 -26.03 30.84 5.24
N ALA B 209 -25.78 30.29 4.05
CA ALA B 209 -24.49 30.42 3.41
C ALA B 209 -24.13 31.90 3.21
N ARG B 210 -25.06 32.67 2.65
CA ARG B 210 -24.83 34.10 2.42
C ARG B 210 -24.66 34.86 3.74
N GLN B 211 -25.48 34.50 4.73
CA GLN B 211 -25.38 35.08 6.07
C GLN B 211 -24.02 34.76 6.70
N GLN B 212 -23.68 33.48 6.68
CA GLN B 212 -22.48 32.99 7.34
C GLN B 212 -21.19 33.48 6.67
N LEU B 213 -21.22 33.61 5.35
CA LEU B 213 -20.07 34.11 4.58
C LEU B 213 -19.88 35.61 4.80
N ASN B 214 -20.98 36.37 4.75
CA ASN B 214 -20.93 37.80 5.01
C ASN B 214 -20.51 38.11 6.44
N LEU B 215 -20.85 37.22 7.38
CA LEU B 215 -20.40 37.33 8.76
C LEU B 215 -18.89 37.19 8.82
N GLN B 216 -18.40 36.10 8.24
CA GLN B 216 -16.98 35.79 8.23
C GLN B 216 -16.12 36.90 7.61
N PHE B 217 -16.56 37.41 6.47
CA PHE B 217 -15.78 38.41 5.72
C PHE B 217 -16.01 39.83 6.19
N GLY B 218 -16.96 40.03 7.11
CA GLY B 218 -17.27 41.37 7.60
C GLY B 218 -17.82 42.27 6.51
N THR B 219 -18.64 41.70 5.63
CA THR B 219 -19.33 42.45 4.60
C THR B 219 -20.82 42.25 4.87
N ARG B 220 -21.67 43.06 4.24
CA ARG B 220 -23.10 42.78 4.29
C ARG B 220 -23.55 42.05 3.03
N ASP B 221 -22.86 42.32 1.92
CA ASP B 221 -23.13 41.68 0.64
C ASP B 221 -21.82 41.19 0.02
N LEU B 222 -21.90 40.15 -0.80
CA LEU B 222 -20.70 39.53 -1.40
C LEU B 222 -20.46 39.97 -2.86
N VAL B 223 -21.03 41.13 -3.24
CA VAL B 223 -20.86 41.65 -4.59
C VAL B 223 -19.40 41.95 -4.89
N GLY B 224 -18.67 42.42 -3.88
CA GLY B 224 -17.27 42.78 -4.02
C GLY B 224 -16.35 41.60 -4.33
N PHE B 225 -16.66 40.44 -3.75
CA PHE B 225 -15.87 39.22 -4.00
C PHE B 225 -16.23 38.53 -5.33
N GLY B 226 -17.26 39.03 -6.02
CA GLY B 226 -17.67 38.51 -7.31
C GLY B 226 -18.25 37.10 -7.26
N VAL B 227 -18.92 36.78 -6.16
CA VAL B 227 -19.57 35.47 -5.98
C VAL B 227 -21.04 35.61 -5.62
N GLU B 228 -21.58 36.83 -5.73
CA GLU B 228 -22.97 37.12 -5.36
C GLU B 228 -23.97 36.32 -6.23
N ASN B 229 -23.61 36.16 -7.50
CA ASN B 229 -24.36 35.41 -8.55
C ASN B 229 -24.42 33.90 -8.34
N ALA B 230 -23.48 33.35 -7.59
CA ALA B 230 -23.23 31.92 -7.61
C ALA B 230 -23.86 31.22 -6.41
N PRO B 231 -25.17 30.88 -6.49
CA PRO B 231 -25.81 30.27 -5.32
C PRO B 231 -25.35 28.83 -5.07
N ARG B 232 -25.24 28.03 -6.14
CA ARG B 232 -24.73 26.66 -6.04
C ARG B 232 -23.37 26.61 -5.35
N GLY B 233 -22.49 27.53 -5.75
CA GLY B 233 -21.18 27.65 -5.15
C GLY B 233 -21.24 28.09 -3.71
N LEU B 234 -22.09 29.08 -3.45
CA LEU B 234 -22.29 29.61 -2.11
C LEU B 234 -22.81 28.52 -1.15
N CYS B 235 -23.72 27.69 -1.64
CA CYS B 235 -24.25 26.57 -0.85
C CYS B 235 -23.15 25.64 -0.41
N ALA B 236 -22.23 25.35 -1.33
CA ALA B 236 -21.05 24.54 -1.03
C ALA B 236 -20.10 25.29 -0.11
N ALA B 237 -19.91 26.57 -0.40
CA ALA B 237 -19.02 27.41 0.40
C ALA B 237 -19.52 27.55 1.83
N GLY B 238 -20.84 27.69 1.98
CA GLY B 238 -21.46 27.79 3.29
C GLY B 238 -21.28 26.52 4.10
N CYS B 239 -21.68 25.39 3.52
CA CYS B 239 -21.49 24.07 4.12
C CYS B 239 -20.06 23.86 4.60
N LEU B 240 -19.10 24.34 3.80
CA LEU B 240 -17.68 24.19 4.09
C LEU B 240 -17.22 25.08 5.24
N LEU B 241 -17.63 26.35 5.20
CA LEU B 241 -17.25 27.33 6.22
C LEU B 241 -17.76 26.92 7.60
N GLN B 242 -18.99 26.44 7.66
CA GLN B 242 -19.58 25.96 8.91
C GLN B 242 -18.76 24.79 9.46
N TYR B 243 -18.38 23.87 8.59
CA TYR B 243 -17.57 22.71 8.97
C TYR B 243 -16.21 23.15 9.48
N ALA B 244 -15.56 24.02 8.71
CA ALA B 244 -14.26 24.60 9.09
C ALA B 244 -14.32 25.20 10.49
N LYS B 245 -15.32 26.04 10.72
CA LYS B 245 -15.52 26.65 12.03
C LYS B 245 -15.78 25.62 13.12
N ASP B 246 -16.67 24.66 12.84
CA ASP B 246 -17.08 23.68 13.83
C ASP B 246 -15.94 22.82 14.36
N THR B 247 -14.91 22.60 13.55
CA THR B 247 -13.82 21.75 14.01
C THR B 247 -12.64 22.51 14.60
N GLN B 248 -12.41 23.75 14.17
CA GLN B 248 -11.43 24.63 14.81
C GLN B 248 -12.04 25.27 16.05
N ARG B 249 -13.30 25.68 15.94
CA ARG B 249 -14.04 26.34 17.01
C ARG B 249 -13.33 27.58 17.58
N THR B 250 -12.58 28.26 16.71
CA THR B 250 -11.97 29.54 17.02
C THR B 250 -12.33 30.49 15.88
N THR B 251 -12.17 31.78 16.09
CA THR B 251 -12.33 32.72 15.01
C THR B 251 -11.28 32.37 13.95
N LEU B 252 -11.65 32.45 12.67
CA LEU B 252 -10.68 32.17 11.59
C LEU B 252 -10.40 33.43 10.80
N PRO B 253 -9.56 34.32 11.37
CA PRO B 253 -9.29 35.64 10.80
C PRO B 253 -8.59 35.59 9.43
N HIS B 254 -7.71 34.60 9.26
CA HIS B 254 -6.93 34.42 8.04
C HIS B 254 -7.77 34.10 6.80
N ILE B 255 -9.05 33.79 6.99
CA ILE B 255 -9.97 33.60 5.88
C ILE B 255 -10.64 34.96 5.63
N ARG B 256 -10.02 35.76 4.77
CA ARG B 256 -10.43 37.15 4.50
C ARG B 256 -11.25 37.41 3.22
N SER B 257 -11.20 36.48 2.27
CA SER B 257 -11.89 36.65 1.01
C SER B 257 -12.43 35.34 0.41
N ILE B 258 -13.05 35.46 -0.77
CA ILE B 258 -13.46 34.31 -1.57
C ILE B 258 -13.46 34.73 -3.03
N THR B 259 -13.26 33.77 -3.93
CA THR B 259 -13.08 34.07 -5.35
C THR B 259 -13.79 33.07 -6.25
N MET B 260 -14.48 33.60 -7.26
CA MET B 260 -15.04 32.80 -8.34
C MET B 260 -13.96 32.62 -9.41
N GLU B 261 -13.72 31.41 -9.89
CA GLU B 261 -12.81 31.21 -11.05
C GLU B 261 -13.57 31.02 -12.36
N ARG B 262 -13.25 31.82 -13.40
CA ARG B 262 -13.97 31.73 -14.68
C ARG B 262 -13.22 31.00 -15.78
N GLU B 263 -13.82 29.96 -16.34
CA GLU B 263 -13.14 29.07 -17.30
C GLU B 263 -12.40 29.77 -18.45
N GLN B 264 -12.94 30.87 -18.96
CA GLN B 264 -12.35 31.54 -20.12
C GLN B 264 -10.99 32.16 -19.81
N ASP B 265 -10.70 32.36 -18.54
CA ASP B 265 -9.45 32.97 -18.10
C ASP B 265 -8.27 32.01 -18.05
N SER B 266 -8.50 30.71 -18.21
CA SER B 266 -7.43 29.73 -18.14
C SER B 266 -7.57 28.67 -19.23
N ILE B 267 -6.48 27.95 -19.47
CA ILE B 267 -6.46 26.84 -20.42
C ILE B 267 -7.16 25.65 -19.77
N ILE B 268 -8.30 25.26 -20.33
CA ILE B 268 -9.08 24.17 -19.79
C ILE B 268 -8.38 22.85 -20.03
N MET B 269 -8.30 22.03 -18.98
CA MET B 269 -7.73 20.69 -19.08
C MET B 269 -8.61 19.69 -18.31
N ASP B 270 -9.10 18.68 -19.02
CA ASP B 270 -9.86 17.59 -18.41
C ASP B 270 -8.98 16.72 -17.53
N ALA B 271 -9.62 15.86 -16.71
CA ALA B 271 -8.89 15.01 -15.76
C ALA B 271 -7.88 14.10 -16.45
N ALA B 272 -8.31 13.43 -17.51
CA ALA B 272 -7.43 12.55 -18.27
C ALA B 272 -6.21 13.31 -18.77
N THR B 273 -6.42 14.52 -19.30
CA THR B 273 -5.33 15.34 -19.85
C THR B 273 -4.34 15.76 -18.78
N ARG B 274 -4.84 16.01 -17.58
CA ARG B 274 -3.95 16.34 -16.46
C ARG B 274 -3.09 15.15 -16.04
N ARG B 275 -3.70 13.97 -16.03
CA ARG B 275 -2.99 12.77 -15.62
C ARG B 275 -2.04 12.26 -16.70
N ASN B 276 -2.40 12.47 -17.97
CA ASN B 276 -1.55 12.06 -19.09
C ASN B 276 -0.34 12.95 -19.25
N LEU B 277 -0.46 14.20 -18.84
CA LEU B 277 0.66 15.12 -18.90
C LEU B 277 1.51 15.05 -17.63
N GLU B 278 1.04 14.31 -16.64
CA GLU B 278 1.76 14.07 -15.39
C GLU B 278 2.37 15.38 -14.86
N ILE B 279 1.51 16.38 -14.65
CA ILE B 279 1.93 17.72 -14.26
C ILE B 279 2.49 17.74 -12.85
N THR B 280 1.77 17.14 -11.91
CA THR B 280 2.27 16.98 -10.54
C THR B 280 2.21 15.55 -10.02
N GLN B 281 1.70 14.63 -10.85
CA GLN B 281 1.40 13.28 -10.41
C GLN B 281 1.60 12.29 -11.54
N ASN B 282 2.54 11.37 -11.37
CA ASN B 282 2.77 10.37 -12.40
C ASN B 282 1.61 9.37 -12.48
N LEU B 283 1.59 8.62 -13.57
CA LEU B 283 0.52 7.65 -13.82
C LEU B 283 0.45 6.56 -12.74
N ALA B 284 1.58 6.28 -12.08
CA ALA B 284 1.62 5.29 -11.01
C ALA B 284 1.07 5.84 -9.70
N GLY B 285 1.03 7.17 -9.57
CA GLY B 285 0.43 7.82 -8.40
C GLY B 285 1.38 8.78 -7.69
N GLY B 286 2.68 8.49 -7.77
CA GLY B 286 3.69 9.29 -7.08
C GLY B 286 3.95 10.62 -7.73
N ALA B 287 4.97 11.32 -7.24
CA ALA B 287 5.34 12.64 -7.73
C ALA B 287 6.62 12.66 -8.54
N GLU B 288 7.33 11.54 -8.60
CA GLU B 288 8.57 11.47 -9.38
C GLU B 288 8.28 11.48 -10.87
N ASN B 289 9.25 11.94 -11.66
CA ASN B 289 9.13 11.99 -13.12
C ASN B 289 7.87 12.73 -13.57
N THR B 290 7.65 13.89 -12.98
CA THR B 290 6.55 14.77 -13.37
C THR B 290 7.12 16.11 -13.81
N LEU B 291 6.29 16.91 -14.47
CA LEU B 291 6.72 18.22 -14.90
C LEU B 291 7.14 19.02 -13.67
N ALA B 292 6.37 18.90 -12.60
CA ALA B 292 6.68 19.61 -11.36
C ALA B 292 8.00 19.14 -10.75
N SER B 293 8.28 17.85 -10.84
CA SER B 293 9.54 17.31 -10.32
C SER B 293 10.76 17.95 -10.98
N VAL B 294 10.61 18.40 -12.23
CA VAL B 294 11.68 19.07 -12.95
C VAL B 294 11.71 20.57 -12.69
N LEU B 295 10.54 21.21 -12.69
CA LEU B 295 10.48 22.67 -12.58
C LEU B 295 10.57 23.15 -11.15
N ASP B 296 10.12 22.33 -10.22
CA ASP B 296 10.03 22.78 -8.86
C ASP B 296 11.33 22.59 -8.11
N CYS B 297 12.16 23.62 -8.14
CA CYS B 297 13.36 23.66 -7.33
C CYS B 297 13.30 24.88 -6.44
N THR B 298 12.09 25.14 -5.96
CA THR B 298 11.80 26.23 -5.09
C THR B 298 12.44 25.97 -3.74
N VAL B 299 12.79 27.04 -3.04
CA VAL B 299 13.50 26.94 -1.77
C VAL B 299 12.56 26.98 -0.55
N THR B 300 11.34 27.50 -0.70
CA THR B 300 10.35 27.46 0.38
C THR B 300 9.21 26.51 0.05
N PRO B 301 8.58 25.90 1.07
CA PRO B 301 7.44 25.03 0.80
C PRO B 301 6.25 25.76 0.17
N MET B 302 5.95 26.95 0.65
CA MET B 302 4.85 27.74 0.08
C MET B 302 5.07 28.07 -1.39
N GLY B 303 6.33 28.28 -1.78
CA GLY B 303 6.67 28.49 -3.18
C GLY B 303 6.42 27.24 -4.00
N SER B 304 6.87 26.11 -3.48
CA SER B 304 6.61 24.82 -4.10
C SER B 304 5.11 24.63 -4.35
N ARG B 305 4.31 24.83 -3.32
CA ARG B 305 2.87 24.62 -3.40
C ARG B 305 2.21 25.57 -4.41
N MET B 306 2.72 26.78 -4.50
CA MET B 306 2.19 27.78 -5.43
C MET B 306 2.47 27.39 -6.87
N LEU B 307 3.72 27.03 -7.15
CA LEU B 307 4.12 26.65 -8.50
C LEU B 307 3.29 25.48 -9.02
N LYS B 308 2.95 24.55 -8.14
CA LYS B 308 2.10 23.44 -8.52
C LYS B 308 0.70 23.91 -8.90
N ARG B 309 0.16 24.89 -8.18
CA ARG B 309 -1.12 25.49 -8.53
C ARG B 309 -1.03 26.19 -9.90
N TRP B 310 0.08 26.88 -10.14
CA TRP B 310 0.31 27.56 -11.42
C TRP B 310 0.31 26.60 -12.59
N LEU B 311 1.00 25.48 -12.43
CA LEU B 311 1.10 24.48 -13.50
C LEU B 311 -0.26 23.93 -13.91
N HIS B 312 -1.16 23.78 -12.94
CA HIS B 312 -2.51 23.25 -13.21
C HIS B 312 -3.45 24.33 -13.67
N MET B 313 -3.05 25.59 -13.55
CA MET B 313 -3.89 26.70 -13.99
C MET B 313 -3.09 27.63 -14.91
N PRO B 314 -2.81 27.18 -16.13
CA PRO B 314 -2.22 28.10 -17.11
C PRO B 314 -3.17 29.25 -17.38
N VAL B 315 -2.69 30.48 -17.20
CA VAL B 315 -3.51 31.66 -17.44
C VAL B 315 -3.48 32.02 -18.92
N ARG B 316 -4.57 32.60 -19.39
CA ARG B 316 -4.64 33.07 -20.77
C ARG B 316 -4.35 34.57 -20.90
N ASP B 317 -4.32 35.28 -19.77
CA ASP B 317 -4.17 36.73 -19.79
C ASP B 317 -2.74 37.12 -20.17
N THR B 318 -2.57 37.60 -21.40
CA THR B 318 -1.26 37.99 -21.94
C THR B 318 -0.49 38.96 -21.03
N ARG B 319 -1.19 39.92 -20.41
CA ARG B 319 -0.52 40.86 -19.52
C ARG B 319 0.19 40.14 -18.38
N VAL B 320 -0.50 39.18 -17.77
CA VAL B 320 0.10 38.40 -16.68
C VAL B 320 1.28 37.60 -17.19
N LEU B 321 1.08 36.95 -18.33
CA LEU B 321 2.12 36.10 -18.92
C LEU B 321 3.36 36.92 -19.21
N LEU B 322 3.18 38.02 -19.95
CA LEU B 322 4.31 38.88 -20.29
C LEU B 322 5.02 39.41 -19.04
N GLU B 323 4.27 39.69 -17.98
CA GLU B 323 4.88 40.15 -16.73
C GLU B 323 5.73 39.08 -16.07
N ARG B 324 5.32 37.83 -16.16
CA ARG B 324 6.11 36.73 -15.62
C ARG B 324 7.40 36.55 -16.40
N GLN B 325 7.29 36.62 -17.72
CA GLN B 325 8.46 36.51 -18.60
C GLN B 325 9.48 37.61 -18.30
N GLN B 326 9.00 38.83 -18.08
CA GLN B 326 9.85 39.96 -17.70
C GLN B 326 10.58 39.69 -16.39
N THR B 327 9.80 39.31 -15.39
CA THR B 327 10.33 39.01 -14.08
C THR B 327 11.39 37.91 -14.14
N ILE B 328 11.11 36.89 -14.95
CA ILE B 328 12.02 35.76 -15.10
C ILE B 328 13.33 36.22 -15.73
N GLY B 329 13.25 36.99 -16.81
CA GLY B 329 14.44 37.55 -17.46
C GLY B 329 15.25 38.44 -16.53
N ALA B 330 14.56 39.33 -15.82
CA ALA B 330 15.19 40.27 -14.91
C ALA B 330 15.95 39.58 -13.80
N LEU B 331 15.38 38.52 -13.24
CA LEU B 331 15.93 37.87 -12.05
C LEU B 331 17.01 36.83 -12.33
N GLN B 332 17.36 36.58 -13.59
CA GLN B 332 18.30 35.51 -13.93
C GLN B 332 19.70 35.67 -13.31
N ASP B 333 20.19 36.90 -13.27
CA ASP B 333 21.50 37.18 -12.68
C ASP B 333 21.50 37.09 -11.16
N PHE B 334 20.33 37.27 -10.54
CA PHE B 334 20.25 37.34 -9.08
C PHE B 334 19.67 36.08 -8.42
N THR B 335 19.59 34.97 -9.15
CA THR B 335 19.05 33.72 -8.58
C THR B 335 19.98 33.16 -7.52
N ALA B 336 21.28 33.13 -7.79
CA ALA B 336 22.25 32.63 -6.83
C ALA B 336 22.19 33.44 -5.53
N GLY B 337 21.95 34.74 -5.66
CA GLY B 337 21.92 35.64 -4.51
C GLY B 337 20.66 35.53 -3.67
N LEU B 338 19.50 35.50 -4.31
CA LEU B 338 18.21 35.51 -3.61
C LEU B 338 17.88 34.19 -2.95
N GLN B 339 18.08 33.09 -3.67
CA GLN B 339 17.61 31.77 -3.21
C GLN B 339 18.10 31.32 -1.82
N PRO B 340 19.40 31.50 -1.51
CA PRO B 340 19.87 31.18 -0.16
C PRO B 340 19.17 31.98 0.94
N VAL B 341 18.84 33.24 0.65
CA VAL B 341 18.14 34.10 1.60
C VAL B 341 16.66 33.70 1.69
N LEU B 342 16.03 33.49 0.54
CA LEU B 342 14.62 33.10 0.49
C LEU B 342 14.39 31.82 1.27
N ARG B 343 15.31 30.89 1.13
CA ARG B 343 15.25 29.62 1.86
C ARG B 343 15.01 29.83 3.36
N GLN B 344 15.65 30.86 3.94
CA GLN B 344 15.55 31.11 5.36
C GLN B 344 14.20 31.68 5.79
N VAL B 345 13.40 32.16 4.84
CA VAL B 345 12.05 32.60 5.15
C VAL B 345 11.17 31.40 5.50
N GLY B 346 11.33 30.31 4.76
CA GLY B 346 10.60 29.07 5.04
C GLY B 346 9.12 29.17 4.70
N ASP B 347 8.33 28.33 5.35
CA ASP B 347 6.89 28.28 5.14
C ASP B 347 6.19 29.28 6.06
N LEU B 348 6.43 30.56 5.80
CA LEU B 348 5.78 31.62 6.55
C LEU B 348 4.27 31.54 6.41
N GLU B 349 3.82 31.15 5.22
CA GLU B 349 2.38 30.99 4.94
C GLU B 349 1.67 30.16 6.00
N ARG B 350 2.20 28.98 6.30
CA ARG B 350 1.56 28.08 7.25
C ARG B 350 1.83 28.46 8.71
N ILE B 351 2.92 29.19 8.95
CA ILE B 351 3.20 29.73 10.29
C ILE B 351 2.14 30.74 10.67
N LEU B 352 1.74 31.58 9.71
CA LEU B 352 0.74 32.61 9.95
C LEU B 352 -0.64 32.03 10.25
N ALA B 353 -0.94 30.85 9.72
CA ALA B 353 -2.19 30.17 10.04
C ALA B 353 -2.25 29.78 11.51
N ARG B 354 -1.16 29.20 12.01
CA ARG B 354 -1.07 28.84 13.43
C ARG B 354 -1.06 30.08 14.33
N LEU B 355 -0.62 31.22 13.78
CA LEU B 355 -0.75 32.49 14.46
C LEU B 355 -2.22 32.89 14.53
N ALA B 356 -2.87 32.85 13.36
CA ALA B 356 -4.30 33.20 13.24
C ALA B 356 -5.21 32.31 14.09
N LEU B 357 -4.81 31.04 14.26
CA LEU B 357 -5.60 30.08 15.03
C LEU B 357 -5.17 30.05 16.50
N ARG B 358 -4.19 30.89 16.84
CA ARG B 358 -3.64 30.97 18.20
C ARG B 358 -3.09 29.63 18.68
N THR B 359 -2.46 28.89 17.77
CA THR B 359 -1.83 27.62 18.09
C THR B 359 -0.32 27.63 17.83
N ALA B 360 0.22 28.78 17.41
CA ALA B 360 1.63 28.89 17.07
C ALA B 360 2.50 28.63 18.30
N ARG B 361 3.46 27.72 18.14
CA ARG B 361 4.37 27.34 19.21
C ARG B 361 5.65 28.16 19.11
N PRO B 362 6.45 28.22 20.19
CA PRO B 362 7.63 29.10 20.22
C PRO B 362 8.50 29.03 18.98
N ARG B 363 8.68 27.81 18.46
CA ARG B 363 9.49 27.61 17.27
C ARG B 363 8.88 28.30 16.03
N ASP B 364 7.54 28.30 15.93
CA ASP B 364 6.86 29.01 14.85
C ASP B 364 7.25 30.50 14.85
N LEU B 365 7.17 31.13 16.02
CA LEU B 365 7.46 32.57 16.15
C LEU B 365 8.94 32.85 15.95
N ALA B 366 9.79 31.90 16.34
CA ALA B 366 11.22 32.02 16.11
C ALA B 366 11.50 31.98 14.60
N ARG B 367 10.85 31.05 13.91
CA ARG B 367 10.98 30.94 12.44
C ARG B 367 10.36 32.15 11.73
N MET B 368 9.32 32.72 12.32
CA MET B 368 8.71 33.94 11.83
C MET B 368 9.65 35.13 12.04
N ARG B 369 10.32 35.15 13.19
CA ARG B 369 11.34 36.16 13.47
C ARG B 369 12.52 36.00 12.53
N HIS B 370 12.93 34.75 12.29
CA HIS B 370 14.02 34.46 11.37
C HIS B 370 13.69 34.90 9.95
N ALA B 371 12.42 34.77 9.57
CA ALA B 371 11.93 35.20 8.26
C ALA B 371 12.00 36.72 8.11
N PHE B 372 11.59 37.44 9.15
CA PHE B 372 11.62 38.91 9.13
C PHE B 372 13.03 39.47 8.97
N GLN B 373 14.02 38.71 9.48
CA GLN B 373 15.42 39.10 9.39
C GLN B 373 15.96 39.03 7.96
N GLN B 374 15.34 38.19 7.15
CA GLN B 374 15.76 38.06 5.75
C GLN B 374 15.23 39.19 4.87
N LEU B 375 14.19 39.88 5.36
CA LEU B 375 13.48 40.87 4.55
C LEU B 375 14.31 42.07 4.11
N PRO B 376 15.03 42.73 5.03
CA PRO B 376 15.92 43.82 4.59
C PRO B 376 16.95 43.37 3.56
N GLU B 377 17.50 42.17 3.72
CA GLU B 377 18.45 41.60 2.76
C GLU B 377 17.81 41.44 1.38
N LEU B 378 16.60 40.88 1.34
CA LEU B 378 15.88 40.67 0.08
C LEU B 378 15.50 41.98 -0.59
N ARG B 379 15.05 42.94 0.20
CA ARG B 379 14.73 44.28 -0.30
C ARG B 379 15.96 44.96 -0.91
N ALA B 380 17.12 44.73 -0.30
CA ALA B 380 18.38 45.29 -0.78
C ALA B 380 18.76 44.70 -2.13
N GLN B 381 18.58 43.39 -2.27
CA GLN B 381 18.91 42.69 -3.50
C GLN B 381 17.97 43.08 -4.63
N LEU B 382 16.67 43.13 -4.32
CA LEU B 382 15.64 43.39 -5.33
C LEU B 382 15.53 44.85 -5.78
N GLU B 383 16.17 45.79 -5.07
CA GLU B 383 16.09 47.21 -5.40
C GLU B 383 16.72 47.50 -6.75
N THR B 384 17.85 46.85 -7.00
CA THR B 384 18.58 47.04 -8.25
C THR B 384 17.93 46.31 -9.44
N VAL B 385 17.02 45.37 -9.17
CA VAL B 385 16.35 44.63 -10.25
C VAL B 385 15.39 45.52 -11.03
N ASP B 386 15.55 45.57 -12.34
CA ASP B 386 14.74 46.45 -13.14
C ASP B 386 13.49 45.75 -13.67
N SER B 387 12.41 45.80 -12.89
CA SER B 387 11.12 45.29 -13.32
C SER B 387 10.02 45.91 -12.49
N ALA B 388 8.93 46.33 -13.11
CA ALA B 388 7.81 46.84 -12.34
C ALA B 388 7.18 45.72 -11.53
N PRO B 389 6.99 44.55 -12.16
CA PRO B 389 6.53 43.38 -11.43
C PRO B 389 7.34 43.04 -10.17
N VAL B 390 8.66 43.05 -10.30
CA VAL B 390 9.55 42.70 -9.18
C VAL B 390 9.48 43.75 -8.08
N GLN B 391 9.45 45.03 -8.46
CA GLN B 391 9.36 46.11 -7.49
C GLN B 391 8.02 46.08 -6.76
N ALA B 392 6.98 45.59 -7.44
CA ALA B 392 5.67 45.43 -6.82
C ALA B 392 5.71 44.36 -5.72
N LEU B 393 6.40 43.26 -6.01
CA LEU B 393 6.61 42.20 -5.03
C LEU B 393 7.47 42.67 -3.87
N ARG B 394 8.51 43.44 -4.19
CA ARG B 394 9.39 44.03 -3.21
C ARG B 394 8.59 44.86 -2.22
N GLU B 395 7.65 45.65 -2.72
CA GLU B 395 6.77 46.48 -1.91
C GLU B 395 5.86 45.62 -1.06
N LYS B 396 5.15 44.68 -1.70
CA LYS B 396 4.20 43.79 -1.03
C LYS B 396 4.87 42.91 0.04
N MET B 397 6.15 42.62 -0.17
CA MET B 397 6.93 41.78 0.74
C MET B 397 7.01 42.36 2.14
N GLY B 398 7.12 43.69 2.25
CA GLY B 398 7.10 44.36 3.55
C GLY B 398 8.41 44.27 4.28
N GLU B 399 8.47 44.84 5.48
CA GLU B 399 9.67 44.74 6.30
C GLU B 399 9.41 44.35 7.75
N PHE B 400 8.30 44.78 8.32
CA PHE B 400 7.91 44.39 9.67
C PHE B 400 9.02 44.58 10.69
N ALA B 401 9.64 45.76 10.67
CA ALA B 401 10.79 46.05 11.52
C ALA B 401 10.46 45.91 13.00
N GLU B 402 9.33 46.49 13.42
CA GLU B 402 8.92 46.45 14.82
C GLU B 402 8.67 45.02 15.30
N LEU B 403 8.01 44.23 14.46
CA LEU B 403 7.70 42.85 14.80
C LEU B 403 8.98 42.00 14.86
N ARG B 404 9.88 42.23 13.91
CA ARG B 404 11.20 41.58 13.95
C ARG B 404 11.89 41.90 15.27
N ASP B 405 11.93 43.19 15.60
CA ASP B 405 12.51 43.63 16.86
C ASP B 405 11.78 43.04 18.06
N LEU B 406 10.45 43.04 18.00
CA LEU B 406 9.64 42.53 19.09
C LEU B 406 10.05 41.12 19.47
N LEU B 407 10.09 40.24 18.47
CA LEU B 407 10.36 38.83 18.69
C LEU B 407 11.82 38.56 19.05
N GLU B 408 12.71 39.44 18.60
CA GLU B 408 14.12 39.35 19.00
C GLU B 408 14.25 39.57 20.51
N ARG B 409 13.52 40.56 21.02
CA ARG B 409 13.51 40.85 22.44
C ARG B 409 12.69 39.84 23.25
N ALA B 410 11.53 39.45 22.72
CA ALA B 410 10.54 38.70 23.49
C ALA B 410 10.88 37.24 23.70
N ILE B 411 11.52 36.61 22.71
CA ILE B 411 11.78 35.17 22.73
C ILE B 411 13.27 34.87 22.60
N ILE B 412 13.74 33.83 23.30
CA ILE B 412 15.15 33.47 23.30
C ILE B 412 15.59 32.98 21.93
N ASP B 413 16.90 32.79 21.76
CA ASP B 413 17.46 32.38 20.46
C ASP B 413 16.81 31.12 19.93
N THR B 414 17.03 29.98 20.59
CA THR B 414 16.40 28.73 20.18
C THR B 414 15.44 28.26 21.27
N PRO B 415 14.15 28.66 21.18
CA PRO B 415 13.19 28.33 22.24
C PRO B 415 12.81 26.85 22.25
N PRO B 416 12.14 26.38 23.32
CA PRO B 416 11.65 25.00 23.36
C PRO B 416 10.54 24.76 22.35
N VAL B 417 10.02 23.54 22.28
CA VAL B 417 8.98 23.18 21.31
C VAL B 417 7.63 23.71 21.78
N LEU B 418 7.43 23.77 23.10
CA LEU B 418 6.18 24.24 23.70
C LEU B 418 6.44 25.35 24.74
N VAL B 419 5.39 26.09 25.07
CA VAL B 419 5.43 27.10 26.15
C VAL B 419 5.11 26.45 27.49
N ARG B 420 4.49 25.28 27.42
CA ARG B 420 3.96 24.58 28.58
C ARG B 420 4.89 24.62 29.80
N ASP B 421 6.16 24.30 29.56
CA ASP B 421 7.16 24.19 30.63
C ASP B 421 7.96 25.48 30.84
N GLY B 422 7.65 26.51 30.04
CA GLY B 422 8.34 27.78 30.13
C GLY B 422 9.70 27.77 29.48
N GLY B 423 10.49 28.81 29.76
CA GLY B 423 11.80 28.96 29.14
C GLY B 423 11.75 29.55 27.73
N VAL B 424 10.58 30.03 27.31
CA VAL B 424 10.42 30.62 25.99
C VAL B 424 10.86 32.06 25.96
N ILE B 425 10.38 32.84 26.93
CA ILE B 425 10.58 34.30 26.96
C ILE B 425 12.01 34.64 27.36
N ALA B 426 12.60 35.60 26.67
CA ALA B 426 13.98 36.00 26.93
C ALA B 426 14.04 37.02 28.05
N SER B 427 15.16 37.05 28.76
CA SER B 427 15.34 37.99 29.86
C SER B 427 15.55 39.39 29.28
N GLY B 428 15.09 40.40 30.02
CA GLY B 428 15.14 41.78 29.57
C GLY B 428 13.86 42.25 28.91
N TYR B 429 12.99 41.31 28.54
CA TYR B 429 11.71 41.65 27.89
C TYR B 429 10.74 42.12 28.94
N ASN B 430 10.77 41.47 30.10
CA ASN B 430 9.86 41.78 31.17
C ASN B 430 10.60 41.83 32.51
N GLU B 431 10.43 42.92 33.24
CA GLU B 431 11.14 43.15 34.49
C GLU B 431 10.59 42.28 35.62
N GLU B 432 9.27 42.14 35.69
CA GLU B 432 8.63 41.28 36.67
C GLU B 432 9.14 39.85 36.55
N LEU B 433 9.17 39.35 35.32
CA LEU B 433 9.61 37.98 35.02
C LEU B 433 11.05 37.73 35.45
N ASP B 434 11.93 38.67 35.13
CA ASP B 434 13.35 38.55 35.47
C ASP B 434 13.56 38.47 36.99
N GLU B 435 12.75 39.23 37.73
CA GLU B 435 12.80 39.21 39.18
C GLU B 435 12.40 37.85 39.73
N TRP B 436 11.28 37.31 39.25
CA TRP B 436 10.82 35.98 39.67
C TRP B 436 11.84 34.89 39.40
N ARG B 437 12.53 35.01 38.26
CA ARG B 437 13.57 34.06 37.87
C ARG B 437 14.80 34.16 38.79
N ALA B 438 15.15 35.38 39.17
CA ALA B 438 16.28 35.61 40.06
C ALA B 438 16.01 35.06 41.46
N LEU B 439 14.76 35.15 41.90
CA LEU B 439 14.35 34.57 43.18
C LEU B 439 14.45 33.04 43.12
N ALA B 440 13.96 32.45 42.04
CA ALA B 440 14.08 31.01 41.83
C ALA B 440 15.54 30.57 41.85
N ASP B 441 16.37 31.29 41.10
CA ASP B 441 17.80 31.04 41.03
C ASP B 441 18.50 31.36 42.34
N GLY B 442 17.92 32.28 43.12
CA GLY B 442 18.42 32.59 44.45
C GLY B 442 18.29 31.41 45.41
N ALA B 443 17.11 30.78 45.41
CA ALA B 443 16.87 29.59 46.21
C ALA B 443 17.61 28.37 45.64
N THR B 444 17.79 28.34 44.32
CA THR B 444 18.61 27.33 43.67
C THR B 444 20.02 27.35 44.23
N ASP B 445 20.61 28.56 44.27
CA ASP B 445 21.96 28.75 44.80
C ASP B 445 22.03 28.34 46.26
N TYR B 446 21.10 28.84 47.07
CA TYR B 446 21.05 28.52 48.49
C TYR B 446 21.07 27.01 48.73
N LEU B 447 20.25 26.29 47.96
CA LEU B 447 20.16 24.84 48.07
C LEU B 447 21.43 24.14 47.61
N GLU B 448 22.09 24.72 46.61
CA GLU B 448 23.34 24.17 46.10
C GLU B 448 24.45 24.30 47.15
N ARG B 449 24.51 25.44 47.82
CA ARG B 449 25.47 25.65 48.91
C ARG B 449 25.08 24.90 50.17
N LEU B 450 23.80 24.56 50.30
CA LEU B 450 23.31 23.73 51.39
C LEU B 450 23.84 22.30 51.28
N GLU B 451 23.99 21.81 50.05
CA GLU B 451 24.50 20.46 49.81
C GLU B 451 25.93 20.31 50.33
N VAL B 452 26.83 21.20 49.87
CA VAL B 452 28.24 21.17 50.29
C VAL B 452 28.40 21.46 51.78
N ARG B 453 27.50 22.29 52.32
CA ARG B 453 27.49 22.59 53.75
C ARG B 453 27.18 21.35 54.57
N GLU B 454 26.09 20.67 54.21
CA GLU B 454 25.62 19.52 54.98
C GLU B 454 26.52 18.30 54.82
N ARG B 455 27.10 18.09 53.65
CA ARG B 455 28.01 16.97 53.45
C ARG B 455 29.35 17.22 54.15
N GLU B 456 29.75 18.49 54.26
CA GLU B 456 30.91 18.88 55.07
C GLU B 456 30.60 18.68 56.55
N ARG B 457 29.48 19.24 56.99
CA ARG B 457 29.07 19.20 58.40
C ARG B 457 28.87 17.78 58.94
N THR B 458 28.32 16.89 58.12
CA THR B 458 28.11 15.51 58.52
C THR B 458 29.34 14.64 58.25
N GLY B 459 30.10 15.00 57.22
CA GLY B 459 31.28 14.21 56.81
C GLY B 459 30.94 13.04 55.92
N LEU B 460 29.70 13.01 55.42
CA LEU B 460 29.19 11.91 54.62
C LEU B 460 29.30 12.23 53.14
N ASP B 461 30.17 11.53 52.42
CA ASP B 461 30.48 11.86 51.03
C ASP B 461 29.32 11.55 50.05
N THR B 462 28.49 10.58 50.40
CA THR B 462 27.33 10.23 49.57
C THR B 462 26.16 11.20 49.73
N LEU B 463 26.25 12.10 50.70
CA LEU B 463 25.17 13.08 50.95
C LEU B 463 24.96 13.98 49.74
N LYS B 464 23.73 13.97 49.22
CA LYS B 464 23.34 14.76 48.05
C LYS B 464 22.05 15.48 48.34
N VAL B 465 21.78 16.51 47.54
CA VAL B 465 20.49 17.19 47.58
C VAL B 465 19.82 16.98 46.24
N GLY B 466 18.57 16.51 46.27
CA GLY B 466 17.82 16.19 45.06
C GLY B 466 16.38 16.66 45.15
N PHE B 467 15.63 16.45 44.08
CA PHE B 467 14.23 16.84 44.01
C PHE B 467 13.38 15.74 43.39
N ASN B 468 12.22 15.52 43.97
CA ASN B 468 11.24 14.54 43.52
C ASN B 468 9.89 15.25 43.44
N ALA B 469 9.15 15.02 42.36
CA ALA B 469 7.81 15.59 42.21
C ALA B 469 6.92 15.19 43.39
N VAL B 470 7.06 13.93 43.80
CA VAL B 470 6.25 13.38 44.89
C VAL B 470 6.65 13.95 46.26
N HIS B 471 7.94 13.83 46.60
CA HIS B 471 8.43 14.17 47.95
C HIS B 471 9.04 15.55 48.08
N GLY B 472 9.19 16.28 46.97
CA GLY B 472 9.80 17.61 46.99
C GLY B 472 11.31 17.51 47.07
N TYR B 473 11.94 18.56 47.58
CA TYR B 473 13.39 18.52 47.84
C TYR B 473 13.70 17.56 48.99
N TYR B 474 14.91 16.97 48.96
CA TYR B 474 15.34 16.02 49.99
C TYR B 474 16.86 16.01 50.09
N ILE B 475 17.36 15.43 51.18
CA ILE B 475 18.80 15.15 51.34
C ILE B 475 18.94 13.64 51.29
N GLN B 476 19.60 13.14 50.26
CA GLN B 476 19.78 11.69 50.12
C GLN B 476 21.10 11.25 50.73
N ILE B 477 21.08 10.14 51.46
CA ILE B 477 22.29 9.51 51.99
C ILE B 477 22.24 8.02 51.66
N SER B 478 23.41 7.42 51.43
CA SER B 478 23.49 6.01 51.03
C SER B 478 23.15 5.07 52.16
N ARG B 479 22.76 3.85 51.80
CA ARG B 479 22.44 2.77 52.76
C ARG B 479 23.54 2.62 53.80
N GLY B 480 24.78 2.62 53.34
CA GLY B 480 25.94 2.47 54.21
C GLY B 480 26.12 3.57 55.25
N GLN B 481 25.76 4.79 54.87
CA GLN B 481 25.93 5.95 55.75
C GLN B 481 24.62 6.46 56.37
N SER B 482 23.53 5.73 56.15
CA SER B 482 22.21 6.08 56.67
C SER B 482 22.21 6.29 58.18
N HIS B 483 22.87 5.39 58.91
CA HIS B 483 22.93 5.42 60.36
C HIS B 483 23.63 6.67 60.91
N LEU B 484 24.49 7.28 60.11
CA LEU B 484 25.22 8.49 60.51
C LEU B 484 24.47 9.79 60.17
N ALA B 485 23.19 9.69 59.83
CA ALA B 485 22.38 10.88 59.55
C ALA B 485 22.11 11.65 60.83
N PRO B 486 22.20 13.00 60.79
CA PRO B 486 21.94 13.85 61.96
C PRO B 486 20.56 13.67 62.59
N ILE B 487 20.47 13.99 63.88
CA ILE B 487 19.23 13.86 64.64
C ILE B 487 18.05 14.63 64.02
N ASN B 488 18.32 15.83 63.49
CA ASN B 488 17.26 16.70 62.94
C ASN B 488 16.74 16.27 61.56
N TYR B 489 17.43 15.35 60.92
CA TYR B 489 16.99 14.83 59.63
C TYR B 489 15.74 13.97 59.81
N MET B 490 14.62 14.41 59.24
CA MET B 490 13.38 13.63 59.26
C MET B 490 13.36 12.77 58.01
N ARG B 491 13.48 11.45 58.19
CA ARG B 491 13.39 10.52 57.06
C ARG B 491 11.96 10.44 56.54
N ARG B 492 11.81 10.60 55.23
CA ARG B 492 10.51 10.51 54.58
C ARG B 492 10.46 9.57 53.40
N GLN B 493 11.60 8.99 53.01
CA GLN B 493 11.59 7.98 51.94
C GLN B 493 12.81 7.08 52.03
N THR B 494 12.57 5.77 51.86
CA THR B 494 13.61 4.76 51.89
C THR B 494 13.66 4.08 50.54
N LEU B 495 14.87 3.93 50.00
CA LEU B 495 15.08 3.22 48.75
C LEU B 495 15.97 2.03 49.03
N LYS B 496 16.23 1.23 48.00
CA LYS B 496 17.00 0.00 48.17
C LYS B 496 18.39 0.27 48.75
N ASN B 497 19.16 1.10 48.08
CA ASN B 497 20.52 1.41 48.50
C ASN B 497 20.68 2.84 49.05
N ALA B 498 19.59 3.45 49.49
CA ALA B 498 19.63 4.84 49.94
C ALA B 498 18.46 5.23 50.83
N GLU B 499 18.65 6.31 51.56
CA GLU B 499 17.63 6.91 52.42
C GLU B 499 17.51 8.41 52.14
N ARG B 500 16.29 8.96 52.19
CA ARG B 500 16.07 10.39 51.92
C ARG B 500 15.39 11.07 53.07
N TYR B 501 15.86 12.28 53.39
CA TYR B 501 15.38 13.02 54.54
C TYR B 501 14.96 14.43 54.16
N ILE B 502 14.33 15.13 55.10
CA ILE B 502 14.02 16.56 54.94
C ILE B 502 14.19 17.32 56.24
N ILE B 503 14.52 18.60 56.12
CA ILE B 503 14.68 19.49 57.25
C ILE B 503 13.88 20.79 56.96
N PRO B 504 13.48 21.53 58.00
CA PRO B 504 12.66 22.73 57.78
C PRO B 504 13.30 23.83 56.89
N GLU B 505 14.63 23.95 56.96
CA GLU B 505 15.39 24.88 56.12
C GLU B 505 15.23 24.52 54.65
N LEU B 506 15.28 23.22 54.38
CA LEU B 506 15.17 22.71 53.02
C LEU B 506 13.73 22.88 52.51
N LYS B 507 12.77 22.61 53.37
CA LYS B 507 11.35 22.80 53.04
C LYS B 507 10.99 24.27 52.85
N GLU B 508 11.68 25.16 53.57
CA GLU B 508 11.42 26.60 53.47
C GLU B 508 11.76 27.13 52.08
N TYR B 509 12.94 26.77 51.58
CA TYR B 509 13.38 27.26 50.27
C TYR B 509 12.74 26.49 49.11
N GLU B 510 12.17 25.33 49.42
CA GLU B 510 11.36 24.62 48.45
C GLU B 510 10.13 25.44 48.10
N ASP B 511 9.42 25.92 49.14
CA ASP B 511 8.26 26.79 48.93
C ASP B 511 8.66 28.06 48.20
N LYS B 512 9.88 28.52 48.46
CA LYS B 512 10.41 29.76 47.87
C LYS B 512 10.64 29.62 46.36
N VAL B 513 11.28 28.55 45.97
CA VAL B 513 11.59 28.29 44.55
C VAL B 513 10.37 27.86 43.73
N LEU B 514 9.50 27.04 44.33
CA LEU B 514 8.32 26.52 43.62
C LEU B 514 7.28 27.61 43.34
N THR B 515 7.04 28.49 44.32
CA THR B 515 6.15 29.64 44.12
C THR B 515 6.75 30.65 43.13
N SER B 516 8.06 30.86 43.24
CA SER B 516 8.78 31.75 42.31
C SER B 516 8.69 31.24 40.87
N LYS B 517 8.98 29.94 40.67
CA LYS B 517 8.90 29.34 39.35
C LYS B 517 7.48 29.37 38.83
N GLY B 518 6.53 28.96 39.66
CA GLY B 518 5.11 29.00 39.31
C GLY B 518 4.66 30.38 38.88
N LYS B 519 5.09 31.40 39.63
CA LYS B 519 4.79 32.80 39.28
C LYS B 519 5.39 33.16 37.93
N ALA B 520 6.62 32.75 37.70
CA ALA B 520 7.33 33.06 36.45
C ALA B 520 6.69 32.33 35.26
N LEU B 521 6.45 31.03 35.42
CA LEU B 521 5.82 30.22 34.39
C LEU B 521 4.51 30.82 33.95
N ALA B 522 3.69 31.25 34.92
CA ALA B 522 2.40 31.88 34.65
C ALA B 522 2.59 33.16 33.86
N LEU B 523 3.64 33.92 34.19
CA LEU B 523 3.90 35.20 33.54
C LEU B 523 4.39 35.01 32.11
N GLU B 524 5.17 33.96 31.87
CA GLU B 524 5.61 33.63 30.51
C GLU B 524 4.40 33.34 29.61
N LYS B 525 3.51 32.49 30.11
CA LYS B 525 2.30 32.12 29.36
C LYS B 525 1.42 33.32 29.03
N GLN B 526 1.34 34.27 29.96
CA GLN B 526 0.60 35.50 29.74
C GLN B 526 1.33 36.40 28.73
N LEU B 527 2.64 36.56 28.92
CA LEU B 527 3.47 37.34 28.01
C LEU B 527 3.50 36.74 26.60
N TYR B 528 3.37 35.42 26.53
CA TYR B 528 3.36 34.73 25.26
C TYR B 528 2.06 34.97 24.50
N GLU B 529 0.92 34.82 25.18
CA GLU B 529 -0.38 35.10 24.56
C GLU B 529 -0.50 36.59 24.19
N GLU B 530 0.24 37.44 24.90
CA GLU B 530 0.30 38.87 24.59
C GLU B 530 0.88 39.12 23.21
N LEU B 531 1.86 38.29 22.83
CA LEU B 531 2.50 38.42 21.52
C LEU B 531 1.52 38.22 20.36
N PHE B 532 0.55 37.32 20.55
CA PHE B 532 -0.50 37.11 19.56
C PHE B 532 -1.36 38.36 19.38
N ASP B 533 -1.70 38.99 20.50
CA ASP B 533 -2.47 40.24 20.48
C ASP B 533 -1.69 41.36 19.76
N LEU B 534 -0.36 41.30 19.84
CA LEU B 534 0.51 42.29 19.19
C LEU B 534 0.75 42.00 17.72
N LEU B 535 0.90 40.73 17.36
CA LEU B 535 1.17 40.35 15.97
C LEU B 535 -0.07 40.33 15.10
N LEU B 536 -1.18 39.77 15.61
CA LEU B 536 -2.39 39.53 14.82
C LEU B 536 -3.03 40.76 14.15
N PRO B 537 -2.91 41.95 14.77
CA PRO B 537 -3.35 43.17 14.08
C PRO B 537 -2.73 43.39 12.70
N HIS B 538 -1.57 42.78 12.43
CA HIS B 538 -0.90 42.90 11.14
C HIS B 538 -1.05 41.67 10.26
N LEU B 539 -1.95 40.76 10.62
CA LEU B 539 -2.08 39.48 9.92
C LEU B 539 -2.27 39.64 8.40
N GLU B 540 -3.16 40.54 8.00
CA GLU B 540 -3.44 40.78 6.58
C GLU B 540 -2.21 41.21 5.81
N ALA B 541 -1.45 42.11 6.42
CA ALA B 541 -0.19 42.57 5.83
C ALA B 541 0.83 41.44 5.75
N LEU B 542 0.87 40.61 6.81
CA LEU B 542 1.77 39.46 6.85
C LEU B 542 1.36 38.37 5.85
N GLN B 543 0.06 38.13 5.73
CA GLN B 543 -0.46 37.20 4.75
C GLN B 543 -0.07 37.63 3.33
N GLN B 544 -0.10 38.94 3.05
CA GLN B 544 0.34 39.48 1.76
C GLN B 544 1.84 39.33 1.55
N SER B 545 2.62 39.59 2.60
CA SER B 545 4.05 39.37 2.54
C SER B 545 4.38 37.94 2.16
N ALA B 546 3.78 36.98 2.87
CA ALA B 546 4.01 35.56 2.62
C ALA B 546 3.59 35.17 1.21
N SER B 547 2.58 35.84 0.68
CA SER B 547 2.12 35.62 -0.70
C SER B 547 3.13 36.18 -1.70
N ALA B 548 3.70 37.34 -1.38
CA ALA B 548 4.74 37.93 -2.23
C ALA B 548 6.00 37.10 -2.19
N LEU B 549 6.39 36.67 -0.99
CA LEU B 549 7.57 35.83 -0.79
C LEU B 549 7.46 34.49 -1.50
N ALA B 550 6.28 33.90 -1.47
CA ALA B 550 6.03 32.63 -2.15
C ALA B 550 6.10 32.81 -3.67
N GLU B 551 5.47 33.86 -4.20
CA GLU B 551 5.49 34.14 -5.64
C GLU B 551 6.88 34.53 -6.11
N LEU B 552 7.62 35.24 -5.28
CA LEU B 552 9.00 35.59 -5.58
C LEU B 552 9.87 34.34 -5.68
N ASP B 553 9.66 33.38 -4.79
CA ASP B 553 10.35 32.10 -4.83
C ASP B 553 10.04 31.36 -6.15
N VAL B 554 8.77 31.36 -6.54
CA VAL B 554 8.34 30.67 -7.76
C VAL B 554 8.98 31.29 -9.01
N LEU B 555 9.06 32.61 -9.05
CA LEU B 555 9.61 33.29 -10.22
C LEU B 555 11.13 33.21 -10.26
N VAL B 556 11.79 33.34 -9.09
CA VAL B 556 13.24 33.13 -9.00
C VAL B 556 13.59 31.69 -9.40
N ASN B 557 12.79 30.73 -8.93
CA ASN B 557 12.95 29.34 -9.34
C ASN B 557 12.83 29.16 -10.85
N LEU B 558 11.75 29.67 -11.43
CA LEU B 558 11.51 29.52 -12.87
C LEU B 558 12.52 30.30 -13.71
N ALA B 559 13.12 31.33 -13.10
CA ALA B 559 14.26 32.01 -13.70
C ALA B 559 15.47 31.07 -13.73
N GLU B 560 15.79 30.51 -12.57
CA GLU B 560 16.92 29.59 -12.42
C GLU B 560 16.78 28.33 -13.28
N ARG B 561 15.58 27.76 -13.32
CA ARG B 561 15.33 26.56 -14.13
C ARG B 561 15.57 26.84 -15.60
N ALA B 562 15.08 27.98 -16.09
CA ALA B 562 15.25 28.37 -17.48
C ALA B 562 16.72 28.42 -17.88
N TYR B 563 17.57 28.88 -16.96
CA TYR B 563 19.02 28.98 -17.20
C TYR B 563 19.66 27.60 -17.13
N THR B 564 19.51 26.95 -15.98
CA THR B 564 20.11 25.65 -15.72
C THR B 564 19.67 24.57 -16.71
N LEU B 565 18.46 24.69 -17.24
CA LEU B 565 17.89 23.69 -18.15
C LEU B 565 17.81 24.19 -19.60
N ASN B 566 18.34 25.38 -19.83
CA ASN B 566 18.44 25.95 -21.18
C ASN B 566 17.09 26.12 -21.88
N TYR B 567 16.18 26.86 -21.24
CA TYR B 567 14.89 27.19 -21.85
C TYR B 567 14.97 28.56 -22.50
N THR B 568 14.01 28.82 -23.38
CA THR B 568 13.89 30.09 -24.09
C THR B 568 12.54 30.73 -23.84
N CYS B 569 12.44 32.03 -24.07
CA CYS B 569 11.18 32.73 -23.87
C CYS B 569 10.28 32.56 -25.11
N PRO B 570 9.05 32.03 -24.92
CA PRO B 570 8.15 31.93 -26.05
C PRO B 570 7.50 33.26 -26.38
N THR B 571 7.21 33.49 -27.66
CA THR B 571 6.50 34.68 -28.11
C THR B 571 5.06 34.30 -28.42
N PHE B 572 4.14 35.24 -28.23
CA PHE B 572 2.73 34.99 -28.50
C PHE B 572 2.30 35.64 -29.82
N ILE B 573 1.40 34.98 -30.55
CA ILE B 573 0.90 35.48 -31.84
C ILE B 573 -0.62 35.59 -31.83
N ASP B 574 -1.16 36.32 -32.79
CA ASP B 574 -2.60 36.63 -32.82
C ASP B 574 -3.41 35.39 -33.12
N LYS B 575 -3.08 34.74 -34.23
CA LYS B 575 -3.86 33.63 -34.78
C LYS B 575 -3.43 32.29 -34.16
N PRO B 576 -4.33 31.31 -34.11
CA PRO B 576 -3.95 30.03 -33.53
C PRO B 576 -2.77 29.40 -34.25
N GLY B 577 -1.82 28.87 -33.50
CA GLY B 577 -0.72 28.13 -34.11
C GLY B 577 0.29 27.70 -33.08
N ILE B 578 1.18 26.79 -33.44
CA ILE B 578 2.33 26.46 -32.61
C ILE B 578 3.52 26.26 -33.53
N ARG B 579 4.60 27.00 -33.29
CA ARG B 579 5.79 26.88 -34.11
C ARG B 579 7.05 26.70 -33.27
N ILE B 580 7.38 25.43 -33.00
CA ILE B 580 8.48 25.08 -32.12
C ILE B 580 9.73 24.78 -32.92
N THR B 581 10.87 25.29 -32.46
CA THR B 581 12.18 24.98 -33.05
C THR B 581 13.03 24.25 -32.01
N GLU B 582 13.54 23.09 -32.38
CA GLU B 582 14.29 22.21 -31.50
C GLU B 582 13.55 21.98 -30.19
N GLY B 583 12.29 21.59 -30.29
CA GLY B 583 11.47 21.31 -29.11
C GLY B 583 11.88 20.06 -28.36
N ARG B 584 11.69 20.07 -27.04
CA ARG B 584 12.09 18.99 -26.16
C ARG B 584 11.04 18.72 -25.11
N HIS B 585 11.00 17.51 -24.60
CA HIS B 585 10.11 17.13 -23.50
C HIS B 585 10.85 17.41 -22.19
N PRO B 586 10.37 18.39 -21.40
CA PRO B 586 11.12 18.90 -20.25
C PRO B 586 11.46 17.88 -19.19
N VAL B 587 10.66 16.81 -19.09
CA VAL B 587 10.87 15.73 -18.09
C VAL B 587 11.76 14.61 -18.63
N VAL B 588 11.46 14.16 -19.85
CA VAL B 588 12.13 13.01 -20.45
C VAL B 588 13.61 13.29 -20.69
N GLU B 589 13.93 14.50 -21.14
CA GLU B 589 15.32 14.90 -21.35
C GLU B 589 16.13 14.91 -20.06
N GLN B 590 15.45 15.03 -18.92
CA GLN B 590 16.11 15.03 -17.61
C GLN B 590 16.20 13.65 -16.98
N VAL B 591 15.15 12.86 -17.10
CA VAL B 591 15.14 11.51 -16.54
C VAL B 591 16.03 10.54 -17.32
N LEU B 592 16.06 10.70 -18.64
CA LEU B 592 16.95 9.89 -19.46
C LEU B 592 18.36 10.48 -19.48
N ASN B 593 19.35 9.63 -19.25
CA ASN B 593 20.75 10.01 -19.33
C ASN B 593 21.26 10.02 -20.78
N GLU B 594 20.43 9.52 -21.69
CA GLU B 594 20.71 9.62 -23.12
C GLU B 594 20.33 11.01 -23.61
N PRO B 595 20.97 11.50 -24.69
CA PRO B 595 20.64 12.83 -25.21
C PRO B 595 19.27 12.83 -25.85
N PHE B 596 18.45 13.82 -25.51
CA PHE B 596 17.11 13.92 -26.09
C PHE B 596 17.18 14.48 -27.52
N ILE B 597 16.52 13.78 -28.44
CA ILE B 597 16.44 14.23 -29.82
C ILE B 597 15.37 15.34 -29.89
N ALA B 598 15.82 16.58 -30.03
CA ALA B 598 14.92 17.70 -30.20
C ALA B 598 14.21 17.64 -31.55
N ASN B 599 13.02 18.20 -31.62
CA ASN B 599 12.22 18.17 -32.85
C ASN B 599 11.40 19.44 -33.04
N PRO B 600 11.15 19.81 -34.31
CA PRO B 600 10.39 21.01 -34.61
C PRO B 600 8.90 20.71 -34.62
N LEU B 601 8.11 21.76 -34.71
CA LEU B 601 6.68 21.61 -34.97
C LEU B 601 6.18 22.86 -35.65
N ASN B 602 5.33 22.68 -36.64
CA ASN B 602 4.79 23.79 -37.41
C ASN B 602 3.30 23.62 -37.65
N LEU B 603 2.50 24.04 -36.66
CA LEU B 603 1.05 24.04 -36.79
C LEU B 603 0.53 25.46 -36.95
N SER B 604 -0.31 25.67 -37.97
CA SER B 604 -0.87 26.98 -38.29
C SER B 604 -2.34 26.78 -38.67
N PRO B 605 -3.04 27.87 -39.05
CA PRO B 605 -4.38 27.69 -39.59
C PRO B 605 -4.40 26.91 -40.91
N GLN B 606 -3.33 27.06 -41.70
CA GLN B 606 -3.22 26.37 -42.99
C GLN B 606 -2.71 24.94 -42.82
N ARG B 607 -2.10 24.66 -41.66
CA ARG B 607 -1.51 23.36 -41.36
C ARG B 607 -1.97 22.91 -39.98
N ARG B 608 -3.23 22.48 -39.90
CA ARG B 608 -3.88 22.23 -38.61
C ARG B 608 -3.59 20.85 -38.04
N MET B 609 -3.59 19.84 -38.91
CA MET B 609 -3.54 18.46 -38.46
C MET B 609 -2.35 17.72 -39.05
N LEU B 610 -1.61 17.04 -38.18
CA LEU B 610 -0.53 16.17 -38.59
C LEU B 610 -0.93 14.73 -38.34
N ILE B 611 -0.96 13.93 -39.40
CA ILE B 611 -1.11 12.49 -39.31
C ILE B 611 0.26 11.90 -39.05
N ILE B 612 0.47 11.38 -37.84
CA ILE B 612 1.79 10.89 -37.44
C ILE B 612 1.87 9.37 -37.52
N THR B 613 2.17 8.86 -38.71
CA THR B 613 2.43 7.43 -38.94
C THR B 613 3.85 7.09 -38.51
N GLY B 614 4.17 5.81 -38.50
CA GLY B 614 5.50 5.33 -38.09
C GLY B 614 5.40 4.43 -36.87
N PRO B 615 6.56 3.94 -36.37
CA PRO B 615 6.57 3.10 -35.19
C PRO B 615 6.37 3.90 -33.92
N ASN B 616 5.47 3.47 -33.05
CA ASN B 616 5.29 4.17 -31.81
C ASN B 616 5.84 3.37 -30.69
N MET B 617 7.00 3.75 -30.21
CA MET B 617 7.59 3.06 -29.12
C MET B 617 7.86 4.16 -28.14
N GLY B 618 6.82 4.97 -27.98
CA GLY B 618 6.85 6.11 -27.10
C GLY B 618 7.33 7.36 -27.79
N GLY B 619 7.97 7.22 -28.95
CA GLY B 619 8.47 8.37 -29.69
C GLY B 619 7.38 9.32 -30.13
N LYS B 620 6.28 8.77 -30.62
CA LYS B 620 5.11 9.58 -30.98
C LYS B 620 4.45 10.26 -29.77
N SER B 621 4.22 9.50 -28.72
CA SER B 621 3.61 10.02 -27.49
C SER B 621 4.43 11.15 -26.91
N THR B 622 5.75 10.97 -26.90
CA THR B 622 6.65 11.98 -26.35
C THR B 622 6.61 13.25 -27.20
N TYR B 623 6.60 13.09 -28.51
CA TYR B 623 6.51 14.25 -29.44
C TYR B 623 5.24 15.04 -29.22
N MET B 624 4.17 14.32 -28.91
CA MET B 624 2.87 14.92 -28.69
C MET B 624 2.75 15.53 -27.30
N ARG B 625 3.12 14.76 -26.29
CA ARG B 625 3.10 15.26 -24.93
C ARG B 625 3.99 16.50 -24.75
N GLN B 626 5.18 16.48 -25.33
CA GLN B 626 6.08 17.64 -25.19
C GLN B 626 5.50 18.89 -25.84
N THR B 627 4.71 18.69 -26.90
CA THR B 627 4.01 19.79 -27.56
C THR B 627 2.99 20.43 -26.60
N ALA B 628 2.29 19.61 -25.83
CA ALA B 628 1.36 20.10 -24.80
C ALA B 628 2.08 20.77 -23.65
N LEU B 629 3.14 20.14 -23.15
CA LEU B 629 3.87 20.66 -22.02
C LEU B 629 4.58 21.98 -22.36
N ILE B 630 5.04 22.12 -23.60
CA ILE B 630 5.60 23.39 -24.07
C ILE B 630 4.53 24.47 -24.11
N ALA B 631 3.35 24.14 -24.62
CA ALA B 631 2.21 25.06 -24.64
C ALA B 631 1.77 25.42 -23.22
N LEU B 632 1.70 24.41 -22.35
CA LEU B 632 1.32 24.61 -20.96
C LEU B 632 2.29 25.52 -20.24
N MET B 633 3.59 25.26 -20.43
CA MET B 633 4.64 26.04 -19.77
C MET B 633 4.68 27.47 -20.27
N ALA B 634 4.49 27.64 -21.58
CA ALA B 634 4.39 28.97 -22.19
C ALA B 634 3.30 29.80 -21.52
N TYR B 635 2.16 29.15 -21.25
CA TYR B 635 0.98 29.80 -20.66
C TYR B 635 0.89 29.77 -19.13
N ILE B 636 1.97 29.41 -18.44
CA ILE B 636 2.13 29.78 -17.02
C ILE B 636 3.17 30.90 -16.88
N GLY B 637 3.59 31.46 -18.02
CA GLY B 637 4.53 32.56 -18.03
C GLY B 637 5.98 32.13 -17.91
N SER B 638 6.23 30.83 -17.97
CA SER B 638 7.60 30.31 -17.89
C SER B 638 8.25 30.29 -19.26
N TYR B 639 9.57 30.10 -19.26
CA TYR B 639 10.30 29.84 -20.49
C TYR B 639 10.04 28.39 -20.85
N VAL B 640 10.44 27.97 -22.03
CA VAL B 640 10.04 26.66 -22.54
C VAL B 640 11.22 25.88 -23.15
N PRO B 641 11.15 24.54 -23.12
CA PRO B 641 12.23 23.70 -23.60
C PRO B 641 12.29 23.67 -25.13
N ALA B 642 12.89 24.71 -25.71
CA ALA B 642 13.04 24.81 -27.15
C ALA B 642 14.06 25.89 -27.53
N GLN B 643 14.52 25.86 -28.77
CA GLN B 643 15.39 26.91 -29.30
C GLN B 643 14.56 28.17 -29.56
N LYS B 644 13.33 27.99 -30.00
CA LYS B 644 12.41 29.09 -30.25
C LYS B 644 10.98 28.57 -30.29
N VAL B 645 10.04 29.35 -29.75
CA VAL B 645 8.61 29.00 -29.81
C VAL B 645 7.73 30.22 -30.06
N GLU B 646 6.96 30.18 -31.15
CA GLU B 646 5.88 31.14 -31.37
C GLU B 646 4.57 30.40 -31.17
N ILE B 647 3.71 30.93 -30.30
CA ILE B 647 2.49 30.24 -29.95
C ILE B 647 1.29 31.19 -29.93
N GLY B 648 0.20 30.76 -30.56
CA GLY B 648 -1.02 31.51 -30.61
C GLY B 648 -1.95 31.14 -29.47
N PRO B 649 -3.13 31.77 -29.42
CA PRO B 649 -4.10 31.50 -28.36
C PRO B 649 -4.53 30.04 -28.34
N ILE B 650 -4.59 29.51 -27.12
CA ILE B 650 -5.01 28.14 -26.88
C ILE B 650 -6.08 28.13 -25.80
N ASP B 651 -7.27 27.67 -26.17
CA ASP B 651 -8.40 27.67 -25.25
C ASP B 651 -8.42 26.44 -24.33
N ARG B 652 -8.09 25.27 -24.90
CA ARG B 652 -8.15 23.97 -24.21
C ARG B 652 -7.06 23.05 -24.72
N ILE B 653 -6.52 22.20 -23.85
CA ILE B 653 -5.67 21.09 -24.27
C ILE B 653 -6.41 19.77 -24.01
N PHE B 654 -6.55 18.99 -25.06
CA PHE B 654 -7.08 17.64 -24.96
C PHE B 654 -5.92 16.68 -25.20
N THR B 655 -5.76 15.71 -24.31
CA THR B 655 -4.69 14.72 -24.47
C THR B 655 -5.25 13.33 -24.35
N ARG B 656 -5.62 12.79 -25.51
CA ARG B 656 -6.07 11.43 -25.65
C ARG B 656 -4.82 10.59 -25.93
N VAL B 657 -4.01 10.39 -24.90
CA VAL B 657 -2.72 9.74 -25.08
C VAL B 657 -2.37 8.94 -23.83
N GLY B 658 -1.75 7.80 -24.03
CA GLY B 658 -1.55 6.86 -22.94
C GLY B 658 -2.71 5.88 -23.03
N ALA B 659 -2.55 4.71 -22.43
CA ALA B 659 -3.58 3.70 -22.46
C ALA B 659 -4.44 3.87 -21.23
N ALA B 660 -5.74 4.05 -21.45
CA ALA B 660 -6.65 4.42 -20.38
C ALA B 660 -7.21 3.22 -19.60
N ASP B 661 -6.82 3.10 -18.34
CA ASP B 661 -7.35 2.03 -17.53
C ASP B 661 -8.83 2.29 -17.35
N ASP B 662 -9.63 1.26 -17.54
CA ASP B 662 -11.01 1.30 -17.07
C ASP B 662 -10.99 1.74 -15.61
N LEU B 663 -12.03 2.43 -15.18
CA LEU B 663 -12.28 2.63 -13.75
C LEU B 663 -13.56 1.88 -13.40
N ALA B 664 -14.64 2.23 -14.09
CA ALA B 664 -15.90 1.57 -13.92
C ALA B 664 -15.82 0.47 -14.96
N SER B 665 -15.45 -0.72 -14.51
CA SER B 665 -15.10 -1.80 -15.41
C SER B 665 -16.34 -2.37 -16.12
N GLY B 666 -16.12 -3.29 -17.05
CA GLY B 666 -17.21 -3.88 -17.79
C GLY B 666 -17.46 -2.99 -18.98
N ARG B 667 -16.84 -1.83 -18.98
CA ARG B 667 -16.73 -1.02 -20.15
C ARG B 667 -15.25 -1.06 -20.51
N SER B 668 -14.97 -1.38 -21.76
CA SER B 668 -13.64 -1.81 -22.17
C SER B 668 -12.64 -0.67 -22.21
N THR B 669 -11.41 -1.00 -22.61
CA THR B 669 -10.40 -0.01 -22.91
C THR B 669 -10.81 0.78 -24.14
N PHE B 670 -11.38 0.10 -25.13
CA PHE B 670 -11.76 0.75 -26.39
C PHE B 670 -12.87 1.78 -26.23
N MET B 671 -13.74 1.62 -25.23
CA MET B 671 -14.81 2.59 -25.01
C MET B 671 -14.27 3.82 -24.28
N VAL B 672 -13.30 3.61 -23.42
CA VAL B 672 -12.67 4.72 -22.69
C VAL B 672 -12.03 5.67 -23.69
N GLU B 673 -11.46 5.12 -24.76
CA GLU B 673 -10.89 5.92 -25.84
C GLU B 673 -11.97 6.69 -26.60
N MET B 674 -13.05 6.00 -26.94
CA MET B 674 -14.17 6.60 -27.68
C MET B 674 -14.95 7.61 -26.85
N THR B 675 -14.98 7.43 -25.53
CA THR B 675 -15.60 8.43 -24.65
C THR B 675 -14.77 9.71 -24.64
N GLU B 676 -13.47 9.56 -24.42
CA GLU B 676 -12.56 10.70 -24.46
C GLU B 676 -12.52 11.34 -25.84
N THR B 677 -12.66 10.55 -26.90
CA THR B 677 -12.77 11.04 -28.28
C THR B 677 -14.03 11.88 -28.45
N ALA B 678 -15.14 11.38 -27.94
CA ALA B 678 -16.41 12.09 -27.98
C ALA B 678 -16.31 13.41 -27.23
N ASN B 679 -15.62 13.41 -26.10
CA ASN B 679 -15.38 14.63 -25.32
C ASN B 679 -14.61 15.66 -26.12
N ILE B 680 -13.69 15.20 -26.96
CA ILE B 680 -12.91 16.09 -27.81
C ILE B 680 -13.78 16.67 -28.92
N LEU B 681 -14.51 15.81 -29.63
CA LEU B 681 -15.30 16.25 -30.77
C LEU B 681 -16.42 17.21 -30.37
N HIS B 682 -16.97 17.00 -29.18
CA HIS B 682 -18.04 17.87 -28.68
C HIS B 682 -17.52 19.24 -28.22
N ASN B 683 -16.35 19.27 -27.61
CA ASN B 683 -15.87 20.46 -26.90
C ASN B 683 -14.67 21.19 -27.52
N ALA B 684 -14.08 20.64 -28.56
CA ALA B 684 -12.90 21.24 -29.15
C ALA B 684 -13.25 22.43 -30.02
N THR B 685 -12.30 23.34 -30.19
CA THR B 685 -12.49 24.51 -31.04
C THR B 685 -11.19 24.87 -31.72
N GLU B 686 -11.25 25.79 -32.67
CA GLU B 686 -10.09 26.05 -33.52
C GLU B 686 -8.94 26.59 -32.71
N TYR B 687 -9.19 26.94 -31.46
CA TYR B 687 -8.13 27.36 -30.55
C TYR B 687 -7.61 26.21 -29.69
N SER B 688 -8.10 24.99 -29.92
CA SER B 688 -7.77 23.88 -29.06
C SER B 688 -6.55 23.14 -29.58
N LEU B 689 -5.75 22.63 -28.65
CA LEU B 689 -4.68 21.70 -28.97
C LEU B 689 -5.19 20.29 -28.65
N VAL B 690 -5.27 19.45 -29.67
CA VAL B 690 -5.77 18.09 -29.53
C VAL B 690 -4.68 17.08 -29.82
N LEU B 691 -4.46 16.17 -28.88
CA LEU B 691 -3.44 15.14 -29.01
C LEU B 691 -4.10 13.79 -28.92
N MET B 692 -4.06 13.04 -30.01
CA MET B 692 -4.69 11.75 -30.06
C MET B 692 -3.75 10.64 -30.45
N ASP B 693 -3.75 9.57 -29.66
CA ASP B 693 -2.88 8.45 -29.86
C ASP B 693 -3.67 7.27 -30.38
N GLU B 694 -3.47 6.92 -31.65
CA GLU B 694 -3.90 5.64 -32.19
C GLU B 694 -5.27 5.15 -31.75
N ILE B 695 -6.29 5.98 -31.94
CA ILE B 695 -7.66 5.52 -31.80
C ILE B 695 -8.03 4.72 -33.03
N GLY B 696 -9.05 3.89 -32.89
CA GLY B 696 -9.37 2.90 -33.91
C GLY B 696 -8.82 1.57 -33.42
N ARG B 697 -7.96 1.65 -32.42
CA ARG B 697 -7.27 0.48 -31.93
C ARG B 697 -8.07 -0.07 -30.76
N GLY B 698 -8.23 -1.39 -30.74
CA GLY B 698 -9.08 -2.05 -29.76
C GLY B 698 -10.40 -2.58 -30.31
N THR B 699 -10.58 -2.49 -31.62
CA THR B 699 -11.76 -3.03 -32.29
C THR B 699 -11.45 -3.25 -33.77
N SER B 700 -12.41 -3.83 -34.48
CA SER B 700 -12.22 -4.32 -35.86
C SER B 700 -11.45 -3.38 -36.76
N THR B 701 -10.75 -3.94 -37.74
CA THR B 701 -9.87 -3.17 -38.61
C THR B 701 -10.61 -2.06 -39.34
N TYR B 702 -11.75 -2.38 -39.93
CA TYR B 702 -12.46 -1.37 -40.73
C TYR B 702 -13.23 -0.44 -39.84
N ASP B 703 -13.93 -0.99 -38.85
CA ASP B 703 -14.73 -0.23 -37.88
C ASP B 703 -13.88 0.85 -37.22
N GLY B 704 -12.67 0.46 -36.88
CA GLY B 704 -11.74 1.34 -36.21
C GLY B 704 -11.20 2.40 -37.15
N LEU B 705 -10.84 1.99 -38.36
CA LEU B 705 -10.39 2.91 -39.39
C LEU B 705 -11.47 3.92 -39.80
N SER B 706 -12.72 3.45 -39.86
CA SER B 706 -13.85 4.28 -40.23
C SER B 706 -14.03 5.45 -39.27
N LEU B 707 -13.96 5.18 -37.96
CA LEU B 707 -14.05 6.22 -36.94
C LEU B 707 -12.82 7.09 -36.93
N ALA B 708 -11.66 6.47 -37.08
CA ALA B 708 -10.42 7.22 -37.14
C ALA B 708 -10.45 8.21 -38.28
N TRP B 709 -10.98 7.79 -39.42
CA TRP B 709 -11.16 8.67 -40.56
C TRP B 709 -12.13 9.81 -40.20
N ALA B 710 -13.32 9.43 -39.75
CA ALA B 710 -14.39 10.37 -39.48
C ALA B 710 -14.05 11.42 -38.41
N CYS B 711 -13.28 11.02 -37.40
CA CYS B 711 -12.85 11.95 -36.36
C CYS B 711 -11.83 12.95 -36.90
N ALA B 712 -10.82 12.44 -37.60
CA ALA B 712 -9.82 13.28 -38.25
C ALA B 712 -10.49 14.25 -39.21
N GLU B 713 -11.37 13.70 -40.04
CA GLU B 713 -12.17 14.50 -40.95
C GLU B 713 -12.87 15.64 -40.22
N ASN B 714 -13.56 15.32 -39.13
CA ASN B 714 -14.29 16.31 -38.33
C ASN B 714 -13.38 17.33 -37.67
N LEU B 715 -12.22 16.87 -37.20
CA LEU B 715 -11.25 17.72 -36.51
C LEU B 715 -10.50 18.66 -37.46
N ALA B 716 -10.47 18.33 -38.75
CA ALA B 716 -9.79 19.16 -39.75
C ALA B 716 -10.74 20.13 -40.48
N ASN B 717 -11.94 19.65 -40.80
CA ASN B 717 -12.90 20.46 -41.55
C ASN B 717 -13.83 21.26 -40.67
N LYS B 718 -14.50 20.59 -39.75
CA LYS B 718 -15.52 21.22 -38.93
C LYS B 718 -14.93 21.96 -37.74
N ILE B 719 -14.13 21.27 -36.94
CA ILE B 719 -13.56 21.85 -35.72
C ILE B 719 -12.33 22.74 -36.03
N LYS B 720 -11.49 22.30 -36.95
CA LYS B 720 -10.26 23.02 -37.34
C LYS B 720 -9.29 23.22 -36.18
N ALA B 721 -9.29 22.30 -35.23
CA ALA B 721 -8.41 22.38 -34.06
C ALA B 721 -7.00 22.05 -34.48
N LEU B 722 -6.02 22.53 -33.70
CA LEU B 722 -4.63 22.15 -33.90
C LEU B 722 -4.43 20.73 -33.37
N THR B 723 -4.33 19.76 -34.28
CA THR B 723 -4.38 18.36 -33.93
C THR B 723 -3.12 17.64 -34.31
N LEU B 724 -2.54 16.93 -33.35
CA LEU B 724 -1.58 15.88 -33.66
C LEU B 724 -2.33 14.57 -33.59
N PHE B 725 -2.37 13.83 -34.69
CA PHE B 725 -3.17 12.63 -34.81
C PHE B 725 -2.25 11.45 -35.12
N ALA B 726 -1.79 10.77 -34.08
CA ALA B 726 -0.96 9.59 -34.25
C ALA B 726 -1.81 8.38 -34.64
N THR B 727 -1.37 7.64 -35.66
CA THR B 727 -2.08 6.45 -36.11
C THR B 727 -1.16 5.42 -36.78
N HIS B 728 -1.64 4.19 -36.82
CA HIS B 728 -1.00 3.09 -37.52
C HIS B 728 -1.63 2.82 -38.89
N TYR B 729 -2.82 3.36 -39.11
CA TYR B 729 -3.48 3.18 -40.39
C TYR B 729 -2.74 3.92 -41.48
N PHE B 730 -2.28 3.19 -42.48
CA PHE B 730 -1.73 3.83 -43.66
C PHE B 730 -2.84 4.58 -44.35
N GLU B 731 -4.03 4.01 -44.33
CA GLU B 731 -5.15 4.59 -45.06
C GLU B 731 -5.33 6.07 -44.74
N LEU B 732 -5.09 6.45 -43.48
CA LEU B 732 -5.20 7.84 -43.06
C LEU B 732 -4.12 8.75 -43.60
N THR B 733 -3.09 8.18 -44.22
CA THR B 733 -2.08 9.01 -44.88
C THR B 733 -2.57 9.59 -46.21
N GLN B 734 -3.78 9.21 -46.63
CA GLN B 734 -4.43 9.81 -47.79
C GLN B 734 -5.18 11.12 -47.48
N LEU B 735 -5.31 11.47 -46.20
CA LEU B 735 -6.10 12.64 -45.82
C LEU B 735 -5.58 13.97 -46.35
N PRO B 736 -4.24 14.14 -46.38
CA PRO B 736 -3.70 15.37 -46.98
C PRO B 736 -4.03 15.54 -48.47
N GLU B 737 -4.18 14.43 -49.19
CA GLU B 737 -4.58 14.48 -50.59
C GLU B 737 -6.01 15.01 -50.73
N LYS B 738 -6.89 14.60 -49.81
CA LYS B 738 -8.30 14.95 -49.87
C LYS B 738 -8.62 16.28 -49.18
N MET B 739 -7.94 16.55 -48.07
CA MET B 739 -8.28 17.69 -47.24
C MET B 739 -7.18 18.74 -47.15
N GLU B 740 -7.61 20.00 -47.16
CA GLU B 740 -6.73 21.19 -47.19
C GLU B 740 -5.69 21.37 -46.04
N GLY B 741 -6.11 21.34 -44.78
CA GLY B 741 -5.24 21.65 -43.63
C GLY B 741 -4.53 20.47 -42.97
N VAL B 742 -4.52 19.32 -43.63
CA VAL B 742 -3.92 18.10 -43.08
C VAL B 742 -2.59 17.82 -43.76
N ALA B 743 -1.65 17.24 -43.02
CA ALA B 743 -0.34 16.87 -43.56
C ALA B 743 0.19 15.60 -42.89
N ASN B 744 1.19 14.98 -43.52
CA ASN B 744 1.82 13.76 -43.00
C ASN B 744 3.20 14.02 -42.41
N VAL B 745 3.44 13.46 -41.24
CA VAL B 745 4.77 13.36 -40.68
C VAL B 745 4.93 11.95 -40.18
N HIS B 746 6.15 11.58 -39.82
CA HIS B 746 6.40 10.24 -39.30
C HIS B 746 7.70 10.14 -38.55
N LEU B 747 7.79 9.05 -37.79
CA LEU B 747 9.02 8.60 -37.19
C LEU B 747 9.44 7.34 -37.96
N ASP B 748 10.71 6.96 -37.86
CA ASP B 748 11.19 5.73 -38.49
C ASP B 748 12.23 5.04 -37.61
N ALA B 749 12.83 3.97 -38.15
CA ALA B 749 13.88 3.24 -37.45
C ALA B 749 15.04 2.92 -38.38
N LEU B 750 16.26 3.07 -37.87
CA LEU B 750 17.47 2.66 -38.61
C LEU B 750 17.70 1.17 -38.47
N GLU B 751 18.04 0.53 -39.59
CA GLU B 751 18.40 -0.88 -39.58
C GLU B 751 19.79 -1.06 -40.20
N HIS B 752 20.74 -1.53 -39.41
CA HIS B 752 21.97 -2.01 -39.97
C HIS B 752 22.47 -3.19 -39.16
N GLY B 753 23.04 -4.18 -39.85
CA GLY B 753 23.70 -5.31 -39.21
C GLY B 753 22.83 -5.97 -38.17
N ASP B 754 23.36 -6.07 -36.94
CA ASP B 754 22.67 -6.67 -35.81
C ASP B 754 22.01 -5.56 -35.00
N THR B 755 22.04 -4.34 -35.51
CA THR B 755 21.47 -3.21 -34.79
C THR B 755 20.17 -2.77 -35.38
N ILE B 756 19.16 -2.59 -34.52
CA ILE B 756 17.87 -2.02 -34.93
C ILE B 756 17.42 -0.94 -33.95
N ALA B 757 17.27 0.29 -34.41
CA ALA B 757 16.99 1.38 -33.49
C ALA B 757 15.78 2.23 -33.89
N PHE B 758 14.87 2.42 -32.94
CA PHE B 758 13.73 3.26 -33.17
C PHE B 758 14.14 4.69 -32.94
N MET B 759 14.22 5.46 -34.03
CA MET B 759 14.63 6.86 -34.00
C MET B 759 13.50 7.73 -33.45
N HIS B 760 13.88 8.87 -32.89
CA HIS B 760 12.90 9.79 -32.31
C HIS B 760 12.77 11.07 -33.11
N SER B 761 13.21 11.05 -34.35
CA SER B 761 13.27 12.28 -35.13
C SER B 761 12.07 12.28 -36.03
N VAL B 762 11.30 13.37 -36.01
CA VAL B 762 10.14 13.55 -36.88
C VAL B 762 10.52 14.03 -38.28
N GLN B 763 10.13 13.25 -39.29
CA GLN B 763 10.40 13.57 -40.69
C GLN B 763 9.11 13.96 -41.39
N ASP B 764 9.20 14.78 -42.44
CA ASP B 764 8.02 15.10 -43.26
C ASP B 764 7.68 13.90 -44.14
N GLY B 765 6.41 13.80 -44.53
CA GLY B 765 5.93 12.69 -45.34
C GLY B 765 5.46 11.54 -44.47
N ALA B 766 4.80 10.57 -45.08
CA ALA B 766 4.24 9.41 -44.38
C ALA B 766 5.30 8.34 -44.13
N ALA B 767 4.96 7.38 -43.26
CA ALA B 767 5.84 6.25 -42.97
C ALA B 767 5.93 5.29 -44.16
N SER B 768 7.13 4.82 -44.43
CA SER B 768 7.38 3.89 -45.54
C SER B 768 7.07 2.45 -45.14
N LYS B 769 7.58 2.03 -43.99
CA LYS B 769 7.66 0.62 -43.56
C LYS B 769 6.85 0.23 -42.31
N SER B 770 6.67 -1.07 -42.09
CA SER B 770 6.02 -1.60 -40.88
C SER B 770 7.00 -2.45 -40.07
N TYR B 771 7.28 -2.05 -38.83
CA TYR B 771 8.25 -2.73 -37.97
C TYR B 771 7.67 -3.70 -36.92
N GLY B 772 6.42 -4.15 -37.10
CA GLY B 772 5.78 -5.05 -36.16
C GLY B 772 6.40 -6.43 -36.16
N LEU B 773 6.69 -6.94 -37.34
CA LEU B 773 7.30 -8.27 -37.49
C LEU B 773 8.76 -8.27 -37.03
N ALA B 774 9.44 -7.15 -37.22
CA ALA B 774 10.81 -7.00 -36.73
C ALA B 774 10.87 -7.16 -35.21
N VAL B 775 9.94 -6.54 -34.51
CA VAL B 775 9.86 -6.64 -33.05
C VAL B 775 9.54 -8.07 -32.63
N ALA B 776 8.63 -8.70 -33.34
CA ALA B 776 8.26 -10.10 -33.09
C ALA B 776 9.44 -11.04 -33.29
N ALA B 777 10.30 -10.74 -34.25
CA ALA B 777 11.53 -11.48 -34.43
C ALA B 777 12.44 -11.32 -33.21
N LEU B 778 12.69 -10.07 -32.81
CA LEU B 778 13.48 -9.78 -31.61
C LEU B 778 12.90 -10.44 -30.37
N ALA B 779 11.58 -10.40 -30.23
CA ALA B 779 10.90 -10.98 -29.07
C ALA B 779 11.04 -12.50 -29.00
N GLY B 780 11.37 -13.12 -30.12
CA GLY B 780 11.68 -14.54 -30.14
C GLY B 780 10.60 -15.42 -30.72
N VAL B 781 9.74 -14.85 -31.54
CA VAL B 781 8.72 -15.63 -32.23
C VAL B 781 9.42 -16.48 -33.27
N PRO B 782 9.13 -17.79 -33.31
CA PRO B 782 9.77 -18.71 -34.28
C PRO B 782 9.91 -18.14 -35.69
N LYS B 783 11.08 -18.37 -36.29
CA LYS B 783 11.36 -17.89 -37.66
C LYS B 783 10.29 -18.34 -38.65
N GLU B 784 9.80 -19.56 -38.46
CA GLU B 784 8.74 -20.11 -39.31
C GLU B 784 7.48 -19.26 -39.24
N VAL B 785 7.11 -18.86 -38.03
CA VAL B 785 5.89 -18.08 -37.78
C VAL B 785 5.99 -16.67 -38.35
N ILE B 786 7.17 -16.05 -38.22
CA ILE B 786 7.42 -14.73 -38.79
C ILE B 786 7.32 -14.77 -40.31
N LYS B 787 7.86 -15.82 -40.91
CA LYS B 787 7.84 -15.97 -42.36
C LYS B 787 6.41 -16.07 -42.88
N ARG B 788 5.56 -16.79 -42.14
CA ARG B 788 4.16 -16.94 -42.52
C ARG B 788 3.39 -15.62 -42.33
N ALA B 789 3.80 -14.83 -41.36
CA ALA B 789 3.24 -13.51 -41.16
C ALA B 789 3.68 -12.58 -42.30
N ARG B 790 4.98 -12.56 -42.59
CA ARG B 790 5.52 -11.79 -43.69
C ARG B 790 4.79 -12.11 -44.99
N GLN B 791 4.42 -13.37 -45.15
CA GLN B 791 3.62 -13.81 -46.29
C GLN B 791 2.20 -13.25 -46.24
N LYS B 792 1.56 -13.39 -45.07
CA LYS B 792 0.20 -12.90 -44.86
C LYS B 792 0.10 -11.38 -44.97
N LEU B 793 1.14 -10.69 -44.52
CA LEU B 793 1.17 -9.22 -44.57
C LEU B 793 1.10 -8.71 -46.00
N ARG B 794 1.89 -9.31 -46.89
CA ARG B 794 1.85 -8.95 -48.31
C ARG B 794 0.48 -9.16 -48.91
N GLU B 795 -0.14 -10.28 -48.57
CA GLU B 795 -1.47 -10.62 -49.06
C GLU B 795 -2.51 -9.56 -48.67
N LEU B 796 -2.40 -9.05 -47.45
CA LEU B 796 -3.34 -8.06 -46.94
C LEU B 796 -3.13 -6.69 -47.58
N GLU B 797 -1.87 -6.27 -47.68
CA GLU B 797 -1.53 -4.95 -48.21
C GLU B 797 -1.77 -4.81 -49.71
N SER B 798 -1.48 -5.88 -50.46
CA SER B 798 -1.60 -5.83 -51.93
C SER B 798 -3.03 -5.86 -52.42
N ILE B 799 -3.95 -6.42 -51.63
CA ILE B 799 -5.37 -6.44 -52.00
C ILE B 799 -5.99 -5.05 -51.82
N SER B 800 -5.78 -4.48 -50.63
CA SER B 800 -6.36 -3.19 -50.27
C SER B 800 -5.72 -2.04 -51.04
N SER C 23 -29.57 -2.58 -42.24
CA SER C 23 -30.77 -2.76 -41.36
C SER C 23 -31.68 -3.88 -41.88
N PRO C 24 -31.34 -5.15 -41.55
CA PRO C 24 -32.14 -6.30 -41.99
C PRO C 24 -33.38 -6.58 -41.14
N ALA C 25 -33.55 -5.83 -40.04
CA ALA C 25 -34.70 -6.00 -39.14
C ALA C 25 -36.03 -5.58 -39.79
N VAL C 26 -35.95 -4.74 -40.82
CA VAL C 26 -37.14 -4.25 -41.53
C VAL C 26 -37.91 -5.36 -42.28
N GLU C 27 -37.25 -6.48 -42.56
CA GLU C 27 -37.88 -7.64 -43.22
C GLU C 27 -38.92 -8.33 -42.32
N ALA C 28 -38.71 -8.28 -41.02
CA ALA C 28 -39.62 -8.90 -40.05
C ALA C 28 -40.97 -8.20 -40.01
N LEU C 29 -40.98 -6.90 -40.35
CA LEU C 29 -42.17 -6.05 -40.23
C LEU C 29 -43.18 -6.30 -41.35
N GLU C 30 -42.68 -6.49 -42.58
CA GLU C 30 -43.55 -6.73 -43.74
C GLU C 30 -44.32 -8.05 -43.59
N ASN C 31 -43.67 -9.07 -43.03
CA ASN C 31 -44.37 -10.32 -42.69
C ASN C 31 -45.27 -10.15 -41.47
N LEU C 32 -44.85 -9.29 -40.53
CA LEU C 32 -45.56 -9.13 -39.25
C LEU C 32 -46.89 -8.40 -39.42
N ASP C 33 -47.99 -9.15 -39.24
CA ASP C 33 -49.34 -8.59 -39.27
C ASP C 33 -49.78 -8.28 -37.84
N PRO C 34 -49.99 -6.99 -37.52
CA PRO C 34 -50.39 -6.59 -36.16
C PRO C 34 -51.74 -7.15 -35.70
N ARG C 35 -52.67 -7.37 -36.63
CA ARG C 35 -54.02 -7.83 -36.31
C ARG C 35 -54.03 -9.15 -35.53
N SER C 36 -53.08 -10.02 -35.84
CA SER C 36 -52.97 -11.33 -35.19
C SER C 36 -52.42 -11.25 -33.77
N LEU C 37 -51.52 -10.30 -33.53
CA LEU C 37 -50.83 -10.18 -32.24
C LEU C 37 -51.71 -9.56 -31.14
N THR C 38 -51.90 -10.30 -30.05
CA THR C 38 -52.55 -9.77 -28.84
C THR C 38 -51.58 -8.79 -28.16
N PRO C 39 -52.09 -7.77 -27.42
CA PRO C 39 -51.24 -6.75 -26.79
C PRO C 39 -50.15 -7.29 -25.87
N ARG C 40 -50.34 -8.49 -25.33
CA ARG C 40 -49.31 -9.18 -24.54
C ARG C 40 -48.17 -9.66 -25.45
N GLN C 41 -48.51 -10.28 -26.58
CA GLN C 41 -47.51 -10.73 -27.57
C GLN C 41 -46.84 -9.57 -28.31
N ALA C 42 -47.57 -8.45 -28.41
CA ALA C 42 -47.04 -7.23 -29.03
C ALA C 42 -45.82 -6.69 -28.29
N LEU C 43 -45.86 -6.74 -26.95
CA LEU C 43 -44.74 -6.32 -26.11
C LEU C 43 -43.54 -7.23 -26.28
N GLU C 44 -43.80 -8.52 -26.47
CA GLU C 44 -42.72 -9.50 -26.64
C GLU C 44 -41.96 -9.28 -27.94
N TRP C 45 -42.64 -8.78 -28.97
CA TRP C 45 -42.02 -8.50 -30.28
C TRP C 45 -41.10 -7.27 -30.26
N ILE C 46 -41.33 -6.35 -29.33
CA ILE C 46 -40.44 -5.20 -29.16
C ILE C 46 -39.10 -5.64 -28.60
N TYR C 47 -39.11 -6.59 -27.67
CA TYR C 47 -37.88 -7.19 -27.15
C TYR C 47 -37.13 -7.97 -28.24
N ARG C 48 -37.87 -8.60 -29.14
CA ARG C 48 -37.29 -9.28 -30.31
C ARG C 48 -36.76 -8.26 -31.32
N LEU C 49 -37.52 -7.21 -31.57
CA LEU C 49 -37.12 -6.12 -32.47
C LEU C 49 -35.94 -5.30 -31.95
N LYS C 50 -35.92 -5.02 -30.65
CA LYS C 50 -34.86 -4.21 -30.03
C LYS C 50 -33.48 -4.90 -30.11
N SER C 51 -33.49 -6.24 -30.03
CA SER C 51 -32.28 -7.03 -30.19
C SER C 51 -31.85 -7.15 -31.65
N LEU C 52 -32.80 -7.53 -32.53
CA LEU C 52 -32.49 -7.84 -33.94
C LEU C 52 -32.09 -6.61 -34.76
N VAL C 53 -32.50 -5.42 -34.32
CA VAL C 53 -32.07 -4.17 -34.97
C VAL C 53 -30.59 -3.85 -34.74
N SER D 23 -34.05 3.77 -45.58
CA SER D 23 -34.83 3.28 -44.40
C SER D 23 -34.58 4.17 -43.17
N PRO D 24 -35.28 5.31 -43.07
CA PRO D 24 -35.13 6.22 -41.93
C PRO D 24 -35.91 5.80 -40.68
N ALA D 25 -36.72 4.74 -40.77
CA ALA D 25 -37.50 4.25 -39.63
C ALA D 25 -36.63 3.66 -38.51
N VAL D 26 -35.42 3.23 -38.86
CA VAL D 26 -34.48 2.64 -37.90
C VAL D 26 -33.99 3.63 -36.81
N GLU D 27 -34.12 4.92 -37.07
CA GLU D 27 -33.75 5.97 -36.10
C GLU D 27 -34.69 6.00 -34.88
N ALA D 28 -35.95 5.62 -35.10
CA ALA D 28 -36.97 5.61 -34.04
C ALA D 28 -36.65 4.58 -32.96
N LEU D 29 -35.95 3.51 -33.37
CA LEU D 29 -35.71 2.36 -32.50
C LEU D 29 -34.62 2.61 -31.45
N GLU D 30 -33.54 3.30 -31.85
CA GLU D 30 -32.45 3.63 -30.92
C GLU D 30 -32.94 4.57 -29.82
N ASN D 31 -33.83 5.49 -30.19
CA ASN D 31 -34.52 6.38 -29.24
C ASN D 31 -35.52 5.59 -28.38
N LEU D 32 -36.16 4.60 -28.99
CA LEU D 32 -37.23 3.84 -28.35
C LEU D 32 -36.71 2.88 -27.27
N ASP D 33 -37.00 3.21 -26.01
CA ASP D 33 -36.65 2.37 -24.86
C ASP D 33 -37.87 1.51 -24.47
N PRO D 34 -37.76 0.16 -24.64
CA PRO D 34 -38.89 -0.73 -24.36
C PRO D 34 -39.38 -0.75 -22.90
N ARG D 35 -38.48 -0.51 -21.96
CA ARG D 35 -38.82 -0.58 -20.51
C ARG D 35 -39.95 0.38 -20.13
N SER D 36 -40.00 1.54 -20.79
CA SER D 36 -41.02 2.57 -20.52
C SER D 36 -42.38 2.22 -21.09
N LEU D 37 -42.41 1.50 -22.21
CA LEU D 37 -43.66 1.19 -22.92
C LEU D 37 -44.44 0.07 -22.23
N THR D 38 -45.68 0.36 -21.85
CA THR D 38 -46.61 -0.66 -21.37
C THR D 38 -47.04 -1.54 -22.55
N PRO D 39 -47.40 -2.82 -22.29
CA PRO D 39 -47.76 -3.75 -23.38
C PRO D 39 -48.90 -3.28 -24.29
N ARG D 40 -49.77 -2.40 -23.79
CA ARG D 40 -50.80 -1.76 -24.60
C ARG D 40 -50.18 -0.76 -25.59
N GLN D 41 -49.26 0.08 -25.11
CA GLN D 41 -48.56 1.05 -25.96
C GLN D 41 -47.57 0.37 -26.91
N ALA D 42 -47.07 -0.79 -26.51
CA ALA D 42 -46.16 -1.59 -27.33
C ALA D 42 -46.81 -2.01 -28.65
N LEU D 43 -48.09 -2.41 -28.58
CA LEU D 43 -48.87 -2.80 -29.76
C LEU D 43 -49.11 -1.60 -30.69
N GLU D 44 -49.30 -0.41 -30.11
CA GLU D 44 -49.52 0.80 -30.89
C GLU D 44 -48.29 1.20 -31.69
N TRP D 45 -47.10 0.90 -31.18
CA TRP D 45 -45.84 1.23 -31.85
C TRP D 45 -45.56 0.32 -33.07
N ILE D 46 -46.13 -0.89 -33.08
CA ILE D 46 -46.01 -1.77 -34.23
C ILE D 46 -46.80 -1.22 -35.42
N TYR D 47 -47.98 -0.66 -35.15
CA TYR D 47 -48.77 0.02 -36.18
C TYR D 47 -48.04 1.26 -36.71
N ARG D 48 -47.33 1.95 -35.83
CA ARG D 48 -46.51 3.10 -36.22
C ARG D 48 -45.29 2.64 -37.02
N LEU D 49 -44.64 1.57 -36.56
CA LEU D 49 -43.48 0.98 -37.24
C LEU D 49 -43.82 0.38 -38.62
N LYS D 50 -44.95 -0.32 -38.69
CA LYS D 50 -45.40 -0.98 -39.93
C LYS D 50 -45.77 0.02 -41.03
N SER D 51 -46.33 1.15 -40.61
CA SER D 51 -46.77 2.22 -41.52
C SER D 51 -45.62 3.06 -42.05
N LEU D 52 -44.75 3.55 -41.14
CA LEU D 52 -43.66 4.45 -41.56
C LEU D 52 -42.63 3.77 -42.45
N VAL D 53 -42.23 2.56 -42.07
CA VAL D 53 -41.16 1.83 -42.77
C VAL D 53 -41.42 1.85 -44.28
#